data_1G2E
# 
_entry.id   1G2E 
# 
_audit_conform.dict_name       mmcif_pdbx.dic 
_audit_conform.dict_version    5.375 
_audit_conform.dict_location   http://mmcif.pdb.org/dictionaries/ascii/mmcif_pdbx.dic 
# 
loop_
_database_2.database_id 
_database_2.database_code 
_database_2.pdbx_database_accession 
_database_2.pdbx_DOI 
PDB   1G2E         pdb_00001g2e 10.2210/pdb1g2e/pdb 
NDB   PR0034       ?            ?                   
RCSB  RCSB012148   ?            ?                   
WWPDB D_1000012148 ?            ?                   
# 
_pdbx_database_related.db_name        PDB 
_pdbx_database_related.db_id          1FXL 
_pdbx_database_related.details        '1FXL contains the same protein fragment.' 
_pdbx_database_related.content_type   unspecified 
# 
_pdbx_database_status.status_code                     REL 
_pdbx_database_status.entry_id                        1G2E 
_pdbx_database_status.recvd_initial_deposition_date   2000-10-18 
_pdbx_database_status.deposit_site                    NDB 
_pdbx_database_status.process_site                    NDB 
_pdbx_database_status.status_code_sf                  REL 
_pdbx_database_status.SG_entry                        . 
_pdbx_database_status.pdb_format_compatible           Y 
_pdbx_database_status.status_code_mr                  ? 
_pdbx_database_status.status_code_cs                  ? 
_pdbx_database_status.status_code_nmr_data            ? 
_pdbx_database_status.methods_development_category    ? 
# 
loop_
_audit_author.name 
_audit_author.pdbx_ordinal 
'Wang, X.'     1 
'Hall, T.M.T.' 2 
# 
_citation.id                        primary 
_citation.title                     'Structural basis for recognition of AU-rich element RNA by the HuD protein.' 
_citation.journal_abbrev            Nat.Struct.Biol. 
_citation.journal_volume            8 
_citation.page_first                141 
_citation.page_last                 145 
_citation.year                      2001 
_citation.journal_id_ASTM           NSBIEW 
_citation.country                   US 
_citation.journal_id_ISSN           1072-8368 
_citation.journal_id_CSD            2024 
_citation.book_publisher            ? 
_citation.pdbx_database_id_PubMed   11175903 
_citation.pdbx_database_id_DOI      10.1038/84131 
# 
loop_
_citation_author.citation_id 
_citation_author.name 
_citation_author.ordinal 
_citation_author.identifier_ORCID 
primary 'Wang, X.'          1 ? 
primary 'Tanaka Hall, T.M.' 2 ? 
# 
_cell.entry_id           1G2E 
_cell.length_a           30.37 
_cell.length_b           100.15 
_cell.length_c           33.27 
_cell.angle_alpha        90.0 
_cell.angle_beta         106.59 
_cell.angle_gamma        90.0 
_cell.Z_PDB              2 
_cell.pdbx_unique_axis   ? 
# 
_symmetry.entry_id                         1G2E 
_symmetry.space_group_name_H-M             'P 1 21 1' 
_symmetry.pdbx_full_space_group_name_H-M   ? 
_symmetry.cell_setting                     ? 
_symmetry.Int_Tables_number                4 
# 
loop_
_entity.id 
_entity.type 
_entity.src_method 
_entity.pdbx_description 
_entity.formula_weight 
_entity.pdbx_number_of_molecules 
_entity.pdbx_ec 
_entity.pdbx_mutation 
_entity.pdbx_fragment 
_entity.details 
1 polymer syn "5'-R(P*UP*AP*UP*UP*UP*AP*UP*UP*UP*A)-3'"      3085.820  1   ? ? 
'FRAGMENT OF AU-RICH ELEMENT OF THE TUMOR NECROSIS FACTOR ALPHA RNA' ? 
2 polymer man 'PARANEOPLASTIC ENCEPHALOMYELITIS ANTIGEN HUD' 18547.186 1   ? ? 'N-TERMINAL TWO RRM-DOMAINS' ? 
3 water   nat water                                          18.015    154 ? ? ? ? 
# 
loop_
_entity_poly.entity_id 
_entity_poly.type 
_entity_poly.nstd_linkage 
_entity_poly.nstd_monomer 
_entity_poly.pdbx_seq_one_letter_code 
_entity_poly.pdbx_seq_one_letter_code_can 
_entity_poly.pdbx_strand_id 
_entity_poly.pdbx_target_identifier 
1 polyribonucleotide no no UAUUUAUUUA UAUUUAUUUA B ? 
2 'polypeptide(L)'   no no 
;SKTNLIVNYLPQNMTQEEFRSLFGSIGEIESCKLVRDKITGQSLGYGFVNYIDPKDAEKAINTLNGLRLQTKTIKVSYAR
PSSASIRDANLYVSGLPKTMTQKELEQLFSQYGRIITSRILVDQVTGVSRGVGFIRFDKRIEAEEAIKGLNGQKPSGATE
PITVKFA
;
;SKTNLIVNYLPQNMTQEEFRSLFGSIGEIESCKLVRDKITGQSLGYGFVNYIDPKDAEKAINTLNGLRLQTKTIKVSYAR
PSSASIRDANLYVSGLPKTMTQKELEQLFSQYGRIITSRILVDQVTGVSRGVGFIRFDKRIEAEEAIKGLNGQKPSGATE
PITVKFA
;
A ? 
# 
loop_
_entity_poly_seq.entity_id 
_entity_poly_seq.num 
_entity_poly_seq.mon_id 
_entity_poly_seq.hetero 
1 1   U   n 
1 2   A   n 
1 3   U   n 
1 4   U   n 
1 5   U   n 
1 6   A   n 
1 7   U   n 
1 8   U   n 
1 9   U   n 
1 10  A   n 
2 1   SER n 
2 2   LYS n 
2 3   THR n 
2 4   ASN n 
2 5   LEU n 
2 6   ILE n 
2 7   VAL n 
2 8   ASN n 
2 9   TYR n 
2 10  LEU n 
2 11  PRO n 
2 12  GLN n 
2 13  ASN n 
2 14  MET n 
2 15  THR n 
2 16  GLN n 
2 17  GLU n 
2 18  GLU n 
2 19  PHE n 
2 20  ARG n 
2 21  SER n 
2 22  LEU n 
2 23  PHE n 
2 24  GLY n 
2 25  SER n 
2 26  ILE n 
2 27  GLY n 
2 28  GLU n 
2 29  ILE n 
2 30  GLU n 
2 31  SER n 
2 32  CYS n 
2 33  LYS n 
2 34  LEU n 
2 35  VAL n 
2 36  ARG n 
2 37  ASP n 
2 38  LYS n 
2 39  ILE n 
2 40  THR n 
2 41  GLY n 
2 42  GLN n 
2 43  SER n 
2 44  LEU n 
2 45  GLY n 
2 46  TYR n 
2 47  GLY n 
2 48  PHE n 
2 49  VAL n 
2 50  ASN n 
2 51  TYR n 
2 52  ILE n 
2 53  ASP n 
2 54  PRO n 
2 55  LYS n 
2 56  ASP n 
2 57  ALA n 
2 58  GLU n 
2 59  LYS n 
2 60  ALA n 
2 61  ILE n 
2 62  ASN n 
2 63  THR n 
2 64  LEU n 
2 65  ASN n 
2 66  GLY n 
2 67  LEU n 
2 68  ARG n 
2 69  LEU n 
2 70  GLN n 
2 71  THR n 
2 72  LYS n 
2 73  THR n 
2 74  ILE n 
2 75  LYS n 
2 76  VAL n 
2 77  SER n 
2 78  TYR n 
2 79  ALA n 
2 80  ARG n 
2 81  PRO n 
2 82  SER n 
2 83  SER n 
2 84  ALA n 
2 85  SER n 
2 86  ILE n 
2 87  ARG n 
2 88  ASP n 
2 89  ALA n 
2 90  ASN n 
2 91  LEU n 
2 92  TYR n 
2 93  VAL n 
2 94  SER n 
2 95  GLY n 
2 96  LEU n 
2 97  PRO n 
2 98  LYS n 
2 99  THR n 
2 100 MET n 
2 101 THR n 
2 102 GLN n 
2 103 LYS n 
2 104 GLU n 
2 105 LEU n 
2 106 GLU n 
2 107 GLN n 
2 108 LEU n 
2 109 PHE n 
2 110 SER n 
2 111 GLN n 
2 112 TYR n 
2 113 GLY n 
2 114 ARG n 
2 115 ILE n 
2 116 ILE n 
2 117 THR n 
2 118 SER n 
2 119 ARG n 
2 120 ILE n 
2 121 LEU n 
2 122 VAL n 
2 123 ASP n 
2 124 GLN n 
2 125 VAL n 
2 126 THR n 
2 127 GLY n 
2 128 VAL n 
2 129 SER n 
2 130 ARG n 
2 131 GLY n 
2 132 VAL n 
2 133 GLY n 
2 134 PHE n 
2 135 ILE n 
2 136 ARG n 
2 137 PHE n 
2 138 ASP n 
2 139 LYS n 
2 140 ARG n 
2 141 ILE n 
2 142 GLU n 
2 143 ALA n 
2 144 GLU n 
2 145 GLU n 
2 146 ALA n 
2 147 ILE n 
2 148 LYS n 
2 149 GLY n 
2 150 LEU n 
2 151 ASN n 
2 152 GLY n 
2 153 GLN n 
2 154 LYS n 
2 155 PRO n 
2 156 SER n 
2 157 GLY n 
2 158 ALA n 
2 159 THR n 
2 160 GLU n 
2 161 PRO n 
2 162 ILE n 
2 163 THR n 
2 164 VAL n 
2 165 LYS n 
2 166 PHE n 
2 167 ALA n 
# 
_entity_src_gen.entity_id                          2 
_entity_src_gen.pdbx_src_id                        1 
_entity_src_gen.pdbx_alt_source_flag               sample 
_entity_src_gen.pdbx_seq_type                      ? 
_entity_src_gen.pdbx_beg_seq_num                   ? 
_entity_src_gen.pdbx_end_seq_num                   ? 
_entity_src_gen.gene_src_common_name               human 
_entity_src_gen.gene_src_genus                     Homo 
_entity_src_gen.pdbx_gene_src_gene                 ? 
_entity_src_gen.gene_src_species                   ? 
_entity_src_gen.gene_src_strain                    ? 
_entity_src_gen.gene_src_tissue                    ? 
_entity_src_gen.gene_src_tissue_fraction           ? 
_entity_src_gen.gene_src_details                   ? 
_entity_src_gen.pdbx_gene_src_fragment             ? 
_entity_src_gen.pdbx_gene_src_scientific_name      'Homo sapiens' 
_entity_src_gen.pdbx_gene_src_ncbi_taxonomy_id     9606 
_entity_src_gen.pdbx_gene_src_variant              ? 
_entity_src_gen.pdbx_gene_src_cell_line            ? 
_entity_src_gen.pdbx_gene_src_atcc                 ? 
_entity_src_gen.pdbx_gene_src_organ                BRAIN 
_entity_src_gen.pdbx_gene_src_organelle            ? 
_entity_src_gen.pdbx_gene_src_cell                 ? 
_entity_src_gen.pdbx_gene_src_cellular_location    ? 
_entity_src_gen.host_org_common_name               ? 
_entity_src_gen.pdbx_host_org_scientific_name      'Escherichia coli BL21' 
_entity_src_gen.pdbx_host_org_ncbi_taxonomy_id     511693 
_entity_src_gen.host_org_genus                     Escherichia 
_entity_src_gen.pdbx_host_org_gene                 ? 
_entity_src_gen.pdbx_host_org_organ                ? 
_entity_src_gen.host_org_species                   'Escherichia coli' 
_entity_src_gen.pdbx_host_org_tissue               ? 
_entity_src_gen.pdbx_host_org_tissue_fraction      ? 
_entity_src_gen.pdbx_host_org_strain               BL21 
_entity_src_gen.pdbx_host_org_variant              ? 
_entity_src_gen.pdbx_host_org_cell_line            ? 
_entity_src_gen.pdbx_host_org_atcc                 ? 
_entity_src_gen.pdbx_host_org_culture_collection   ? 
_entity_src_gen.pdbx_host_org_cell                 ? 
_entity_src_gen.pdbx_host_org_organelle            ? 
_entity_src_gen.pdbx_host_org_cellular_location    ? 
_entity_src_gen.pdbx_host_org_vector_type          PLASMID 
_entity_src_gen.pdbx_host_org_vector               ? 
_entity_src_gen.host_org_details                   ? 
_entity_src_gen.expression_system_id               ? 
_entity_src_gen.plasmid_name                       PPROEXHTC 
_entity_src_gen.plasmid_details                    ? 
_entity_src_gen.pdbx_description                   ? 
# 
loop_
_struct_ref.id 
_struct_ref.db_name 
_struct_ref.db_code 
_struct_ref.pdbx_db_accession 
_struct_ref.entity_id 
_struct_ref.pdbx_align_begin 
_struct_ref.pdbx_db_isoform 
_struct_ref.pdbx_seq_one_letter_code 
1 UNP ELAV4_HUMAN P26378 2 44 ? ? 
2 PDB 1G2E        1G2E   1 ?  ? ? 
# 
loop_
_struct_ref_seq.align_id 
_struct_ref_seq.ref_id 
_struct_ref_seq.pdbx_PDB_id_code 
_struct_ref_seq.pdbx_strand_id 
_struct_ref_seq.seq_align_beg 
_struct_ref_seq.pdbx_seq_align_beg_ins_code 
_struct_ref_seq.seq_align_end 
_struct_ref_seq.pdbx_seq_align_end_ins_code 
_struct_ref_seq.pdbx_db_accession 
_struct_ref_seq.db_align_beg 
_struct_ref_seq.pdbx_db_align_beg_ins_code 
_struct_ref_seq.db_align_end 
_struct_ref_seq.pdbx_db_align_end_ins_code 
_struct_ref_seq.pdbx_auth_seq_align_beg 
_struct_ref_seq.pdbx_auth_seq_align_end 
1 1 1G2E A 1 ? 167 ? P26378 44 ? 210 ? 37 203 
2 2 1G2E B 1 ? 10  ? 1G2E   2  ? 11  ? 2  11  
# 
loop_
_chem_comp.id 
_chem_comp.type 
_chem_comp.mon_nstd_flag 
_chem_comp.name 
_chem_comp.pdbx_synonyms 
_chem_comp.formula 
_chem_comp.formula_weight 
A   'RNA linking'       y "ADENOSINE-5'-MONOPHOSPHATE" ? 'C10 H14 N5 O7 P' 347.221 
ALA 'L-peptide linking' y ALANINE                      ? 'C3 H7 N O2'      89.093  
ARG 'L-peptide linking' y ARGININE                     ? 'C6 H15 N4 O2 1'  175.209 
ASN 'L-peptide linking' y ASPARAGINE                   ? 'C4 H8 N2 O3'     132.118 
ASP 'L-peptide linking' y 'ASPARTIC ACID'              ? 'C4 H7 N O4'      133.103 
CYS 'L-peptide linking' y CYSTEINE                     ? 'C3 H7 N O2 S'    121.158 
GLN 'L-peptide linking' y GLUTAMINE                    ? 'C5 H10 N2 O3'    146.144 
GLU 'L-peptide linking' y 'GLUTAMIC ACID'              ? 'C5 H9 N O4'      147.129 
GLY 'peptide linking'   y GLYCINE                      ? 'C2 H5 N O2'      75.067  
HOH non-polymer         . WATER                        ? 'H2 O'            18.015  
ILE 'L-peptide linking' y ISOLEUCINE                   ? 'C6 H13 N O2'     131.173 
LEU 'L-peptide linking' y LEUCINE                      ? 'C6 H13 N O2'     131.173 
LYS 'L-peptide linking' y LYSINE                       ? 'C6 H15 N2 O2 1'  147.195 
MET 'L-peptide linking' y METHIONINE                   ? 'C5 H11 N O2 S'   149.211 
PHE 'L-peptide linking' y PHENYLALANINE                ? 'C9 H11 N O2'     165.189 
PRO 'L-peptide linking' y PROLINE                      ? 'C5 H9 N O2'      115.130 
SER 'L-peptide linking' y SERINE                       ? 'C3 H7 N O3'      105.093 
THR 'L-peptide linking' y THREONINE                    ? 'C4 H9 N O3'      119.119 
TYR 'L-peptide linking' y TYROSINE                     ? 'C9 H11 N O3'     181.189 
U   'RNA linking'       y "URIDINE-5'-MONOPHOSPHATE"   ? 'C9 H13 N2 O9 P'  324.181 
VAL 'L-peptide linking' y VALINE                       ? 'C5 H11 N O2'     117.146 
# 
_exptl.entry_id          1G2E 
_exptl.method            'X-RAY DIFFRACTION' 
_exptl.crystals_number   1 
# 
_exptl_crystal.id                    1 
_exptl_crystal.density_meas          ? 
_exptl_crystal.density_Matthews      2.24 
_exptl_crystal.density_percent_sol   45.11 
_exptl_crystal.description           ? 
# 
_exptl_crystal_grow.crystal_id      1 
_exptl_crystal_grow.method          'VAPOR DIFFUSION, HANGING DROP' 
_exptl_crystal_grow.temp            293.0 
_exptl_crystal_grow.temp_details    ? 
_exptl_crystal_grow.pH              8.5 
_exptl_crystal_grow.pdbx_details    
'PEG 3350, Ammonium sulfate, Calcium chloride, Tris, pH 8.5, VAPOR DIFFUSION, HANGING DROP, temperature 293.0K' 
_exptl_crystal_grow.pdbx_pH_range   ? 
# 
loop_
_exptl_crystal_grow_comp.crystal_id 
_exptl_crystal_grow_comp.id 
_exptl_crystal_grow_comp.sol_id 
_exptl_crystal_grow_comp.name 
_exptl_crystal_grow_comp.volume 
_exptl_crystal_grow_comp.conc 
_exptl_crystal_grow_comp.details 
1 1 1 'PEG 3350'  ? ? ? 
1 2 1 '(NH4)2SO4' ? ? ? 
1 3 1 CaCl2       ? ? ? 
1 4 1 Tris        ? ? ? 
# 
_diffrn.id                     1 
_diffrn.ambient_temp           93 
_diffrn.ambient_temp_details   ? 
_diffrn.crystal_id             1 
# 
_diffrn_detector.diffrn_id              1 
_diffrn_detector.detector               'IMAGE PLATE' 
_diffrn_detector.type                   'RIGAKU RAXIS IV' 
_diffrn_detector.pdbx_collection_date   2000-04-05 
_diffrn_detector.details                ? 
# 
_diffrn_radiation.diffrn_id                        1 
_diffrn_radiation.wavelength_id                    1 
_diffrn_radiation.pdbx_monochromatic_or_laue_m_l   M 
_diffrn_radiation.monochromator                    ? 
_diffrn_radiation.pdbx_diffrn_protocol             'SINGLE WAVELENGTH' 
_diffrn_radiation.pdbx_scattering_type             x-ray 
# 
_diffrn_radiation_wavelength.id           1 
_diffrn_radiation_wavelength.wavelength   1.5418 
_diffrn_radiation_wavelength.wt           1.0 
# 
_diffrn_source.diffrn_id                   1 
_diffrn_source.source                      'ROTATING ANODE' 
_diffrn_source.type                        'RIGAKU RUH3R' 
_diffrn_source.pdbx_synchrotron_site       ? 
_diffrn_source.pdbx_synchrotron_beamline   ? 
_diffrn_source.pdbx_wavelength             ? 
_diffrn_source.pdbx_wavelength_list        1.5418 
# 
_reflns.entry_id                     1G2E 
_reflns.observed_criterion_sigma_I   -3.0 
_reflns.observed_criterion_sigma_F   ? 
_reflns.d_resolution_low             30.38 
_reflns.d_resolution_high            2.3 
_reflns.number_obs                   8327 
_reflns.number_all                   8327 
_reflns.percent_possible_obs         97.7 
_reflns.pdbx_Rmerge_I_obs            ? 
_reflns.pdbx_Rsym_value              0.1060000 
_reflns.pdbx_netI_over_sigmaI        8.6 
_reflns.B_iso_Wilson_estimate        31.4 
_reflns.pdbx_redundancy              3.0 
_reflns.R_free_details               ? 
_reflns.pdbx_diffrn_id               1 
_reflns.pdbx_ordinal                 1 
# 
_reflns_shell.d_res_high             2.3 
_reflns_shell.d_res_low              2.38 
_reflns_shell.percent_possible_all   83.8 
_reflns_shell.Rmerge_I_obs           ? 
_reflns_shell.pdbx_Rsym_value        0.2990000 
_reflns_shell.meanI_over_sigI_obs    2.1 
_reflns_shell.pdbx_redundancy        2.2 
_reflns_shell.percent_possible_obs   ? 
_reflns_shell.number_unique_all      725 
_reflns_shell.pdbx_diffrn_id         ? 
_reflns_shell.pdbx_ordinal           1 
# 
_refine.entry_id                                 1G2E 
_refine.ls_number_reflns_obs                     8121 
_refine.ls_number_reflns_all                     8327 
_refine.pdbx_ls_sigma_I                          0.0 
_refine.pdbx_ls_sigma_F                          0.0 
_refine.pdbx_data_cutoff_high_absF               ? 
_refine.pdbx_data_cutoff_low_absF                ? 
_refine.ls_d_res_low                             30.38 
_refine.ls_d_res_high                            2.3 
_refine.ls_percent_reflns_obs                    95.5 
_refine.ls_R_factor_obs                          0.1740000 
_refine.ls_R_factor_all                          ? 
_refine.ls_R_factor_R_work                       0.1740000 
_refine.ls_R_factor_R_free                       0.2380000 
_refine.ls_R_factor_R_free_error                 ? 
_refine.ls_R_factor_R_free_error_details         ? 
_refine.ls_percent_reflns_R_free                 ? 
_refine.ls_number_reflns_R_free                  516 
_refine.ls_number_parameters                     ? 
_refine.ls_number_restraints                     ? 
_refine.occupancy_min                            ? 
_refine.occupancy_max                            ? 
_refine.B_iso_mean                               25.7 
_refine.aniso_B[1][1]                            ? 
_refine.aniso_B[2][2]                            ? 
_refine.aniso_B[3][3]                            ? 
_refine.aniso_B[1][2]                            ? 
_refine.aniso_B[1][3]                            ? 
_refine.aniso_B[2][3]                            ? 
_refine.solvent_model_details                    ? 
_refine.solvent_model_param_ksol                 ? 
_refine.solvent_model_param_bsol                 ? 
_refine.pdbx_ls_cross_valid_method               THROUGHOUT 
_refine.details                                  
;A final round of refinement was performed by using all data including reflections set aside for cross-validation in a "free" R-factor set. For last nucleotide A11, only the 5' phosphate group and ribose group are observed.
;
_refine.pdbx_starting_model                      'PDB ENTRY 1FXL' 
_refine.pdbx_method_to_determine_struct          'MOLECULAR REPLACEMENT' 
_refine.pdbx_isotropic_thermal_model             'Isotropic RESTRAINED' 
_refine.pdbx_stereochemistry_target_values       'Engh & Huber' 
_refine.pdbx_stereochem_target_val_spec_case     ? 
_refine.pdbx_R_Free_selection_details            RANDOM 
_refine.pdbx_overall_ESU_R_Free                  ? 
_refine.overall_SU_B                             ? 
_refine.ls_redundancy_reflns_obs                 ? 
_refine.overall_SU_ML                            ? 
_refine.pdbx_overall_ESU_R                       ? 
_refine.pdbx_data_cutoff_high_rms_absF           ? 
_refine.correlation_coeff_Fo_to_Fc               ? 
_refine.correlation_coeff_Fo_to_Fc_free          ? 
_refine.overall_SU_R_Cruickshank_DPI             ? 
_refine.overall_SU_R_free                        ? 
_refine.pdbx_refine_id                           'X-RAY DIFFRACTION' 
_refine.pdbx_diffrn_id                           1 
_refine.pdbx_TLS_residual_ADP_flag               ? 
_refine.pdbx_solvent_vdw_probe_radii             ? 
_refine.pdbx_solvent_ion_probe_radii             ? 
_refine.pdbx_solvent_shrinkage_radii             ? 
_refine.pdbx_overall_phase_error                 ? 
_refine.pdbx_overall_SU_R_free_Cruickshank_DPI   ? 
_refine.pdbx_overall_SU_R_Blow_DPI               ? 
_refine.pdbx_overall_SU_R_free_Blow_DPI          ? 
# 
_refine_analyze.entry_id                        1G2E 
_refine_analyze.Luzzati_coordinate_error_obs    0.23 
_refine_analyze.Luzzati_sigma_a_obs             0.27 
_refine_analyze.Luzzati_d_res_low_obs           5.00 
_refine_analyze.Luzzati_coordinate_error_free   ? 
_refine_analyze.Luzzati_sigma_a_free            ? 
_refine_analyze.Luzzati_d_res_low_free          ? 
_refine_analyze.number_disordered_residues      ? 
_refine_analyze.occupancy_sum_hydrogen          ? 
_refine_analyze.occupancy_sum_non_hydrogen      ? 
_refine_analyze.pdbx_refine_id                  'X-RAY DIFFRACTION' 
# 
_refine_hist.pdbx_refine_id                   'X-RAY DIFFRACTION' 
_refine_hist.cycle_id                         LAST 
_refine_hist.pdbx_number_atoms_protein        1304 
_refine_hist.pdbx_number_atoms_nucleic_acid   197 
_refine_hist.pdbx_number_atoms_ligand         0 
_refine_hist.number_atoms_solvent             154 
_refine_hist.number_atoms_total               1655 
_refine_hist.d_res_high                       2.3 
_refine_hist.d_res_low                        30.38 
# 
loop_
_refine_ls_restr.type 
_refine_ls_restr.dev_ideal 
_refine_ls_restr.dev_ideal_target 
_refine_ls_restr.weight 
_refine_ls_restr.number 
_refine_ls_restr.pdbx_refine_id 
_refine_ls_restr.pdbx_restraint_function 
c_bond_d           0.007 ? ? ? 'X-RAY DIFFRACTION' ? 
c_angle_deg        1.28  ? ? ? 'X-RAY DIFFRACTION' ? 
c_dihedral_angle_d ?     ? ? ? 'X-RAY DIFFRACTION' ? 
# 
_struct.entry_id                  1G2E 
_struct.title                     'CRYSTAL STRUCTURE OF HUD AND AU-RICH ELEMENT OF THE TUMOR NECROSIS FACTOR ALPHA RNA' 
_struct.pdbx_model_details        ? 
_struct.pdbx_CASP_flag            ? 
_struct.pdbx_model_type_details   ? 
# 
_struct_keywords.entry_id        1G2E 
_struct_keywords.pdbx_keywords   TRANSCRIPTION/RNA 
_struct_keywords.text            'PROTEIN-RNA COMPLEX, HuD, AU-Rich Element, TUMOR NECROSIS FACTOR, TRANSCRIPTION-RNA COMPLEX' 
# 
loop_
_struct_asym.id 
_struct_asym.pdbx_blank_PDB_chainid_flag 
_struct_asym.pdbx_modified 
_struct_asym.entity_id 
_struct_asym.details 
A N N 1 ? 
B N N 2 ? 
C N N 3 ? 
D N N 3 ? 
# 
_struct_biol.id                    1 
_struct_biol.pdbx_parent_biol_id   ? 
_struct_biol.details               ? 
# 
loop_
_struct_conf.conf_type_id 
_struct_conf.id 
_struct_conf.pdbx_PDB_helix_id 
_struct_conf.beg_label_comp_id 
_struct_conf.beg_label_asym_id 
_struct_conf.beg_label_seq_id 
_struct_conf.pdbx_beg_PDB_ins_code 
_struct_conf.end_label_comp_id 
_struct_conf.end_label_asym_id 
_struct_conf.end_label_seq_id 
_struct_conf.pdbx_end_PDB_ins_code 
_struct_conf.beg_auth_comp_id 
_struct_conf.beg_auth_asym_id 
_struct_conf.beg_auth_seq_id 
_struct_conf.end_auth_comp_id 
_struct_conf.end_auth_asym_id 
_struct_conf.end_auth_seq_id 
_struct_conf.pdbx_PDB_helix_class 
_struct_conf.details 
_struct_conf.pdbx_PDB_helix_length 
HELX_P HELX_P1 1 THR B 15  ? SER B 25  ? THR A 51  SER A 61  1 ? 11 
HELX_P HELX_P2 2 ASP B 53  ? ASN B 65  ? ASP A 89  ASN A 101 1 ? 13 
HELX_P HELX_P3 3 SER B 83  ? ARG B 87  ? SER A 119 ARG A 123 5 ? 5  
HELX_P HELX_P4 4 THR B 101 ? SER B 110 ? THR A 137 SER A 146 1 ? 10 
HELX_P HELX_P5 5 GLN B 111 ? GLY B 113 ? GLN A 147 GLY A 149 5 ? 3  
HELX_P HELX_P6 6 LYS B 139 ? ASN B 151 ? LYS A 175 ASN A 187 1 ? 13 
# 
_struct_conf_type.id          HELX_P 
_struct_conf_type.criteria    ? 
_struct_conf_type.reference   ? 
# 
loop_
_struct_sheet.id 
_struct_sheet.type 
_struct_sheet.number_strands 
_struct_sheet.details 
A ? 4 ? 
B ? 2 ? 
C ? 4 ? 
# 
loop_
_struct_sheet_order.sheet_id 
_struct_sheet_order.range_id_1 
_struct_sheet_order.range_id_2 
_struct_sheet_order.offset 
_struct_sheet_order.sense 
A 1 2 ? anti-parallel 
A 2 3 ? anti-parallel 
A 3 4 ? anti-parallel 
B 1 2 ? anti-parallel 
C 1 2 ? anti-parallel 
C 2 3 ? anti-parallel 
C 3 4 ? anti-parallel 
# 
loop_
_struct_sheet_range.sheet_id 
_struct_sheet_range.id 
_struct_sheet_range.beg_label_comp_id 
_struct_sheet_range.beg_label_asym_id 
_struct_sheet_range.beg_label_seq_id 
_struct_sheet_range.pdbx_beg_PDB_ins_code 
_struct_sheet_range.end_label_comp_id 
_struct_sheet_range.end_label_asym_id 
_struct_sheet_range.end_label_seq_id 
_struct_sheet_range.pdbx_end_PDB_ins_code 
_struct_sheet_range.beg_auth_comp_id 
_struct_sheet_range.beg_auth_asym_id 
_struct_sheet_range.beg_auth_seq_id 
_struct_sheet_range.end_auth_comp_id 
_struct_sheet_range.end_auth_asym_id 
_struct_sheet_range.end_auth_seq_id 
A 1 ILE B 29  ? ARG B 36  ? ILE A 65  ARG A 72  
A 2 SER B 43  ? TYR B 51  ? SER A 79  TYR A 87  
A 3 ASN B 4   ? ASN B 8   ? ASN A 40  ASN A 44  
A 4 LYS B 75  ? TYR B 78  ? LYS A 111 TYR A 114 
B 1 ARG B 68  ? LEU B 69  ? ARG A 104 LEU A 105 
B 2 LYS B 72  ? THR B 73  ? LYS A 108 THR A 109 
C 1 ILE B 115 ? VAL B 122 ? ILE A 151 VAL A 158 
C 2 SER B 129 ? PHE B 137 ? SER A 165 PHE A 173 
C 3 ASN B 90  ? SER B 94  ? ASN A 126 SER A 130 
C 4 THR B 163 ? PHE B 166 ? THR A 199 PHE A 202 
# 
loop_
_pdbx_struct_sheet_hbond.sheet_id 
_pdbx_struct_sheet_hbond.range_id_1 
_pdbx_struct_sheet_hbond.range_id_2 
_pdbx_struct_sheet_hbond.range_1_label_atom_id 
_pdbx_struct_sheet_hbond.range_1_label_comp_id 
_pdbx_struct_sheet_hbond.range_1_label_asym_id 
_pdbx_struct_sheet_hbond.range_1_label_seq_id 
_pdbx_struct_sheet_hbond.range_1_PDB_ins_code 
_pdbx_struct_sheet_hbond.range_1_auth_atom_id 
_pdbx_struct_sheet_hbond.range_1_auth_comp_id 
_pdbx_struct_sheet_hbond.range_1_auth_asym_id 
_pdbx_struct_sheet_hbond.range_1_auth_seq_id 
_pdbx_struct_sheet_hbond.range_2_label_atom_id 
_pdbx_struct_sheet_hbond.range_2_label_comp_id 
_pdbx_struct_sheet_hbond.range_2_label_asym_id 
_pdbx_struct_sheet_hbond.range_2_label_seq_id 
_pdbx_struct_sheet_hbond.range_2_PDB_ins_code 
_pdbx_struct_sheet_hbond.range_2_auth_atom_id 
_pdbx_struct_sheet_hbond.range_2_auth_comp_id 
_pdbx_struct_sheet_hbond.range_2_auth_asym_id 
_pdbx_struct_sheet_hbond.range_2_auth_seq_id 
A 1 2 O VAL B 35  ? O VAL A 71  N LEU B 44  ? N LEU A 80  
A 2 3 O VAL B 49  ? O VAL A 85  N LEU B 5   ? N LEU A 41  
A 3 4 N ASN B 8   ? N ASN A 44  O LYS B 75  ? O LYS A 111 
B 1 2 O LEU B 69  ? O LEU A 105 N LYS B 72  ? N LYS A 108 
C 1 2 O LEU B 121 ? O LEU A 157 N ARG B 130 ? N ARG A 166 
C 2 3 O ILE B 135 ? O ILE A 171 N LEU B 91  ? N LEU A 127 
C 3 4 O SER B 94  ? O SER A 130 N THR B 163 ? N THR A 199 
# 
_atom_sites.entry_id                    1G2E 
_atom_sites.fract_transf_matrix[1][1]   -0.02040634 
_atom_sites.fract_transf_matrix[1][2]   -0.01885344 
_atom_sites.fract_transf_matrix[1][3]   -0.02021268 
_atom_sites.fract_transf_matrix[2][1]   0.00401951 
_atom_sites.fract_transf_matrix[2][2]   0.00429777 
_atom_sites.fract_transf_matrix[2][3]   -0.00806678 
_atom_sites.fract_transf_matrix[3][1]   0.01561760 
_atom_sites.fract_transf_matrix[3][2]   -0.02645520 
_atom_sites.fract_transf_matrix[3][3]   -0.00631274 
_atom_sites.fract_transf_vector[1]      0.096683 
_atom_sites.fract_transf_vector[2]      0.101910 
_atom_sites.fract_transf_vector[3]      -0.164041 
# 
loop_
_atom_type.symbol 
C 
N 
O 
P 
S 
# 
loop_
_atom_site.group_PDB 
_atom_site.id 
_atom_site.type_symbol 
_atom_site.label_atom_id 
_atom_site.label_alt_id 
_atom_site.label_comp_id 
_atom_site.label_asym_id 
_atom_site.label_entity_id 
_atom_site.label_seq_id 
_atom_site.pdbx_PDB_ins_code 
_atom_site.Cartn_x 
_atom_site.Cartn_y 
_atom_site.Cartn_z 
_atom_site.occupancy 
_atom_site.B_iso_or_equiv 
_atom_site.pdbx_formal_charge 
_atom_site.auth_seq_id 
_atom_site.auth_comp_id 
_atom_site.auth_asym_id 
_atom_site.auth_atom_id 
_atom_site.pdbx_PDB_model_num 
ATOM   1    O OP3   . U   A 1 1   ? -4.410  10.237  -17.981 1.00 84.95 ? 2   U   B OP3   1 
ATOM   2    P P     . U   A 1 1   ? -3.206  10.880  -18.669 1.00 84.89 ? 2   U   B P     1 
ATOM   3    O OP1   . U   A 1 1   ? -2.551  11.971  -17.828 1.00 83.72 ? 2   U   B OP1   1 
ATOM   4    O OP2   . U   A 1 1   ? -3.496  11.308  -20.106 1.00 84.53 ? 2   U   B OP2   1 
ATOM   5    O "O5'" . U   A 1 1   ? -2.066  9.721   -18.775 1.00 81.67 ? 2   U   B "O5'" 1 
ATOM   6    C "C5'" . U   A 1 1   ? -2.176  8.641   -19.719 1.00 75.53 ? 2   U   B "C5'" 1 
ATOM   7    C "C4'" . U   A 1 1   ? -0.964  7.753   -19.609 1.00 71.70 ? 2   U   B "C4'" 1 
ATOM   8    O "O4'" . U   A 1 1   ? 0.218   8.584   -19.761 1.00 70.46 ? 2   U   B "O4'" 1 
ATOM   9    C "C3'" . U   A 1 1   ? -0.826  7.044   -18.261 1.00 70.04 ? 2   U   B "C3'" 1 
ATOM   10   O "O3'" . U   A 1 1   ? -0.501  5.670   -18.428 1.00 67.56 ? 2   U   B "O3'" 1 
ATOM   11   C "C2'" . U   A 1 1   ? 0.312   7.787   -17.566 1.00 69.45 ? 2   U   B "C2'" 1 
ATOM   12   O "O2'" . U   A 1 1   ? 1.077   6.939   -16.734 1.00 69.53 ? 2   U   B "O2'" 1 
ATOM   13   C "C1'" . U   A 1 1   ? 1.148   8.275   -18.749 1.00 69.22 ? 2   U   B "C1'" 1 
ATOM   14   N N1    . U   A 1 1   ? 1.897   9.499   -18.423 1.00 68.79 ? 2   U   B N1    1 
ATOM   15   C C2    . U   A 1 1   ? 3.282   9.437   -18.450 1.00 68.81 ? 2   U   B C2    1 
ATOM   16   O O2    . U   A 1 1   ? 3.895   8.431   -18.780 1.00 68.09 ? 2   U   B O2    1 
ATOM   17   N N3    . U   A 1 1   ? 3.920   10.600  -18.081 1.00 68.63 ? 2   U   B N3    1 
ATOM   18   C C4    . U   A 1 1   ? 3.325   11.792  -17.701 1.00 69.56 ? 2   U   B C4    1 
ATOM   19   O O4    . U   A 1 1   ? 4.030   12.728  -17.315 1.00 70.86 ? 2   U   B O4    1 
ATOM   20   C C5    . U   A 1 1   ? 1.893   11.780  -17.726 1.00 68.86 ? 2   U   B C5    1 
ATOM   21   C C6    . U   A 1 1   ? 1.246   10.663  -18.077 1.00 68.74 ? 2   U   B C6    1 
ATOM   22   P P     . A   A 1 2   ? -1.587  4.547   -18.052 1.00 65.57 ? 3   A   B P     1 
ATOM   23   O OP1   . A   A 1 2   ? -0.959  3.217   -18.266 1.00 66.28 ? 3   A   B OP1   1 
ATOM   24   O OP2   . A   A 1 2   ? -2.832  4.901   -18.789 1.00 68.59 ? 3   A   B OP2   1 
ATOM   25   O "O5'" . A   A 1 2   ? -1.872  4.746   -16.495 1.00 62.28 ? 3   A   B "O5'" 1 
ATOM   26   C "C5'" . A   A 1 2   ? -1.014  4.170   -15.516 1.00 58.04 ? 3   A   B "C5'" 1 
ATOM   27   C "C4'" . A   A 1 2   ? -1.804  3.748   -14.295 1.00 55.17 ? 3   A   B "C4'" 1 
ATOM   28   O "O4'" . A   A 1 2   ? -2.384  4.919   -13.651 1.00 58.57 ? 3   A   B "O4'" 1 
ATOM   29   C "C3'" . A   A 1 2   ? -2.973  2.773   -14.498 1.00 52.11 ? 3   A   B "C3'" 1 
ATOM   30   O "O3'" . A   A 1 2   ? -3.010  1.923   -13.349 1.00 43.43 ? 3   A   B "O3'" 1 
ATOM   31   C "C2'" . A   A 1 2   ? -4.178  3.713   -14.437 1.00 54.95 ? 3   A   B "C2'" 1 
ATOM   32   O "O2'" . A   A 1 2   ? -5.379  3.047   -14.105 1.00 56.22 ? 3   A   B "O2'" 1 
ATOM   33   C "C1'" . A   A 1 2   ? -3.718  4.615   -13.297 1.00 57.95 ? 3   A   B "C1'" 1 
ATOM   34   N N9    . A   A 1 2   ? -4.439  5.853   -12.975 1.00 58.72 ? 3   A   B N9    1 
ATOM   35   C C8    . A   A 1 2   ? -5.211  6.057   -11.851 1.00 58.39 ? 3   A   B C8    1 
ATOM   36   N N7    . A   A 1 2   ? -5.724  7.262   -11.768 1.00 57.23 ? 3   A   B N7    1 
ATOM   37   C C5    . A   A 1 2   ? -5.273  7.896   -12.919 1.00 58.13 ? 3   A   B C5    1 
ATOM   38   C C6    . A   A 1 2   ? -5.475  9.195   -13.419 1.00 56.51 ? 3   A   B C6    1 
ATOM   39   N N6    . A   A 1 2   ? -6.231  10.109  -12.808 1.00 56.99 ? 3   A   B N6    1 
ATOM   40   N N1    . A   A 1 2   ? -4.877  9.522   -14.585 1.00 57.00 ? 3   A   B N1    1 
ATOM   41   C C2    . A   A 1 2   ? -4.136  8.589   -15.208 1.00 58.31 ? 3   A   B C2    1 
ATOM   42   N N3    . A   A 1 2   ? -3.881  7.326   -14.846 1.00 57.58 ? 3   A   B N3    1 
ATOM   43   C C4    . A   A 1 2   ? -4.484  7.038   -13.678 1.00 58.39 ? 3   A   B C4    1 
ATOM   44   P P     . U   A 1 3   ? -2.951  0.322   -13.516 1.00 40.00 ? 4   U   B P     1 
ATOM   45   O OP1   . U   A 1 3   ? -2.815  0.004   -14.960 1.00 43.92 ? 4   U   B OP1   1 
ATOM   46   O OP2   . U   A 1 3   ? -4.088  -0.244  -12.751 1.00 42.44 ? 4   U   B OP2   1 
ATOM   47   O "O5'" . U   A 1 3   ? -1.596  -0.100  -12.787 1.00 33.54 ? 4   U   B "O5'" 1 
ATOM   48   C "C5'" . U   A 1 3   ? -0.340  0.324   -13.305 1.00 27.80 ? 4   U   B "C5'" 1 
ATOM   49   C "C4'" . U   A 1 3   ? 0.656   0.546   -12.189 1.00 23.62 ? 4   U   B "C4'" 1 
ATOM   50   O "O4'" . U   A 1 3   ? 0.126   1.511   -11.240 1.00 22.81 ? 4   U   B "O4'" 1 
ATOM   51   C "C3'" . U   A 1 3   ? 1.051   -0.672  -11.367 1.00 22.42 ? 4   U   B "C3'" 1 
ATOM   52   O "O3'" . U   A 1 3   ? 2.408   -0.500  -10.991 1.00 21.00 ? 4   U   B "O3'" 1 
ATOM   53   C "C2'" . U   A 1 3   ? 0.178   -0.532  -10.126 1.00 21.01 ? 4   U   B "C2'" 1 
ATOM   54   O "O2'" . U   A 1 3   ? 0.715   -1.175  -8.988  1.00 19.55 ? 4   U   B "O2'" 1 
ATOM   55   C "C1'" . U   A 1 3   ? 0.203   0.981   -9.931  1.00 19.59 ? 4   U   B "C1'" 1 
ATOM   56   N N1    . U   A 1 3   ? -0.944  1.480   -9.160  1.00 16.69 ? 4   U   B N1    1 
ATOM   57   C C2    . U   A 1 3   ? -0.719  1.887   -7.859  1.00 13.31 ? 4   U   B C2    1 
ATOM   58   O O2    . U   A 1 3   ? 0.384   1.889   -7.347  1.00 16.17 ? 4   U   B O2    1 
ATOM   59   N N3    . U   A 1 3   ? -1.835  2.296   -7.182  1.00 12.28 ? 4   U   B N3    1 
ATOM   60   C C4    . U   A 1 3   ? -3.120  2.357   -7.666  1.00 12.11 ? 4   U   B C4    1 
ATOM   61   O O4    . U   A 1 3   ? -4.031  2.701   -6.915  1.00 14.80 ? 4   U   B O4    1 
ATOM   62   C C5    . U   A 1 3   ? -3.266  1.947   -9.027  1.00 12.98 ? 4   U   B C5    1 
ATOM   63   C C6    . U   A 1 3   ? -2.201  1.528   -9.709  1.00 12.80 ? 4   U   B C6    1 
ATOM   64   P P     . U   A 1 4   ? 3.559   -1.260  -11.800 1.00 22.75 ? 5   U   B P     1 
ATOM   65   O OP1   . U   A 1 4   ? 4.855   -0.784  -11.238 1.00 19.39 ? 5   U   B OP1   1 
ATOM   66   O OP2   . U   A 1 4   ? 3.293   -1.133  -13.253 1.00 24.16 ? 5   U   B OP2   1 
ATOM   67   O "O5'" . U   A 1 4   ? 3.338   -2.780  -11.402 1.00 23.10 ? 5   U   B "O5'" 1 
ATOM   68   C "C5'" . U   A 1 4   ? 3.688   -3.242  -10.112 1.00 21.95 ? 5   U   B "C5'" 1 
ATOM   69   C "C4'" . U   A 1 4   ? 3.103   -4.606  -9.878  1.00 22.59 ? 5   U   B "C4'" 1 
ATOM   70   O "O4'" . U   A 1 4   ? 3.695   -5.135  -8.665  1.00 22.01 ? 5   U   B "O4'" 1 
ATOM   71   C "C3'" . U   A 1 4   ? 1.590   -4.650  -9.675  1.00 22.20 ? 5   U   B "C3'" 1 
ATOM   72   O "O3'" . U   A 1 4   ? 1.061   -5.862  -10.237 1.00 26.02 ? 5   U   B "O3'" 1 
ATOM   73   C "C2'" . U   A 1 4   ? 1.480   -4.641  -8.146  1.00 20.19 ? 5   U   B "C2'" 1 
ATOM   74   O "O2'" . U   A 1 4   ? 0.298   -5.218  -7.623  1.00 17.88 ? 5   U   B "O2'" 1 
ATOM   75   C "C1'" . U   A 1 4   ? 2.681   -5.501  -7.766  1.00 19.92 ? 5   U   B "C1'" 1 
ATOM   76   N N1    . U   A 1 4   ? 3.194   -5.288  -6.409  1.00 18.88 ? 5   U   B N1    1 
ATOM   77   C C2    . U   A 1 4   ? 3.340   -6.402  -5.608  1.00 16.41 ? 5   U   B C2    1 
ATOM   78   O O2    . U   A 1 4   ? 3.033   -7.519  -5.976  1.00 17.87 ? 5   U   B O2    1 
ATOM   79   N N3    . U   A 1 4   ? 3.853   -6.160  -4.362  1.00 13.99 ? 5   U   B N3    1 
ATOM   80   C C4    . U   A 1 4   ? 4.215   -4.935  -3.836  1.00 17.19 ? 5   U   B C4    1 
ATOM   81   O O4    . U   A 1 4   ? 4.661   -4.876  -2.682  1.00 17.81 ? 5   U   B O4    1 
ATOM   82   C C5    . U   A 1 4   ? 4.017   -3.826  -4.723  1.00 16.49 ? 5   U   B C5    1 
ATOM   83   C C6    . U   A 1 4   ? 3.525   -4.038  -5.952  1.00 17.14 ? 5   U   B C6    1 
ATOM   84   P P     . U   A 1 5   ? 0.348   -5.858  -11.696 1.00 23.60 ? 6   U   B P     1 
ATOM   85   O OP1   . U   A 1 5   ? -0.481  -7.095  -11.765 1.00 23.15 ? 6   U   B OP1   1 
ATOM   86   O OP2   . U   A 1 5   ? 1.370   -5.592  -12.746 1.00 25.20 ? 6   U   B OP2   1 
ATOM   87   O "O5'" . U   A 1 5   ? -0.675  -4.638  -11.656 1.00 26.25 ? 6   U   B "O5'" 1 
ATOM   88   C "C5'" . U   A 1 5   ? -1.612  -4.527  -10.596 1.00 24.63 ? 6   U   B "C5'" 1 
ATOM   89   C "C4'" . U   A 1 5   ? -2.591  -3.414  -10.864 1.00 25.70 ? 6   U   B "C4'" 1 
ATOM   90   O "O4'" . U   A 1 5   ? -3.613  -3.871  -11.789 1.00 24.75 ? 6   U   B "O4'" 1 
ATOM   91   C "C3'" . U   A 1 5   ? -3.365  -3.039  -9.614  1.00 26.89 ? 6   U   B "C3'" 1 
ATOM   92   O "O3'" . U   A 1 5   ? -2.612  -2.081  -8.882  1.00 24.56 ? 6   U   B "O3'" 1 
ATOM   93   C "C2'" . U   A 1 5   ? -4.666  -2.468  -10.165 1.00 26.09 ? 6   U   B "C2'" 1 
ATOM   94   O "O2'" . U   A 1 5   ? -4.612  -1.085  -10.427 1.00 30.22 ? 6   U   B "O2'" 1 
ATOM   95   C "C1'" . U   A 1 5   ? -4.854  -3.277  -11.452 1.00 27.67 ? 6   U   B "C1'" 1 
ATOM   96   N N1    . U   A 1 5   ? -5.857  -4.339  -11.283 1.00 29.88 ? 6   U   B N1    1 
ATOM   97   C C2    . U   A 1 5   ? -7.188  -3.954  -11.255 1.00 30.91 ? 6   U   B C2    1 
ATOM   98   O O2    . U   A 1 5   ? -7.539  -2.792  -11.344 1.00 32.03 ? 6   U   B O2    1 
ATOM   99   N N3    . U   A 1 5   ? -8.090  -4.977  -11.110 1.00 32.13 ? 6   U   B N3    1 
ATOM   100  C C4    . U   A 1 5   ? -7.807  -6.321  -10.980 1.00 33.39 ? 6   U   B C4    1 
ATOM   101  O O4    . U   A 1 5   ? -8.740  -7.127  -10.862 1.00 34.53 ? 6   U   B O4    1 
ATOM   102  C C5    . U   A 1 5   ? -6.406  -6.643  -11.004 1.00 31.21 ? 6   U   B C5    1 
ATOM   103  C C6    . U   A 1 5   ? -5.501  -5.664  -11.153 1.00 30.18 ? 6   U   B C6    1 
ATOM   104  P P     . A   A 1 6   ? -2.210  -2.386  -7.363  1.00 21.16 ? 7   A   B P     1 
ATOM   105  O OP1   . A   A 1 6   ? -1.181  -1.405  -6.980  1.00 20.33 ? 7   A   B OP1   1 
ATOM   106  O OP2   . A   A 1 6   ? -1.940  -3.834  -7.192  1.00 22.53 ? 7   A   B OP2   1 
ATOM   107  O "O5'" . A   A 1 6   ? -3.556  -2.087  -6.578  1.00 25.72 ? 7   A   B "O5'" 1 
ATOM   108  C "C5'" . A   A 1 6   ? -4.272  -0.873  -6.771  1.00 25.23 ? 7   A   B "C5'" 1 
ATOM   109  C "C4'" . A   A 1 6   ? -5.706  -1.057  -6.340  1.00 26.85 ? 7   A   B "C4'" 1 
ATOM   110  O "O4'" . A   A 1 6   ? -6.427  -1.805  -7.349  1.00 26.39 ? 7   A   B "O4'" 1 
ATOM   111  C "C3'" . A   A 1 6   ? -5.890  -1.886  -5.077  1.00 29.35 ? 7   A   B "C3'" 1 
ATOM   112  O "O3'" . A   A 1 6   ? -5.731  -1.097  -3.915  1.00 30.43 ? 7   A   B "O3'" 1 
ATOM   113  C "C2'" . A   A 1 6   ? -7.326  -2.369  -5.218  1.00 29.52 ? 7   A   B "C2'" 1 
ATOM   114  O "O2'" . A   A 1 6   ? -8.280  -1.411  -4.817  1.00 34.56 ? 7   A   B "O2'" 1 
ATOM   115  C "C1'" . A   A 1 6   ? -7.409  -2.624  -6.724  1.00 28.18 ? 7   A   B "C1'" 1 
ATOM   116  N N9    . A   A 1 6   ? -7.098  -4.017  -7.024  1.00 25.51 ? 7   A   B N9    1 
ATOM   117  C C8    . A   A 1 6   ? -5.867  -4.621  -7.047  1.00 24.25 ? 7   A   B C8    1 
ATOM   118  N N7    . A   A 1 6   ? -5.914  -5.903  -7.309  1.00 24.39 ? 7   A   B N7    1 
ATOM   119  C C5    . A   A 1 6   ? -7.266  -6.156  -7.481  1.00 26.62 ? 7   A   B C5    1 
ATOM   120  C C6    . A   A 1 6   ? -7.972  -7.330  -7.772  1.00 28.62 ? 7   A   B C6    1 
ATOM   121  N N6    . A   A 1 6   ? -7.388  -8.524  -7.936  1.00 30.24 ? 7   A   B N6    1 
ATOM   122  N N1    . A   A 1 6   ? -9.319  -7.239  -7.886  1.00 32.22 ? 7   A   B N1    1 
ATOM   123  C C2    . A   A 1 6   ? -9.902  -6.040  -7.706  1.00 31.02 ? 7   A   B C2    1 
ATOM   124  N N3    . A   A 1 6   ? -9.340  -4.867  -7.418  1.00 28.01 ? 7   A   B N3    1 
ATOM   125  C C4    . A   A 1 6   ? -8.006  -4.998  -7.318  1.00 26.04 ? 7   A   B C4    1 
ATOM   126  P P     . U   A 1 7   ? -4.536  -1.427  -2.900  1.00 31.85 ? 8   U   B P     1 
ATOM   127  O OP1   . U   A 1 7   ? -3.537  -0.340  -3.065  1.00 28.60 ? 8   U   B OP1   1 
ATOM   128  O OP2   . U   A 1 7   ? -4.122  -2.847  -3.084  1.00 25.88 ? 8   U   B OP2   1 
ATOM   129  O "O5'" . U   A 1 7   ? -5.230  -1.291  -1.471  1.00 30.80 ? 8   U   B "O5'" 1 
ATOM   130  C "C5'" . U   A 1 7   ? -6.302  -2.160  -1.096  1.00 25.35 ? 8   U   B "C5'" 1 
ATOM   131  C "C4'" . U   A 1 7   ? -6.716  -1.889  0.329   1.00 21.04 ? 8   U   B "C4'" 1 
ATOM   132  O "O4'" . U   A 1 7   ? -5.609  -2.218  1.214   1.00 19.22 ? 8   U   B "O4'" 1 
ATOM   133  C "C3'" . U   A 1 7   ? -7.065  -0.441  0.632   1.00 22.42 ? 8   U   B "C3'" 1 
ATOM   134  O "O3'" . U   A 1 7   ? -8.030  -0.418  1.668   1.00 23.90 ? 8   U   B "O3'" 1 
ATOM   135  C "C2'" . U   A 1 7   ? -5.738  0.130   1.120   1.00 19.74 ? 8   U   B "C2'" 1 
ATOM   136  O "O2'" . U   A 1 7   ? -5.893  1.256   1.966   1.00 21.02 ? 8   U   B "O2'" 1 
ATOM   137  C "C1'" . U   A 1 7   ? -5.178  -1.057  1.901   1.00 16.53 ? 8   U   B "C1'" 1 
ATOM   138  N N1    . U   A 1 7   ? -3.711  -1.085  1.950   1.00 14.84 ? 8   U   B N1    1 
ATOM   139  C C2    . U   A 1 7   ? -3.092  -0.919  3.188   1.00 11.91 ? 8   U   B C2    1 
ATOM   140  O O2    . U   A 1 7   ? -3.713  -0.754  4.227   1.00 13.49 ? 8   U   B O2    1 
ATOM   141  N N3    . U   A 1 7   ? -1.722  -0.962  3.158   1.00 9.66  ? 8   U   B N3    1 
ATOM   142  C C4    . U   A 1 7   ? -0.918  -1.153  2.038   1.00 10.42 ? 8   U   B C4    1 
ATOM   143  O O4    . U   A 1 7   ? 0.305   -1.183  2.171   1.00 9.14  ? 8   U   B O4    1 
ATOM   144  C C5    . U   A 1 7   ? -1.630  -1.314  0.803   1.00 9.51  ? 8   U   B C5    1 
ATOM   145  C C6    . U   A 1 7   ? -2.969  -1.274  0.802   1.00 13.81 ? 8   U   B C6    1 
ATOM   146  P P     . U   A 1 8   ? -9.376  0.423   1.473   1.00 24.35 ? 9   U   B P     1 
ATOM   147  O OP1   . U   A 1 8   ? -9.926  0.037   0.144   1.00 24.82 ? 9   U   B OP1   1 
ATOM   148  O OP2   . U   A 1 8   ? -9.062  1.846   1.758   1.00 20.92 ? 9   U   B OP2   1 
ATOM   149  O "O5'" . U   A 1 8   ? -10.345 -0.142  2.613   1.00 26.27 ? 9   U   B "O5'" 1 
ATOM   150  C "C5'" . U   A 1 8   ? -10.948 -1.439  2.503   1.00 26.37 ? 9   U   B "C5'" 1 
ATOM   151  C "C4'" . U   A 1 8   ? -11.397 -1.933  3.866   1.00 29.60 ? 9   U   B "C4'" 1 
ATOM   152  O "O4'" . U   A 1 8   ? -10.241 -2.326  4.660   1.00 29.37 ? 9   U   B "O4'" 1 
ATOM   153  C "C3'" . U   A 1 8   ? -12.163 -0.920  4.719   1.00 32.68 ? 9   U   B "C3'" 1 
ATOM   154  O "O3'" . U   A 1 8   ? -13.081 -1.588  5.575   1.00 36.69 ? 9   U   B "O3'" 1 
ATOM   155  C "C2'" . U   A 1 8   ? -11.070 -0.360  5.617   1.00 29.83 ? 9   U   B "C2'" 1 
ATOM   156  O "O2'" . U   A 1 8   ? -11.612 0.168   6.815   1.00 29.97 ? 9   U   B "O2'" 1 
ATOM   157  C "C1'" . U   A 1 8   ? -10.257 -1.625  5.893   1.00 27.78 ? 9   U   B "C1'" 1 
ATOM   158  N N1    . U   A 1 8   ? -8.866  -1.368  6.303   1.00 25.93 ? 9   U   B N1    1 
ATOM   159  C C2    . U   A 1 8   ? -8.569  -1.453  7.654   1.00 23.12 ? 9   U   B C2    1 
ATOM   160  O O2    . U   A 1 8   ? -9.402  -1.739  8.496   1.00 20.70 ? 9   U   B O2    1 
ATOM   161  N N3    . U   A 1 8   ? -7.258  -1.189  7.979   1.00 20.62 ? 9   U   B N3    1 
ATOM   162  C C4    . U   A 1 8   ? -6.236  -0.857  7.110   1.00 18.81 ? 9   U   B C4    1 
ATOM   163  O O4    . U   A 1 8   ? -5.105  -0.647  7.557   1.00 18.34 ? 9   U   B O4    1 
ATOM   164  C C5    . U   A 1 8   ? -6.622  -0.794  5.732   1.00 19.35 ? 9   U   B C5    1 
ATOM   165  C C6    . U   A 1 8   ? -7.889  -1.048  5.383   1.00 21.00 ? 9   U   B C6    1 
ATOM   166  P P     . U   A 1 9   ? -14.559 -1.928  5.056   1.00 39.10 ? 10  U   B P     1 
ATOM   167  O OP1   . U   A 1 9   ? -14.670 -1.429  3.661   1.00 39.01 ? 10  U   B OP1   1 
ATOM   168  O OP2   . U   A 1 9   ? -15.509 -1.441  6.087   1.00 39.94 ? 10  U   B OP2   1 
ATOM   169  O "O5'" . U   A 1 9   ? -14.579 -3.525  5.052   1.00 37.40 ? 10  U   B "O5'" 1 
ATOM   170  C "C5'" . U   A 1 9   ? -14.145 -4.271  3.914   1.00 37.78 ? 10  U   B "C5'" 1 
ATOM   171  C "C4'" . U   A 1 9   ? -14.107 -5.750  4.238   1.00 40.26 ? 10  U   B "C4'" 1 
ATOM   172  O "O4'" . U   A 1 9   ? -12.933 -6.048  5.047   1.00 39.58 ? 10  U   B "O4'" 1 
ATOM   173  C "C3'" . U   A 1 9   ? -15.303 -6.293  5.022   1.00 41.45 ? 10  U   B "C3'" 1 
ATOM   174  O "O3'" . U   A 1 9   ? -15.564 -7.648  4.644   1.00 45.79 ? 10  U   B "O3'" 1 
ATOM   175  C "C2'" . U   A 1 9   ? -14.780 -6.239  6.454   1.00 39.59 ? 10  U   B "C2'" 1 
ATOM   176  O "O2'" . U   A 1 9   ? -15.478 -7.070  7.368   1.00 35.76 ? 10  U   B "O2'" 1 
ATOM   177  C "C1'" . U   A 1 9   ? -13.339 -6.700  6.239   1.00 36.62 ? 10  U   B "C1'" 1 
ATOM   178  N N1    . U   A 1 9   ? -12.414 -6.306  7.311   1.00 32.94 ? 10  U   B N1    1 
ATOM   179  C C2    . U   A 1 9   ? -11.814 -7.320  8.048   1.00 28.92 ? 10  U   B C2    1 
ATOM   180  O O2    . U   A 1 9   ? -12.025 -8.502  7.845   1.00 26.54 ? 10  U   B O2    1 
ATOM   181  N N3    . U   A 1 9   ? -10.946 -6.891  9.024   1.00 28.47 ? 10  U   B N3    1 
ATOM   182  C C4    . U   A 1 9   ? -10.612 -5.588  9.326   1.00 26.55 ? 10  U   B C4    1 
ATOM   183  O O4    . U   A 1 9   ? -9.699  -5.376  10.124  1.00 26.60 ? 10  U   B O4    1 
ATOM   184  C C5    . U   A 1 9   ? -11.286 -4.596  8.534   1.00 27.66 ? 10  U   B C5    1 
ATOM   185  C C6    . U   A 1 9   ? -12.143 -4.977  7.579   1.00 29.20 ? 10  U   B C6    1 
ATOM   186  P P     . A   A 1 10  ? -16.919 -8.013  3.859   1.00 47.69 ? 11  A   B P     1 
ATOM   187  O OP1   . A   A 1 10  ? -16.801 -9.436  3.455   1.00 48.29 ? 11  A   B OP1   1 
ATOM   188  O OP2   . A   A 1 10  ? -17.139 -6.973  2.821   1.00 48.03 ? 11  A   B OP2   1 
ATOM   189  O "O5'" . A   A 1 10  ? -18.071 -7.865  4.955   1.00 53.52 ? 11  A   B "O5'" 1 
ATOM   190  C "C5'" . A   A 1 10  ? -19.125 -8.829  5.055   1.00 62.34 ? 11  A   B "C5'" 1 
ATOM   191  C "C4'" . A   A 1 10  ? -20.428 -8.162  5.464   1.00 67.89 ? 11  A   B "C4'" 1 
ATOM   192  O "O4'" . A   A 1 10  ? -21.486 -9.161  5.471   1.00 69.81 ? 11  A   B "O4'" 1 
ATOM   193  C "C3'" . A   A 1 10  ? -20.452 -7.558  6.865   1.00 69.87 ? 11  A   B "C3'" 1 
ATOM   194  O "O3'" . A   A 1 10  ? -20.010 -6.192  6.849   1.00 70.17 ? 11  A   B "O3'" 1 
ATOM   195  C "C2'" . A   A 1 10  ? -21.933 -7.612  7.235   1.00 70.82 ? 11  A   B "C2'" 1 
ATOM   196  O "O2'" . A   A 1 10  ? -22.657 -6.481  6.783   1.00 72.91 ? 11  A   B "O2'" 1 
ATOM   197  C "C1'" . A   A 1 10  ? -22.404 -8.878  6.513   1.00 70.76 ? 11  A   B "C1'" 1 
ATOM   198  N N     . SER B 2 1   ? 0.972   -2.068  16.121  1.00 38.99 ? 37  SER A N     1 
ATOM   199  C CA    . SER B 2 1   ? -0.415  -2.429  16.555  1.00 40.67 ? 37  SER A CA    1 
ATOM   200  C C     . SER B 2 1   ? -0.454  -3.608  17.539  1.00 41.08 ? 37  SER A C     1 
ATOM   201  O O     . SER B 2 1   ? 0.237   -3.605  18.564  1.00 42.42 ? 37  SER A O     1 
ATOM   202  C CB    . SER B 2 1   ? -1.297  -2.753  15.336  1.00 40.84 ? 37  SER A CB    1 
ATOM   203  O OG    . SER B 2 1   ? -2.341  -1.803  15.151  1.00 39.57 ? 37  SER A OG    1 
ATOM   204  N N     . LYS B 2 2   ? -1.246  -4.631  17.216  1.00 38.35 ? 38  LYS A N     1 
ATOM   205  C CA    . LYS B 2 2   ? -1.376  -5.759  18.115  1.00 32.63 ? 38  LYS A CA    1 
ATOM   206  C C     . LYS B 2 2   ? -1.480  -7.146  17.456  1.00 30.59 ? 38  LYS A C     1 
ATOM   207  O O     . LYS B 2 2   ? -0.463  -7.802  17.225  1.00 28.68 ? 38  LYS A O     1 
ATOM   208  C CB    . LYS B 2 2   ? -2.582  -5.488  19.009  1.00 33.55 ? 38  LYS A CB    1 
ATOM   209  C CG    . LYS B 2 2   ? -2.763  -6.398  20.187  1.00 33.64 ? 38  LYS A CG    1 
ATOM   210  C CD    . LYS B 2 2   ? -3.939  -5.884  21.016  1.00 37.94 ? 38  LYS A CD    1 
ATOM   211  C CE    . LYS B 2 2   ? -5.248  -5.795  20.208  1.00 36.63 ? 38  LYS A CE    1 
ATOM   212  N NZ    . LYS B 2 2   ? -5.859  -7.138  19.938  1.00 36.66 ? 38  LYS A NZ    1 
ATOM   213  N N     . THR B 2 3   ? -2.698  -7.585  17.140  1.00 28.05 ? 39  THR A N     1 
ATOM   214  C CA    . THR B 2 3   ? -2.904  -8.917  16.568  1.00 24.10 ? 39  THR A CA    1 
ATOM   215  C C     . THR B 2 3   ? -3.490  -8.992  15.158  1.00 21.47 ? 39  THR A C     1 
ATOM   216  O O     . THR B 2 3   ? -3.413  -10.042 14.506  1.00 21.00 ? 39  THR A O     1 
ATOM   217  C CB    . THR B 2 3   ? -3.827  -9.739  17.480  1.00 24.10 ? 39  THR A CB    1 
ATOM   218  O OG1   . THR B 2 3   ? -5.103  -9.096  17.557  1.00 25.15 ? 39  THR A OG1   1 
ATOM   219  C CG2   . THR B 2 3   ? -3.254  -9.834  18.877  1.00 22.63 ? 39  THR A CG2   1 
ATOM   220  N N     . ASN B 2 4   ? -4.074  -7.890  14.695  1.00 19.04 ? 40  ASN A N     1 
ATOM   221  C CA    . ASN B 2 4   ? -4.718  -7.842  13.383  1.00 14.89 ? 40  ASN A CA    1 
ATOM   222  C C     . ASN B 2 4   ? -3.814  -7.271  12.303  1.00 13.11 ? 40  ASN A C     1 
ATOM   223  O O     . ASN B 2 4   ? -3.248  -6.183  12.434  1.00 9.28  ? 40  ASN A O     1 
ATOM   224  C CB    . ASN B 2 4   ? -6.026  -7.045  13.490  1.00 14.53 ? 40  ASN A CB    1 
ATOM   225  C CG    . ASN B 2 4   ? -6.953  -7.252  12.299  1.00 16.58 ? 40  ASN A CG    1 
ATOM   226  O OD1   . ASN B 2 4   ? -7.030  -8.338  11.731  1.00 18.06 ? 40  ASN A OD1   1 
ATOM   227  N ND2   . ASN B 2 4   ? -7.684  -6.208  11.936  1.00 14.49 ? 40  ASN A ND2   1 
ATOM   228  N N     . LEU B 2 5   ? -3.678  -8.039  11.230  1.00 12.94 ? 41  LEU A N     1 
ATOM   229  C CA    . LEU B 2 5   ? -2.833  -7.663  10.109  1.00 12.32 ? 41  LEU A CA    1 
ATOM   230  C C     . LEU B 2 5   ? -3.655  -7.511  8.840   1.00 9.99  ? 41  LEU A C     1 
ATOM   231  O O     . LEU B 2 5   ? -4.759  -8.021  8.743   1.00 12.59 ? 41  LEU A O     1 
ATOM   232  C CB    . LEU B 2 5   ? -1.766  -8.744  9.850   1.00 9.16  ? 41  LEU A CB    1 
ATOM   233  C CG    . LEU B 2 5   ? -0.886  -9.268  10.987  1.00 9.24  ? 41  LEU A CG    1 
ATOM   234  C CD1   . LEU B 2 5   ? 0.155   -10.225 10.412  1.00 6.01  ? 41  LEU A CD1   1 
ATOM   235  C CD2   . LEU B 2 5   ? -0.197  -8.116  11.708  1.00 8.20  ? 41  LEU A CD2   1 
ATOM   236  N N     . ILE B 2 6   ? -3.108  -6.776  7.883   1.00 9.51  ? 42  ILE A N     1 
ATOM   237  C CA    . ILE B 2 6   ? -3.730  -6.626  6.583   1.00 9.52  ? 42  ILE A CA    1 
ATOM   238  C C     . ILE B 2 6   ? -2.635  -7.125  5.623   1.00 10.28 ? 42  ILE A C     1 
ATOM   239  O O     . ILE B 2 6   ? -1.462  -6.756  5.745   1.00 8.30  ? 42  ILE A O     1 
ATOM   240  C CB    . ILE B 2 6   ? -4.140  -5.144  6.265   1.00 8.17  ? 42  ILE A CB    1 
ATOM   241  C CG1   . ILE B 2 6   ? -4.773  -5.091  4.874   1.00 5.74  ? 42  ILE A CG1   1 
ATOM   242  C CG2   . ILE B 2 6   ? -2.945  -4.210  6.368   1.00 1.45  ? 42  ILE A CG2   1 
ATOM   243  C CD1   . ILE B 2 6   ? -5.457  -3.802  4.552   1.00 7.26  ? 42  ILE A CD1   1 
ATOM   244  N N     . VAL B 2 7   ? -3.010  -8.007  4.704   1.00 11.80 ? 43  VAL A N     1 
ATOM   245  C CA    . VAL B 2 7   ? -2.050  -8.560  3.750   1.00 11.24 ? 43  VAL A CA    1 
ATOM   246  C C     . VAL B 2 7   ? -2.379  -8.025  2.372   1.00 7.90  ? 43  VAL A C     1 
ATOM   247  O O     . VAL B 2 7   ? -3.490  -8.211  1.903   1.00 9.85  ? 43  VAL A O     1 
ATOM   248  C CB    . VAL B 2 7   ? -2.110  -10.118 3.724   1.00 11.16 ? 43  VAL A CB    1 
ATOM   249  C CG1   . VAL B 2 7   ? -0.897  -10.659 2.991   1.00 10.59 ? 43  VAL A CG1   1 
ATOM   250  C CG2   . VAL B 2 7   ? -2.177  -10.677 5.156   1.00 8.48  ? 43  VAL A CG2   1 
ATOM   251  N N     . ASN B 2 8   ? -1.422  -7.359  1.731   1.00 8.73  ? 44  ASN A N     1 
ATOM   252  C CA    . ASN B 2 8   ? -1.649  -6.798  0.403   1.00 9.86  ? 44  ASN A CA    1 
ATOM   253  C C     . ASN B 2 8   ? -0.843  -7.465  -0.716  1.00 10.26 ? 44  ASN A C     1 
ATOM   254  O O     . ASN B 2 8   ? 0.149   -8.151  -0.472  1.00 9.80  ? 44  ASN A O     1 
ATOM   255  C CB    . ASN B 2 8   ? -1.378  -5.273  0.412   1.00 11.02 ? 44  ASN A CB    1 
ATOM   256  C CG    . ASN B 2 8   ? -2.383  -4.495  1.278   1.00 11.21 ? 44  ASN A CG    1 
ATOM   257  O OD1   . ASN B 2 8   ? -3.552  -4.317  0.909   1.00 10.36 ? 44  ASN A OD1   1 
ATOM   258  N ND2   . ASN B 2 8   ? -1.929  -4.046  2.438   1.00 7.52  ? 44  ASN A ND2   1 
ATOM   259  N N     . TYR B 2 9   ? -1.294  -7.246  -1.947  1.00 10.79 ? 45  TYR A N     1 
ATOM   260  C CA    . TYR B 2 9   ? -0.664  -7.787  -3.148  1.00 12.80 ? 45  TYR A CA    1 
ATOM   261  C C     . TYR B 2 9   ? -0.722  -9.306  -3.228  1.00 13.25 ? 45  TYR A C     1 
ATOM   262  O O     . TYR B 2 9   ? 0.264   -9.972  -3.559  1.00 14.74 ? 45  TYR A O     1 
ATOM   263  C CB    . TYR B 2 9   ? 0.775   -7.271  -3.257  1.00 12.72 ? 45  TYR A CB    1 
ATOM   264  C CG    . TYR B 2 9   ? 0.796   -5.762  -3.229  1.00 18.02 ? 45  TYR A CG    1 
ATOM   265  C CD1   . TYR B 2 9   ? 1.259   -5.066  -2.106  1.00 19.04 ? 45  TYR A CD1   1 
ATOM   266  C CD2   . TYR B 2 9   ? 0.237   -5.020  -4.285  1.00 20.07 ? 45  TYR A CD2   1 
ATOM   267  C CE1   . TYR B 2 9   ? 1.159   -3.669  -2.030  1.00 20.15 ? 45  TYR A CE1   1 
ATOM   268  C CE2   . TYR B 2 9   ? 0.130   -3.631  -4.219  1.00 19.51 ? 45  TYR A CE2   1 
ATOM   269  C CZ    . TYR B 2 9   ? 0.591   -2.963  -3.090  1.00 20.44 ? 45  TYR A CZ    1 
ATOM   270  O OH    . TYR B 2 9   ? 0.483   -1.593  -3.023  1.00 21.73 ? 45  TYR A OH    1 
ATOM   271  N N     . LEU B 2 10  ? -1.906  -9.839  -2.937  1.00 13.44 ? 46  LEU A N     1 
ATOM   272  C CA    . LEU B 2 10  ? -2.150  -11.278 -2.973  1.00 13.82 ? 46  LEU A CA    1 
ATOM   273  C C     . LEU B 2 10  ? -2.442  -11.693 -4.420  1.00 15.08 ? 46  LEU A C     1 
ATOM   274  O O     . LEU B 2 10  ? -3.133  -10.970 -5.138  1.00 14.97 ? 46  LEU A O     1 
ATOM   275  C CB    . LEU B 2 10  ? -3.331  -11.617 -2.057  1.00 10.66 ? 46  LEU A CB    1 
ATOM   276  C CG    . LEU B 2 10  ? -3.039  -11.483 -0.564  1.00 6.74  ? 46  LEU A CG    1 
ATOM   277  C CD1   . LEU B 2 10  ? -4.307  -11.743 0.212   1.00 7.11  ? 46  LEU A CD1   1 
ATOM   278  C CD2   . LEU B 2 10  ? -1.939  -12.460 -0.154  1.00 5.23  ? 46  LEU A CD2   1 
ATOM   279  N N     . PRO B 2 11  ? -1.894  -12.843 -4.873  1.00 15.92 ? 47  PRO A N     1 
ATOM   280  C CA    . PRO B 2 11  ? -2.131  -13.290 -6.248  1.00 17.67 ? 47  PRO A CA    1 
ATOM   281  C C     . PRO B 2 11  ? -3.615  -13.559 -6.474  1.00 20.96 ? 47  PRO A C     1 
ATOM   282  O O     . PRO B 2 11  ? -4.320  -13.973 -5.554  1.00 21.24 ? 47  PRO A O     1 
ATOM   283  C CB    . PRO B 2 11  ? -1.284  -14.555 -6.352  1.00 18.06 ? 47  PRO A CB    1 
ATOM   284  C CG    . PRO B 2 11  ? -0.198  -14.323 -5.352  1.00 16.76 ? 47  PRO A CG    1 
ATOM   285  C CD    . PRO B 2 11  ? -0.969  -13.765 -4.194  1.00 14.57 ? 47  PRO A CD    1 
ATOM   286  N N     . GLN B 2 12  ? -4.085  -13.311 -7.693  1.00 23.65 ? 48  GLN A N     1 
ATOM   287  C CA    . GLN B 2 12  ? -5.488  -13.514 -8.017  1.00 26.08 ? 48  GLN A CA    1 
ATOM   288  C C     . GLN B 2 12  ? -5.855  -14.977 -7.859  1.00 26.48 ? 48  GLN A C     1 
ATOM   289  O O     . GLN B 2 12  ? -7.005  -15.316 -7.580  1.00 28.08 ? 48  GLN A O     1 
ATOM   290  C CB    . GLN B 2 12  ? -5.762  -13.079 -9.450  1.00 29.60 ? 48  GLN A CB    1 
ATOM   291  C CG    . GLN B 2 12  ? -7.222  -13.131 -9.825  1.00 31.92 ? 48  GLN A CG    1 
ATOM   292  C CD    . GLN B 2 12  ? -8.032  -12.141 -9.036  1.00 35.46 ? 48  GLN A CD    1 
ATOM   293  O OE1   . GLN B 2 12  ? -7.842  -10.935 -9.161  1.00 39.61 ? 48  GLN A OE1   1 
ATOM   294  N NE2   . GLN B 2 12  ? -8.940  -12.643 -8.211  1.00 33.16 ? 48  GLN A NE2   1 
ATOM   295  N N     . ASN B 2 13  ? -4.864  -15.842 -8.030  1.00 27.35 ? 49  ASN A N     1 
ATOM   296  C CA    . ASN B 2 13  ? -5.074  -17.278 -7.926  1.00 29.85 ? 49  ASN A CA    1 
ATOM   297  C C     . ASN B 2 13  ? -5.138  -17.854 -6.519  1.00 32.27 ? 49  ASN A C     1 
ATOM   298  O O     . ASN B 2 13  ? -5.647  -18.959 -6.345  1.00 37.44 ? 49  ASN A O     1 
ATOM   299  C CB    . ASN B 2 13  ? -4.001  -18.034 -8.716  1.00 27.75 ? 49  ASN A CB    1 
ATOM   300  C CG    . ASN B 2 13  ? -2.600  -17.576 -8.382  1.00 27.73 ? 49  ASN A CG    1 
ATOM   301  O OD1   . ASN B 2 13  ? -2.218  -16.443 -8.672  1.00 31.31 ? 49  ASN A OD1   1 
ATOM   302  N ND2   . ASN B 2 13  ? -1.824  -18.455 -7.773  1.00 25.74 ? 49  ASN A ND2   1 
ATOM   303  N N     . MET B 2 14  ? -4.635  -17.137 -5.515  1.00 31.76 ? 50  MET A N     1 
ATOM   304  C CA    . MET B 2 14  ? -4.662  -17.657 -4.145  1.00 30.03 ? 50  MET A CA    1 
ATOM   305  C C     . MET B 2 14  ? -6.052  -17.784 -3.516  1.00 30.90 ? 50  MET A C     1 
ATOM   306  O O     . MET B 2 14  ? -6.856  -16.841 -3.529  1.00 27.53 ? 50  MET A O     1 
ATOM   307  C CB    . MET B 2 14  ? -3.792  -16.810 -3.215  1.00 30.48 ? 50  MET A CB    1 
ATOM   308  C CG    . MET B 2 14  ? -4.071  -17.095 -1.748  1.00 26.65 ? 50  MET A CG    1 
ATOM   309  S SD    . MET B 2 14  ? -2.981  -16.275 -0.617  1.00 23.13 ? 50  MET A SD    1 
ATOM   310  C CE    . MET B 2 14  ? -1.651  -17.450 -0.555  1.00 23.24 ? 50  MET A CE    1 
ATOM   311  N N     . THR B 2 15  ? -6.301  -18.958 -2.935  1.00 31.97 ? 51  THR A N     1 
ATOM   312  C CA    . THR B 2 15  ? -7.574  -19.257 -2.287  1.00 34.28 ? 51  THR A CA    1 
ATOM   313  C C     . THR B 2 15  ? -7.519  -18.985 -0.788  1.00 34.52 ? 51  THR A C     1 
ATOM   314  O O     . THR B 2 15  ? -6.444  -19.008 -0.186  1.00 35.15 ? 51  THR A O     1 
ATOM   315  C CB    . THR B 2 15  ? -7.969  -20.735 -2.500  1.00 34.79 ? 51  THR A CB    1 
ATOM   316  O OG1   . THR B 2 15  ? -9.277  -20.964 -1.954  1.00 35.52 ? 51  THR A OG1   1 
ATOM   317  C CG2   . THR B 2 15  ? -6.956  -21.666 -1.823  1.00 32.05 ? 51  THR A CG2   1 
ATOM   318  N N     . GLN B 2 16  ? -8.685  -18.748 -0.189  1.00 35.61 ? 52  GLN A N     1 
ATOM   319  C CA    . GLN B 2 16  ? -8.772  -18.467 1.241   1.00 36.21 ? 52  GLN A CA    1 
ATOM   320  C C     . GLN B 2 16  ? -8.173  -19.573 2.085   1.00 36.24 ? 52  GLN A C     1 
ATOM   321  O O     . GLN B 2 16  ? -7.643  -19.313 3.161   1.00 36.86 ? 52  GLN A O     1 
ATOM   322  C CB    . GLN B 2 16  ? -10.225 -18.251 1.657   1.00 38.69 ? 52  GLN A CB    1 
ATOM   323  C CG    . GLN B 2 16  ? -10.372 -17.581 3.021   1.00 39.73 ? 52  GLN A CG    1 
ATOM   324  C CD    . GLN B 2 16  ? -11.511 -16.573 3.052   1.00 40.25 ? 52  GLN A CD    1 
ATOM   325  O OE1   . GLN B 2 16  ? -11.667 -15.832 4.018   1.00 42.55 ? 52  GLN A OE1   1 
ATOM   326  N NE2   . GLN B 2 16  ? -12.310 -16.541 1.988   1.00 42.55 ? 52  GLN A NE2   1 
ATOM   327  N N     . GLU B 2 17  ? -8.264  -20.808 1.600   1.00 36.11 ? 53  GLU A N     1 
ATOM   328  C CA    . GLU B 2 17  ? -7.712  -21.943 2.323   1.00 38.20 ? 53  GLU A CA    1 
ATOM   329  C C     . GLU B 2 17  ? -6.197  -21.856 2.280   1.00 38.33 ? 53  GLU A C     1 
ATOM   330  O O     . GLU B 2 17  ? -5.519  -22.189 3.256   1.00 39.31 ? 53  GLU A O     1 
ATOM   331  C CB    . GLU B 2 17  ? -8.170  -23.270 1.709   1.00 41.04 ? 53  GLU A CB    1 
ATOM   332  C CG    . GLU B 2 17  ? -9.657  -23.583 1.873   1.00 46.76 ? 53  GLU A CG    1 
ATOM   333  C CD    . GLU B 2 17  ? -10.536 -22.962 0.783   1.00 51.70 ? 53  GLU A CD    1 
ATOM   334  O OE1   . GLU B 2 17  ? -10.590 -21.714 0.682   1.00 55.05 ? 53  GLU A OE1   1 
ATOM   335  O OE2   . GLU B 2 17  ? -11.176 -23.726 0.024   1.00 52.18 ? 53  GLU A OE2   1 
ATOM   336  N N     . GLU B 2 18  ? -5.667  -21.415 1.143   1.00 37.37 ? 54  GLU A N     1 
ATOM   337  C CA    . GLU B 2 18  ? -4.227  -21.261 0.995   1.00 35.77 ? 54  GLU A CA    1 
ATOM   338  C C     . GLU B 2 18  ? -3.808  -20.074 1.841   1.00 33.82 ? 54  GLU A C     1 
ATOM   339  O O     . GLU B 2 18  ? -2.729  -20.075 2.443   1.00 34.84 ? 54  GLU A O     1 
ATOM   340  C CB    . GLU B 2 18  ? -3.869  -21.016 -0.466  1.00 39.18 ? 54  GLU A CB    1 
ATOM   341  C CG    . GLU B 2 18  ? -3.646  -22.290 -1.246  1.00 43.54 ? 54  GLU A CG    1 
ATOM   342  C CD    . GLU B 2 18  ? -3.973  -22.150 -2.717  1.00 45.24 ? 54  GLU A CD    1 
ATOM   343  O OE1   . GLU B 2 18  ? -3.829  -23.158 -3.444  1.00 47.14 ? 54  GLU A OE1   1 
ATOM   344  O OE2   . GLU B 2 18  ? -4.380  -21.045 -3.143  1.00 47.28 ? 54  GLU A OE2   1 
ATOM   345  N N     . PHE B 2 19  ? -4.677  -19.066 1.879   1.00 30.09 ? 55  PHE A N     1 
ATOM   346  C CA    . PHE B 2 19  ? -4.444  -17.854 2.659   1.00 27.55 ? 55  PHE A CA    1 
ATOM   347  C C     . PHE B 2 19  ? -4.339  -18.238 4.139   1.00 27.48 ? 55  PHE A C     1 
ATOM   348  O O     . PHE B 2 19  ? -3.340  -17.931 4.804   1.00 26.51 ? 55  PHE A O     1 
ATOM   349  C CB    . PHE B 2 19  ? -5.598  -16.864 2.441   1.00 23.60 ? 55  PHE A CB    1 
ATOM   350  C CG    . PHE B 2 19  ? -5.411  -15.536 3.135   1.00 20.90 ? 55  PHE A CG    1 
ATOM   351  C CD1   . PHE B 2 19  ? -4.277  -14.764 2.901   1.00 18.96 ? 55  PHE A CD1   1 
ATOM   352  C CD2   . PHE B 2 19  ? -6.377  -15.055 4.018   1.00 19.92 ? 55  PHE A CD2   1 
ATOM   353  C CE1   . PHE B 2 19  ? -4.105  -13.533 3.534   1.00 16.08 ? 55  PHE A CE1   1 
ATOM   354  C CE2   . PHE B 2 19  ? -6.215  -13.830 4.654   1.00 15.29 ? 55  PHE A CE2   1 
ATOM   355  C CZ    . PHE B 2 19  ? -5.072  -13.068 4.409   1.00 17.18 ? 55  PHE A CZ    1 
ATOM   356  N N     . ARG B 2 20  ? -5.361  -18.929 4.640   1.00 27.04 ? 56  ARG A N     1 
ATOM   357  C CA    . ARG B 2 20  ? -5.387  -19.360 6.033   1.00 27.59 ? 56  ARG A CA    1 
ATOM   358  C C     . ARG B 2 20  ? -4.268  -20.336 6.349   1.00 27.43 ? 56  ARG A C     1 
ATOM   359  O O     . ARG B 2 20  ? -3.716  -20.321 7.448   1.00 30.17 ? 56  ARG A O     1 
ATOM   360  C CB    . ARG B 2 20  ? -6.727  -20.017 6.368   1.00 31.34 ? 56  ARG A CB    1 
ATOM   361  C CG    . ARG B 2 20  ? -6.743  -20.711 7.730   1.00 33.92 ? 56  ARG A CG    1 
ATOM   362  C CD    . ARG B 2 20  ? -8.042  -21.451 7.983   1.00 34.71 ? 56  ARG A CD    1 
ATOM   363  N NE    . ARG B 2 20  ? -9.140  -20.558 8.353   1.00 37.40 ? 56  ARG A NE    1 
ATOM   364  C CZ    . ARG B 2 20  ? -9.258  -19.948 9.534   1.00 37.68 ? 56  ARG A CZ    1 
ATOM   365  N NH1   . ARG B 2 20  ? -8.337  -20.124 10.482  1.00 34.73 ? 56  ARG A NH1   1 
ATOM   366  N NH2   . ARG B 2 20  ? -10.305 -19.166 9.775   1.00 34.85 ? 56  ARG A NH2   1 
ATOM   367  N N     . SER B 2 21  ? -3.935  -21.189 5.384   1.00 26.85 ? 57  SER A N     1 
ATOM   368  C CA    . SER B 2 21  ? -2.880  -22.188 5.566   1.00 23.33 ? 57  SER A CA    1 
ATOM   369  C C     . SER B 2 21  ? -1.495  -21.533 5.678   1.00 23.35 ? 57  SER A C     1 
ATOM   370  O O     . SER B 2 21  ? -0.677  -21.917 6.516   1.00 23.46 ? 57  SER A O     1 
ATOM   371  C CB    . SER B 2 21  ? -2.920  -23.182 4.398   1.00 23.12 ? 57  SER A CB    1 
ATOM   372  O OG    . SER B 2 21  ? -2.270  -24.400 4.719   1.00 22.69 ? 57  SER A OG    1 
ATOM   373  N N     . LEU B 2 22  ? -1.249  -20.537 4.827   1.00 23.95 ? 58  LEU A N     1 
ATOM   374  C CA    . LEU B 2 22  ? 0.016   -19.805 4.806   1.00 19.39 ? 58  LEU A CA    1 
ATOM   375  C C     . LEU B 2 22  ? 0.221   -19.043 6.109   1.00 18.36 ? 58  LEU A C     1 
ATOM   376  O O     . LEU B 2 22  ? 1.292   -19.131 6.728   1.00 16.04 ? 58  LEU A O     1 
ATOM   377  C CB    . LEU B 2 22  ? 0.032   -18.818 3.635   1.00 17.09 ? 58  LEU A CB    1 
ATOM   378  C CG    . LEU B 2 22  ? 1.263   -17.929 3.457   1.00 11.00 ? 58  LEU A CG    1 
ATOM   379  C CD1   . LEU B 2 22  ? 2.466   -18.758 3.125   1.00 12.17 ? 58  LEU A CD1   1 
ATOM   380  C CD2   . LEU B 2 22  ? 1.003   -16.948 2.350   1.00 11.96 ? 58  LEU A CD2   1 
ATOM   381  N N     . PHE B 2 23  ? -0.802  -18.292 6.523   1.00 17.34 ? 59  PHE A N     1 
ATOM   382  C CA    . PHE B 2 23  ? -0.702  -17.522 7.757   1.00 16.54 ? 59  PHE A CA    1 
ATOM   383  C C     . PHE B 2 23  ? -0.951  -18.367 8.985   1.00 15.04 ? 59  PHE A C     1 
ATOM   384  O O     . PHE B 2 23  ? -0.535  -18.005 10.080  1.00 14.31 ? 59  PHE A O     1 
ATOM   385  C CB    . PHE B 2 23  ? -1.625  -16.303 7.714   1.00 15.69 ? 59  PHE A CB    1 
ATOM   386  C CG    . PHE B 2 23  ? -1.130  -15.237 6.779   1.00 15.63 ? 59  PHE A CG    1 
ATOM   387  C CD1   . PHE B 2 23  ? -1.402  -15.308 5.415   1.00 15.97 ? 59  PHE A CD1   1 
ATOM   388  C CD2   . PHE B 2 23  ? -0.278  -14.240 7.239   1.00 13.99 ? 59  PHE A CD2   1 
ATOM   389  C CE1   . PHE B 2 23  ? -0.822  -14.409 4.520   1.00 13.24 ? 59  PHE A CE1   1 
ATOM   390  C CE2   . PHE B 2 23  ? 0.307   -13.339 6.355   1.00 15.49 ? 59  PHE A CE2   1 
ATOM   391  C CZ    . PHE B 2 23  ? 0.037   -13.425 4.990   1.00 13.55 ? 59  PHE A CZ    1 
ATOM   392  N N     . GLY B 2 24  ? -1.601  -19.508 8.793   1.00 16.61 ? 60  GLY A N     1 
ATOM   393  C CA    . GLY B 2 24  ? -1.852  -20.406 9.899   1.00 16.78 ? 60  GLY A CA    1 
ATOM   394  C C     . GLY B 2 24  ? -0.556  -21.091 10.316  1.00 17.40 ? 60  GLY A C     1 
ATOM   395  O O     . GLY B 2 24  ? -0.447  -21.626 11.421  1.00 18.62 ? 60  GLY A O     1 
ATOM   396  N N     . SER B 2 25  ? 0.437   -21.070 9.437   1.00 15.97 ? 61  SER A N     1 
ATOM   397  C CA    . SER B 2 25  ? 1.718   -21.698 9.727   1.00 17.47 ? 61  SER A CA    1 
ATOM   398  C C     . SER B 2 25  ? 2.508   -20.922 10.773  1.00 19.34 ? 61  SER A C     1 
ATOM   399  O O     . SER B 2 25  ? 3.409   -21.470 11.415  1.00 19.60 ? 61  SER A O     1 
ATOM   400  C CB    . SER B 2 25  ? 2.552   -21.837 8.441   1.00 17.78 ? 61  SER A CB    1 
ATOM   401  O OG    . SER B 2 25  ? 2.876   -20.578 7.868   1.00 21.77 ? 61  SER A OG    1 
ATOM   402  N N     . ILE B 2 26  ? 2.163   -19.649 10.948  1.00 20.38 ? 62  ILE A N     1 
ATOM   403  C CA    . ILE B 2 26  ? 2.845   -18.796 11.918  1.00 20.59 ? 62  ILE A CA    1 
ATOM   404  C C     . ILE B 2 26  ? 2.393   -19.096 13.345  1.00 21.67 ? 62  ILE A C     1 
ATOM   405  O O     . ILE B 2 26  ? 3.215   -19.202 14.261  1.00 21.30 ? 62  ILE A O     1 
ATOM   406  C CB    . ILE B 2 26  ? 2.580   -17.294 11.659  1.00 19.03 ? 62  ILE A CB    1 
ATOM   407  C CG1   . ILE B 2 26  ? 3.027   -16.902 10.249  1.00 17.97 ? 62  ILE A CG1   1 
ATOM   408  C CG2   . ILE B 2 26  ? 3.327   -16.459 12.698  1.00 20.82 ? 62  ILE A CG2   1 
ATOM   409  C CD1   . ILE B 2 26  ? 4.513   -17.017 10.020  1.00 18.11 ? 62  ILE A CD1   1 
ATOM   410  N N     . GLY B 2 27  ? 1.083   -19.221 13.529  1.00 20.91 ? 63  GLY A N     1 
ATOM   411  C CA    . GLY B 2 27  ? 0.555   -19.491 14.846  1.00 20.75 ? 63  GLY A CA    1 
ATOM   412  C C     . GLY B 2 27  ? -0.949  -19.534 14.791  1.00 22.76 ? 63  GLY A C     1 
ATOM   413  O O     . GLY B 2 27  ? -1.527  -19.414 13.717  1.00 22.40 ? 63  GLY A O     1 
ATOM   414  N N     . GLU B 2 28  ? -1.584  -19.697 15.947  1.00 24.80 ? 64  GLU A N     1 
ATOM   415  C CA    . GLU B 2 28  ? -3.037  -19.771 16.009  1.00 26.71 ? 64  GLU A CA    1 
ATOM   416  C C     . GLU B 2 28  ? -3.683  -18.480 15.532  1.00 25.61 ? 64  GLU A C     1 
ATOM   417  O O     . GLU B 2 28  ? -3.235  -17.382 15.864  1.00 24.38 ? 64  GLU A O     1 
ATOM   418  C CB    . GLU B 2 28  ? -3.509  -20.108 17.434  1.00 29.85 ? 64  GLU A CB    1 
ATOM   419  C CG    . GLU B 2 28  ? -3.066  -21.487 17.933  1.00 34.06 ? 64  GLU A CG    1 
ATOM   420  C CD    . GLU B 2 28  ? -1.844  -21.435 18.849  1.00 39.34 ? 64  GLU A CD    1 
ATOM   421  O OE1   . GLU B 2 28  ? -0.885  -20.684 18.555  1.00 42.49 ? 64  GLU A OE1   1 
ATOM   422  O OE2   . GLU B 2 28  ? -1.840  -22.159 19.868  1.00 42.14 ? 64  GLU A OE2   1 
ATOM   423  N N     . ILE B 2 29  ? -4.730  -18.640 14.732  1.00 24.95 ? 65  ILE A N     1 
ATOM   424  C CA    . ILE B 2 29  ? -5.485  -17.534 14.168  1.00 24.59 ? 65  ILE A CA    1 
ATOM   425  C C     . ILE B 2 29  ? -6.835  -17.506 14.863  1.00 26.12 ? 65  ILE A C     1 
ATOM   426  O O     . ILE B 2 29  ? -7.445  -18.555 15.079  1.00 28.31 ? 65  ILE A O     1 
ATOM   427  C CB    . ILE B 2 29  ? -5.741  -17.748 12.647  1.00 25.29 ? 65  ILE A CB    1 
ATOM   428  C CG1   . ILE B 2 29  ? -4.415  -17.737 11.871  1.00 25.10 ? 65  ILE A CG1   1 
ATOM   429  C CG2   . ILE B 2 29  ? -6.697  -16.673 12.111  1.00 25.45 ? 65  ILE A CG2   1 
ATOM   430  C CD1   . ILE B 2 29  ? -4.585  -18.081 10.384  1.00 20.06 ? 65  ILE A CD1   1 
ATOM   431  N N     . GLU B 2 30  ? -7.307  -16.319 15.226  1.00 25.11 ? 66  GLU A N     1 
ATOM   432  C CA    . GLU B 2 30  ? -8.613  -16.227 15.850  1.00 24.08 ? 66  GLU A CA    1 
ATOM   433  C C     . GLU B 2 30  ? -9.609  -16.093 14.697  1.00 23.15 ? 66  GLU A C     1 
ATOM   434  O O     . GLU B 2 30  ? -10.745 -16.563 14.778  1.00 22.95 ? 66  GLU A O     1 
ATOM   435  C CB    . GLU B 2 30  ? -8.671  -15.037 16.811  1.00 26.16 ? 66  GLU A CB    1 
ATOM   436  C CG    . GLU B 2 30  ? -8.928  -13.696 16.194  1.00 30.93 ? 66  GLU A CG    1 
ATOM   437  C CD    . GLU B 2 30  ? -10.400 -13.360 16.166  1.00 32.42 ? 66  GLU A CD    1 
ATOM   438  O OE1   . GLU B 2 30  ? -11.165 -14.029 16.891  1.00 32.26 ? 66  GLU A OE1   1 
ATOM   439  O OE2   . GLU B 2 30  ? -10.787 -12.424 15.430  1.00 34.70 ? 66  GLU A OE2   1 
ATOM   440  N N     . SER B 2 31  ? -9.160  -15.460 13.617  1.00 22.11 ? 67  SER A N     1 
ATOM   441  C CA    . SER B 2 31  ? -9.967  -15.310 12.412  1.00 23.14 ? 67  SER A CA    1 
ATOM   442  C C     . SER B 2 31  ? -9.138  -14.658 11.325  1.00 24.41 ? 67  SER A C     1 
ATOM   443  O O     . SER B 2 31  ? -8.108  -14.049 11.605  1.00 22.31 ? 67  SER A O     1 
ATOM   444  C CB    . SER B 2 31  ? -11.239 -14.486 12.665  1.00 21.94 ? 67  SER A CB    1 
ATOM   445  O OG    . SER B 2 31  ? -10.982 -13.098 12.728  1.00 20.41 ? 67  SER A OG    1 
ATOM   446  N N     . CYS B 2 32  ? -9.580  -14.828 10.083  1.00 26.37 ? 68  CYS A N     1 
ATOM   447  C CA    . CYS B 2 32  ? -8.919  -14.248 8.918   1.00 27.42 ? 68  CYS A CA    1 
ATOM   448  C C     . CYS B 2 32  ? -9.920  -14.207 7.772   1.00 27.32 ? 68  CYS A C     1 
ATOM   449  O O     . CYS B 2 32  ? -10.877 -14.973 7.755   1.00 30.55 ? 68  CYS A O     1 
ATOM   450  C CB    . CYS B 2 32  ? -7.677  -15.059 8.527   1.00 27.55 ? 68  CYS A CB    1 
ATOM   451  S SG    . CYS B 2 32  ? -7.966  -16.724 7.953   1.00 31.91 ? 68  CYS A SG    1 
ATOM   452  N N     . LYS B 2 33  ? -9.718  -13.312 6.813   1.00 26.60 ? 69  LYS A N     1 
ATOM   453  C CA    . LYS B 2 33  ? -10.660 -13.208 5.714   1.00 24.37 ? 69  LYS A CA    1 
ATOM   454  C C     . LYS B 2 33  ? -10.084 -12.635 4.448   1.00 25.70 ? 69  LYS A C     1 
ATOM   455  O O     . LYS B 2 33  ? -9.737  -11.457 4.391   1.00 26.29 ? 69  LYS A O     1 
ATOM   456  C CB    . LYS B 2 33  ? -11.847 -12.338 6.118   1.00 24.53 ? 69  LYS A CB    1 
ATOM   457  C CG    . LYS B 2 33  ? -12.754 -11.945 4.964   1.00 24.20 ? 69  LYS A CG    1 
ATOM   458  C CD    . LYS B 2 33  ? -13.801 -10.932 5.390   1.00 24.12 ? 69  LYS A CD    1 
ATOM   459  C CE    . LYS B 2 33  ? -14.738 -11.502 6.439   1.00 27.44 ? 69  LYS A CE    1 
ATOM   460  N NZ    . LYS B 2 33  ? -15.792 -10.532 6.862   1.00 30.46 ? 69  LYS A NZ    1 
ATOM   461  N N     . LEU B 2 34  ? -9.990  -13.469 3.424   1.00 24.96 ? 70  LEU A N     1 
ATOM   462  C CA    . LEU B 2 34  ? -9.515  -12.981 2.148   1.00 25.50 ? 70  LEU A CA    1 
ATOM   463  C C     . LEU B 2 34  ? -10.701 -12.156 1.649   1.00 23.72 ? 70  LEU A C     1 
ATOM   464  O O     . LEU B 2 34  ? -11.792 -12.691 1.445   1.00 24.74 ? 70  LEU A O     1 
ATOM   465  C CB    . LEU B 2 34  ? -9.227  -14.145 1.204   1.00 25.01 ? 70  LEU A CB    1 
ATOM   466  C CG    . LEU B 2 34  ? -8.703  -13.728 -0.168  1.00 27.58 ? 70  LEU A CG    1 
ATOM   467  C CD1   . LEU B 2 34  ? -7.466  -12.855 -0.003  1.00 28.05 ? 70  LEU A CD1   1 
ATOM   468  C CD2   . LEU B 2 34  ? -8.385  -14.962 -0.985  1.00 27.84 ? 70  LEU A CD2   1 
ATOM   469  N N     . VAL B 2 35  ? -10.500 -10.854 1.480   1.00 21.60 ? 71  VAL A N     1 
ATOM   470  C CA    . VAL B 2 35  ? -11.586 -9.987  1.035   1.00 19.54 ? 71  VAL A CA    1 
ATOM   471  C C     . VAL B 2 35  ? -11.986 -10.219 -0.423  1.00 20.21 ? 71  VAL A C     1 
ATOM   472  O O     . VAL B 2 35  ? -11.138 -10.285 -1.323  1.00 20.60 ? 71  VAL A O     1 
ATOM   473  C CB    . VAL B 2 35  ? -11.229 -8.511  1.250   1.00 16.92 ? 71  VAL A CB    1 
ATOM   474  C CG1   . VAL B 2 35  ? -12.391 -7.628  0.857   1.00 16.43 ? 71  VAL A CG1   1 
ATOM   475  C CG2   . VAL B 2 35  ? -10.875 -8.284  2.710   1.00 19.34 ? 71  VAL A CG2   1 
ATOM   476  N N     . ARG B 2 36  ? -13.294 -10.333 -0.638  1.00 19.97 ? 72  ARG A N     1 
ATOM   477  C CA    . ARG B 2 36  ? -13.865 -10.581 -1.954  1.00 18.49 ? 72  ARG A CA    1 
ATOM   478  C C     . ARG B 2 36  ? -14.945 -9.578  -2.338  1.00 19.29 ? 72  ARG A C     1 
ATOM   479  O O     . ARG B 2 36  ? -15.633 -9.031  -1.479  1.00 18.12 ? 72  ARG A O     1 
ATOM   480  C CB    . ARG B 2 36  ? -14.491 -11.970 -1.988  1.00 17.91 ? 72  ARG A CB    1 
ATOM   481  C CG    . ARG B 2 36  ? -13.562 -13.120 -1.719  1.00 17.61 ? 72  ARG A CG    1 
ATOM   482  C CD    . ARG B 2 36  ? -14.391 -14.380 -1.649  1.00 18.81 ? 72  ARG A CD    1 
ATOM   483  N NE    . ARG B 2 36  ? -15.384 -14.270 -0.589  1.00 22.59 ? 72  ARG A NE    1 
ATOM   484  C CZ    . ARG B 2 36  ? -16.604 -14.797 -0.632  1.00 23.16 ? 72  ARG A CZ    1 
ATOM   485  N NH1   . ARG B 2 36  ? -17.007 -15.478 -1.697  1.00 20.67 ? 72  ARG A NH1   1 
ATOM   486  N NH2   . ARG B 2 36  ? -17.425 -14.646 0.402   1.00 23.73 ? 72  ARG A NH2   1 
ATOM   487  N N     . ASP B 2 37  ? -15.101 -9.369  -3.643  1.00 20.23 ? 73  ASP A N     1 
ATOM   488  C CA    . ASP B 2 37  ? -16.113 -8.467  -4.169  1.00 18.71 ? 73  ASP A CA    1 
ATOM   489  C C     . ASP B 2 37  ? -17.463 -9.007  -3.719  1.00 17.62 ? 73  ASP A C     1 
ATOM   490  O O     . ASP B 2 37  ? -17.728 -10.204 -3.839  1.00 16.51 ? 73  ASP A O     1 
ATOM   491  C CB    . ASP B 2 37  ? -16.067 -8.429  -5.697  1.00 19.97 ? 73  ASP A CB    1 
ATOM   492  C CG    . ASP B 2 37  ? -17.083 -7.458  -6.285  1.00 25.57 ? 73  ASP A CG    1 
ATOM   493  O OD1   . ASP B 2 37  ? -16.842 -6.233  -6.229  1.00 31.85 ? 73  ASP A OD1   1 
ATOM   494  O OD2   . ASP B 2 37  ? -18.131 -7.912  -6.792  1.00 23.91 ? 73  ASP A OD2   1 
ATOM   495  N N     . LYS B 2 38  ? -18.317 -8.122  -3.217  1.00 16.84 ? 74  LYS A N     1 
ATOM   496  C CA    . LYS B 2 38  ? -19.618 -8.525  -2.724  1.00 16.02 ? 74  LYS A CA    1 
ATOM   497  C C     . LYS B 2 38  ? -20.560 -9.134  -3.747  1.00 15.14 ? 74  LYS A C     1 
ATOM   498  O O     . LYS B 2 38  ? -21.412 -9.938  -3.385  1.00 14.98 ? 74  LYS A O     1 
ATOM   499  C CB    . LYS B 2 38  ? -20.280 -7.351  -1.998  1.00 20.24 ? 74  LYS A CB    1 
ATOM   500  C CG    . LYS B 2 38  ? -19.682 -7.132  -0.606  1.00 28.22 ? 74  LYS A CG    1 
ATOM   501  C CD    . LYS B 2 38  ? -20.272 -5.921  0.119   1.00 34.99 ? 74  LYS A CD    1 
ATOM   502  C CE    . LYS B 2 38  ? -19.830 -5.871  1.598   1.00 35.97 ? 74  LYS A CE    1 
ATOM   503  N NZ    . LYS B 2 38  ? -20.386 -6.994  2.428   1.00 36.92 ? 74  LYS A NZ    1 
ATOM   504  N N     . ILE B 2 39  ? -20.402 -8.787  -5.020  1.00 15.42 ? 75  ILE A N     1 
ATOM   505  C CA    . ILE B 2 39  ? -21.272 -9.338  -6.056  1.00 15.58 ? 75  ILE A CA    1 
ATOM   506  C C     . ILE B 2 39  ? -20.630 -10.505 -6.820  1.00 15.91 ? 75  ILE A C     1 
ATOM   507  O O     . ILE B 2 39  ? -21.217 -11.579 -6.928  1.00 17.34 ? 75  ILE A O     1 
ATOM   508  C CB    . ILE B 2 39  ? -21.695 -8.252  -7.084  1.00 16.60 ? 75  ILE A CB    1 
ATOM   509  C CG1   . ILE B 2 39  ? -22.235 -7.020  -6.357  1.00 17.14 ? 75  ILE A CG1   1 
ATOM   510  C CG2   . ILE B 2 39  ? -22.773 -8.803  -8.018  1.00 17.46 ? 75  ILE A CG2   1 
ATOM   511  C CD1   . ILE B 2 39  ? -23.463 -7.288  -5.518  1.00 22.96 ? 75  ILE A CD1   1 
ATOM   512  N N     . THR B 2 40  ? -19.426 -10.301 -7.346  1.00 17.45 ? 76  THR A N     1 
ATOM   513  C CA    . THR B 2 40  ? -18.753 -11.347 -8.114  1.00 16.95 ? 76  THR A CA    1 
ATOM   514  C C     . THR B 2 40  ? -18.125 -12.443 -7.259  1.00 16.71 ? 76  THR A C     1 
ATOM   515  O O     . THR B 2 40  ? -17.894 -13.549 -7.758  1.00 17.70 ? 76  THR A O     1 
ATOM   516  C CB    . THR B 2 40  ? -17.629 -10.785 -9.026  1.00 17.55 ? 76  THR A CB    1 
ATOM   517  O OG1   . THR B 2 40  ? -16.453 -10.538 -8.242  1.00 19.37 ? 76  THR A OG1   1 
ATOM   518  C CG2   . THR B 2 40  ? -18.071 -9.505  -9.710  1.00 15.39 ? 76  THR A CG2   1 
ATOM   519  N N     . GLY B 2 41  ? -17.829 -12.137 -5.993  1.00 15.25 ? 77  GLY A N     1 
ATOM   520  C CA    . GLY B 2 41  ? -17.221 -13.116 -5.104  1.00 12.40 ? 77  GLY A CA    1 
ATOM   521  C C     . GLY B 2 41  ? -15.755 -13.400 -5.382  1.00 13.48 ? 77  GLY A C     1 
ATOM   522  O O     . GLY B 2 41  ? -15.183 -14.328 -4.810  1.00 15.37 ? 77  GLY A O     1 
ATOM   523  N N     . GLN B 2 42  ? -15.144 -12.611 -6.259  1.00 12.99 ? 78  GLN A N     1 
ATOM   524  C CA    . GLN B 2 42  ? -13.735 -12.782 -6.603  1.00 16.43 ? 78  GLN A CA    1 
ATOM   525  C C     . GLN B 2 42  ? -12.822 -12.045 -5.620  1.00 15.96 ? 78  GLN A C     1 
ATOM   526  O O     . GLN B 2 42  ? -13.216 -11.040 -5.036  1.00 16.07 ? 78  GLN A O     1 
ATOM   527  C CB    . GLN B 2 42  ? -13.472 -12.266 -8.026  1.00 19.32 ? 78  GLN A CB    1 
ATOM   528  C CG    . GLN B 2 42  ? -14.310 -12.954 -9.093  1.00 22.66 ? 78  GLN A CG    1 
ATOM   529  C CD    . GLN B 2 42  ? -14.105 -14.471 -9.139  1.00 22.86 ? 78  GLN A CD    1 
ATOM   530  O OE1   . GLN B 2 42  ? -15.018 -15.218 -9.503  1.00 25.24 ? 78  GLN A OE1   1 
ATOM   531  N NE2   . GLN B 2 42  ? -12.905 -14.927 -8.783  1.00 24.17 ? 78  GLN A NE2   1 
ATOM   532  N N     . SER B 2 43  ? -11.603 -12.546 -5.446  1.00 15.56 ? 79  SER A N     1 
ATOM   533  C CA    . SER B 2 43  ? -10.652 -11.929 -4.536  1.00 15.86 ? 79  SER A CA    1 
ATOM   534  C C     . SER B 2 43  ? -10.328 -10.519 -4.975  1.00 17.66 ? 79  SER A C     1 
ATOM   535  O O     . SER B 2 43  ? -10.194 -10.240 -6.169  1.00 18.54 ? 79  SER A O     1 
ATOM   536  C CB    . SER B 2 43  ? -9.356  -12.741 -4.459  1.00 16.72 ? 79  SER A CB    1 
ATOM   537  O OG    . SER B 2 43  ? -8.338  -12.010 -3.787  1.00 15.89 ? 79  SER A OG    1 
ATOM   538  N N     . LEU B 2 44  ? -10.212 -9.630  -3.997  1.00 18.17 ? 80  LEU A N     1 
ATOM   539  C CA    . LEU B 2 44  ? -9.902  -8.239  -4.265  1.00 19.18 ? 80  LEU A CA    1 
ATOM   540  C C     . LEU B 2 44  ? -8.403  -7.947  -4.144  1.00 18.08 ? 80  LEU A C     1 
ATOM   541  O O     . LEU B 2 44  ? -7.977  -6.797  -4.210  1.00 20.08 ? 80  LEU A O     1 
ATOM   542  C CB    . LEU B 2 44  ? -10.711 -7.341  -3.323  1.00 18.78 ? 80  LEU A CB    1 
ATOM   543  C CG    . LEU B 2 44  ? -12.214 -7.302  -3.627  1.00 19.49 ? 80  LEU A CG    1 
ATOM   544  C CD1   . LEU B 2 44  ? -12.932 -6.457  -2.596  1.00 19.02 ? 80  LEU A CD1   1 
ATOM   545  C CD2   . LEU B 2 44  ? -12.433 -6.729  -5.020  1.00 18.76 ? 80  LEU A CD2   1 
ATOM   546  N N     . GLY B 2 45  ? -7.602  -8.992  -3.969  1.00 16.92 ? 81  GLY A N     1 
ATOM   547  C CA    . GLY B 2 45  ? -6.170  -8.789  -3.874  1.00 18.04 ? 81  GLY A CA    1 
ATOM   548  C C     . GLY B 2 45  ? -5.588  -8.605  -2.485  1.00 19.38 ? 81  GLY A C     1 
ATOM   549  O O     . GLY B 2 45  ? -4.372  -8.488  -2.349  1.00 20.39 ? 81  GLY A O     1 
ATOM   550  N N     . TYR B 2 46  ? -6.434  -8.557  -1.456  1.00 19.76 ? 82  TYR A N     1 
ATOM   551  C CA    . TYR B 2 46  ? -5.948  -8.405  -0.091  1.00 17.36 ? 82  TYR A CA    1 
ATOM   552  C C     . TYR B 2 46  ? -6.846  -9.101  0.907   1.00 18.59 ? 82  TYR A C     1 
ATOM   553  O O     . TYR B 2 46  ? -7.952  -9.539  0.578   1.00 20.68 ? 82  TYR A O     1 
ATOM   554  C CB    . TYR B 2 46  ? -5.841  -6.942  0.293   1.00 16.13 ? 82  TYR A CB    1 
ATOM   555  C CG    . TYR B 2 46  ? -7.171  -6.241  0.400   1.00 18.61 ? 82  TYR A CG    1 
ATOM   556  C CD1   . TYR B 2 46  ? -7.895  -5.908  -0.739  1.00 16.86 ? 82  TYR A CD1   1 
ATOM   557  C CD2   . TYR B 2 46  ? -7.694  -5.884  1.642   1.00 20.14 ? 82  TYR A CD2   1 
ATOM   558  C CE1   . TYR B 2 46  ? -9.095  -5.239  -0.653  1.00 17.80 ? 82  TYR A CE1   1 
ATOM   559  C CE2   . TYR B 2 46  ? -8.900  -5.210  1.742   1.00 20.58 ? 82  TYR A CE2   1 
ATOM   560  C CZ    . TYR B 2 46  ? -9.593  -4.890  0.585   1.00 20.49 ? 82  TYR A CZ    1 
ATOM   561  O OH    . TYR B 2 46  ? -10.781 -4.210  0.661   1.00 24.66 ? 82  TYR A OH    1 
ATOM   562  N N     . GLY B 2 47  ? -6.362  -9.200  2.137   1.00 16.05 ? 83  GLY A N     1 
ATOM   563  C CA    . GLY B 2 47  ? -7.136  -9.846  3.176   1.00 17.27 ? 83  GLY A CA    1 
ATOM   564  C C     . GLY B 2 47  ? -6.616  -9.502  4.553   1.00 16.47 ? 83  GLY A C     1 
ATOM   565  O O     . GLY B 2 47  ? -5.637  -8.773  4.689   1.00 16.51 ? 83  GLY A O     1 
ATOM   566  N N     . PHE B 2 48  ? -7.255  -10.052 5.578   1.00 15.51 ? 84  PHE A N     1 
ATOM   567  C CA    . PHE B 2 48  ? -6.852  -9.776  6.945   1.00 14.41 ? 84  PHE A CA    1 
ATOM   568  C C     . PHE B 2 48  ? -6.616  -11.048 7.725   1.00 13.39 ? 84  PHE A C     1 
ATOM   569  O O     . PHE B 2 48  ? -7.175  -12.076 7.403   1.00 16.40 ? 84  PHE A O     1 
ATOM   570  C CB    . PHE B 2 48  ? -7.942  -8.964  7.647   1.00 13.45 ? 84  PHE A CB    1 
ATOM   571  C CG    . PHE B 2 48  ? -8.196  -7.617  7.029   1.00 12.14 ? 84  PHE A CG    1 
ATOM   572  C CD1   . PHE B 2 48  ? -7.499  -6.492  7.466   1.00 10.15 ? 84  PHE A CD1   1 
ATOM   573  C CD2   . PHE B 2 48  ? -9.154  -7.469  6.031   1.00 10.22 ? 84  PHE A CD2   1 
ATOM   574  C CE1   . PHE B 2 48  ? -7.760  -5.242  6.922   1.00 9.04  ? 84  PHE A CE1   1 
ATOM   575  C CE2   . PHE B 2 48  ? -9.421  -6.220  5.480   1.00 10.40 ? 84  PHE A CE2   1 
ATOM   576  C CZ    . PHE B 2 48  ? -8.724  -5.105  5.929   1.00 9.77  ? 84  PHE A CZ    1 
ATOM   577  N N     . VAL B 2 49  ? -5.774  -10.966 8.746   1.00 13.78 ? 85  VAL A N     1 
ATOM   578  C CA    . VAL B 2 49  ? -5.505  -12.100 9.619   1.00 13.41 ? 85  VAL A CA    1 
ATOM   579  C C     . VAL B 2 49  ? -5.379  -11.585 11.046  1.00 14.50 ? 85  VAL A C     1 
ATOM   580  O O     . VAL B 2 49  ? -4.527  -10.741 11.349  1.00 14.74 ? 85  VAL A O     1 
ATOM   581  C CB    . VAL B 2 49  ? -4.195  -12.828 9.287   1.00 13.30 ? 85  VAL A CB    1 
ATOM   582  C CG1   . VAL B 2 49  ? -4.054  -14.051 10.205  1.00 7.65  ? 85  VAL A CG1   1 
ATOM   583  C CG2   . VAL B 2 49  ? -4.172  -13.231 7.823   1.00 15.64 ? 85  VAL A CG2   1 
ATOM   584  N N     . ASN B 2 50  ? -6.233  -12.089 11.925  1.00 13.41 ? 86  ASN A N     1 
ATOM   585  C CA    . ASN B 2 50  ? -6.182  -11.678 13.313  1.00 14.96 ? 86  ASN A CA    1 
ATOM   586  C C     . ASN B 2 50  ? -5.696  -12.837 14.181  1.00 14.07 ? 86  ASN A C     1 
ATOM   587  O O     . ASN B 2 50  ? -6.400  -13.829 14.371  1.00 14.65 ? 86  ASN A O     1 
ATOM   588  C CB    . ASN B 2 50  ? -7.557  -11.191 13.780  1.00 13.31 ? 86  ASN A CB    1 
ATOM   589  C CG    . ASN B 2 50  ? -7.481  -10.438 15.079  1.00 14.58 ? 86  ASN A CG    1 
ATOM   590  O OD1   . ASN B 2 50  ? -6.633  -9.569  15.245  1.00 19.07 ? 86  ASN A OD1   1 
ATOM   591  N ND2   . ASN B 2 50  ? -8.366  -10.759 16.011  1.00 17.60 ? 86  ASN A ND2   1 
ATOM   592  N N     . TYR B 2 51  ? -4.478  -12.703 14.695  1.00 14.25 ? 87  TYR A N     1 
ATOM   593  C CA    . TYR B 2 51  ? -3.891  -13.725 15.542  1.00 15.66 ? 87  TYR A CA    1 
ATOM   594  C C     . TYR B 2 51  ? -4.366  -13.666 16.987  1.00 18.54 ? 87  TYR A C     1 
ATOM   595  O O     . TYR B 2 51  ? -4.798  -12.616 17.471  1.00 17.79 ? 87  TYR A O     1 
ATOM   596  C CB    . TYR B 2 51  ? -2.363  -13.612 15.519  1.00 13.44 ? 87  TYR A CB    1 
ATOM   597  C CG    . TYR B 2 51  ? -1.761  -14.052 14.214  1.00 12.38 ? 87  TYR A CG    1 
ATOM   598  C CD1   . TYR B 2 51  ? -1.557  -13.141 13.171  1.00 12.27 ? 87  TYR A CD1   1 
ATOM   599  C CD2   . TYR B 2 51  ? -1.436  -15.392 13.996  1.00 11.11 ? 87  TYR A CD2   1 
ATOM   600  C CE1   . TYR B 2 51  ? -1.041  -13.555 11.945  1.00 9.37  ? 87  TYR A CE1   1 
ATOM   601  C CE2   . TYR B 2 51  ? -0.925  -15.820 12.779  1.00 10.46 ? 87  TYR A CE2   1 
ATOM   602  C CZ    . TYR B 2 51  ? -0.726  -14.895 11.756  1.00 12.52 ? 87  TYR A CZ    1 
ATOM   603  O OH    . TYR B 2 51  ? -0.193  -15.313 10.557  1.00 10.70 ? 87  TYR A OH    1 
ATOM   604  N N     . ILE B 2 52  ? -4.284  -14.808 17.668  1.00 21.42 ? 88  ILE A N     1 
ATOM   605  C CA    . ILE B 2 52  ? -4.652  -14.889 19.080  1.00 22.33 ? 88  ILE A CA    1 
ATOM   606  C C     . ILE B 2 52  ? -3.580  -14.093 19.842  1.00 21.55 ? 88  ILE A C     1 
ATOM   607  O O     . ILE B 2 52  ? -3.878  -13.164 20.587  1.00 25.35 ? 88  ILE A O     1 
ATOM   608  C CB    . ILE B 2 52  ? -4.617  -16.376 19.621  1.00 23.91 ? 88  ILE A CB    1 
ATOM   609  C CG1   . ILE B 2 52  ? -5.661  -17.249 18.923  1.00 21.47 ? 88  ILE A CG1   1 
ATOM   610  C CG2   . ILE B 2 52  ? -4.854  -16.398 21.133  1.00 20.80 ? 88  ILE A CG2   1 
ATOM   611  C CD1   . ILE B 2 52  ? -7.096  -16.905 19.267  1.00 22.99 ? 88  ILE A CD1   1 
ATOM   612  N N     . ASP B 2 53  ? -2.328  -14.471 19.605  1.00 19.39 ? 89  ASP A N     1 
ATOM   613  C CA    . ASP B 2 53  ? -1.156  -13.893 20.255  1.00 18.50 ? 89  ASP A CA    1 
ATOM   614  C C     . ASP B 2 53  ? -0.471  -12.808 19.411  1.00 17.05 ? 89  ASP A C     1 
ATOM   615  O O     . ASP B 2 53  ? -0.005  -13.074 18.304  1.00 18.43 ? 89  ASP A O     1 
ATOM   616  C CB    . ASP B 2 53  ? -0.174  -15.044 20.572  1.00 17.40 ? 89  ASP A CB    1 
ATOM   617  C CG    . ASP B 2 53  ? 1.085   -14.584 21.298  1.00 21.14 ? 89  ASP A CG    1 
ATOM   618  O OD1   . ASP B 2 53  ? 1.257   -13.369 21.517  1.00 23.81 ? 89  ASP A OD1   1 
ATOM   619  O OD2   . ASP B 2 53  ? 1.917   -15.449 21.649  1.00 22.07 ? 89  ASP A OD2   1 
ATOM   620  N N     . PRO B 2 54  ? -0.396  -11.569 19.931  1.00 15.97 ? 90  PRO A N     1 
ATOM   621  C CA    . PRO B 2 54  ? 0.245   -10.471 19.198  1.00 16.87 ? 90  PRO A CA    1 
ATOM   622  C C     . PRO B 2 54  ? 1.676   -10.775 18.731  1.00 17.98 ? 90  PRO A C     1 
ATOM   623  O O     . PRO B 2 54  ? 2.128   -10.264 17.697  1.00 16.77 ? 90  PRO A O     1 
ATOM   624  C CB    . PRO B 2 54  ? 0.168   -9.294  20.183  1.00 17.70 ? 90  PRO A CB    1 
ATOM   625  C CG    . PRO B 2 54  ? 0.027   -9.945  21.519  1.00 14.81 ? 90  PRO A CG    1 
ATOM   626  C CD    . PRO B 2 54  ? -0.898  -11.098 21.232  1.00 15.96 ? 90  PRO A CD    1 
ATOM   627  N N     . LYS B 2 55  ? 2.380   -11.612 19.487  1.00 19.82 ? 91  LYS A N     1 
ATOM   628  C CA    . LYS B 2 55  ? 3.742   -11.990 19.127  1.00 20.98 ? 91  LYS A CA    1 
ATOM   629  C C     . LYS B 2 55  ? 3.748   -12.747 17.803  1.00 20.56 ? 91  LYS A C     1 
ATOM   630  O O     . LYS B 2 55  ? 4.747   -12.744 17.073  1.00 19.65 ? 91  LYS A O     1 
ATOM   631  C CB    . LYS B 2 55  ? 4.371   -12.846 20.237  1.00 26.03 ? 91  LYS A CB    1 
ATOM   632  C CG    . LYS B 2 55  ? 5.261   -12.044 21.201  1.00 31.49 ? 91  LYS A CG    1 
ATOM   633  C CD    . LYS B 2 55  ? 5.801   -12.885 22.365  1.00 36.49 ? 91  LYS A CD    1 
ATOM   634  C CE    . LYS B 2 55  ? 4.815   -13.008 23.532  1.00 37.65 ? 91  LYS A CE    1 
ATOM   635  N NZ    . LYS B 2 55  ? 3.496   -13.557 23.123  1.00 41.20 ? 91  LYS A NZ    1 
ATOM   636  N N     . ASP B 2 56  ? 2.627   -13.394 17.491  1.00 19.94 ? 92  ASP A N     1 
ATOM   637  C CA    . ASP B 2 56  ? 2.513   -14.122 16.240  1.00 18.59 ? 92  ASP A CA    1 
ATOM   638  C C     . ASP B 2 56  ? 2.262   -13.156 15.080  1.00 17.73 ? 92  ASP A C     1 
ATOM   639  O O     . ASP B 2 56  ? 2.735   -13.384 13.966  1.00 18.49 ? 92  ASP A O     1 
ATOM   640  C CB    . ASP B 2 56  ? 1.416   -15.186 16.342  1.00 18.26 ? 92  ASP A CB    1 
ATOM   641  C CG    . ASP B 2 56  ? 1.888   -16.422 17.106  1.00 19.25 ? 92  ASP A CG    1 
ATOM   642  O OD1   . ASP B 2 56  ? 3.117   -16.549 17.289  1.00 19.26 ? 92  ASP A OD1   1 
ATOM   643  O OD2   . ASP B 2 56  ? 1.058   -17.263 17.514  1.00 16.97 ? 92  ASP A OD2   1 
ATOM   644  N N     . ALA B 2 57  ? 1.538   -12.068 15.341  1.00 17.51 ? 93  ALA A N     1 
ATOM   645  C CA    . ALA B 2 57  ? 1.273   -11.075 14.302  1.00 15.08 ? 93  ALA A CA    1 
ATOM   646  C C     . ALA B 2 57  ? 2.610   -10.466 13.939  1.00 15.41 ? 93  ALA A C     1 
ATOM   647  O O     . ALA B 2 57  ? 2.881   -10.164 12.784  1.00 17.75 ? 93  ALA A O     1 
ATOM   648  C CB    . ALA B 2 57  ? 0.346   -10.017 14.814  1.00 12.99 ? 93  ALA A CB    1 
ATOM   649  N N     . GLU B 2 58  ? 3.458   -10.302 14.944  1.00 16.44 ? 94  GLU A N     1 
ATOM   650  C CA    . GLU B 2 58  ? 4.785   -9.746  14.734  1.00 16.29 ? 94  GLU A CA    1 
ATOM   651  C C     . GLU B 2 58  ? 5.625   -10.713 13.892  1.00 15.83 ? 94  GLU A C     1 
ATOM   652  O O     . GLU B 2 58  ? 6.297   -10.299 12.951  1.00 16.85 ? 94  GLU A O     1 
ATOM   653  C CB    . GLU B 2 58  ? 5.465   -9.491  16.083  1.00 14.02 ? 94  GLU A CB    1 
ATOM   654  C CG    . GLU B 2 58  ? 6.834   -8.883  15.937  1.00 22.49 ? 94  GLU A CG    1 
ATOM   655  C CD    . GLU B 2 58  ? 7.476   -8.576  17.266  1.00 27.48 ? 94  GLU A CD    1 
ATOM   656  O OE1   . GLU B 2 58  ? 6.745   -8.573  18.276  1.00 30.01 ? 94  GLU A OE1   1 
ATOM   657  O OE2   . GLU B 2 58  ? 8.703   -8.327  17.295  1.00 31.36 ? 94  GLU A OE2   1 
ATOM   658  N N     . LYS B 2 59  ? 5.580   -12.001 14.234  1.00 14.83 ? 95  LYS A N     1 
ATOM   659  C CA    . LYS B 2 59  ? 6.319   -13.029 13.498  1.00 16.00 ? 95  LYS A CA    1 
ATOM   660  C C     . LYS B 2 59  ? 5.814   -13.134 12.048  1.00 14.90 ? 95  LYS A C     1 
ATOM   661  O O     . LYS B 2 59  ? 6.603   -13.355 11.132  1.00 15.51 ? 95  LYS A O     1 
ATOM   662  C CB    . LYS B 2 59  ? 6.166   -14.387 14.193  1.00 20.77 ? 95  LYS A CB    1 
ATOM   663  C CG    . LYS B 2 59  ? 7.218   -15.413 13.791  1.00 28.35 ? 95  LYS A CG    1 
ATOM   664  C CD    . LYS B 2 59  ? 6.687   -16.850 13.861  1.00 31.65 ? 95  LYS A CD    1 
ATOM   665  C CE    . LYS B 2 59  ? 6.129   -17.167 15.230  1.00 34.92 ? 95  LYS A CE    1 
ATOM   666  N NZ    . LYS B 2 59  ? 7.129   -16.899 16.295  1.00 40.65 ? 95  LYS A NZ    1 
ATOM   667  N N     . ALA B 2 60  ? 4.500   -12.993 11.845  1.00 12.78 ? 96  ALA A N     1 
ATOM   668  C CA    . ALA B 2 60  ? 3.916   -13.034 10.501  1.00 13.18 ? 96  ALA A CA    1 
ATOM   669  C C     . ALA B 2 60  ? 4.500   -11.906 9.638   1.00 14.77 ? 96  ALA A C     1 
ATOM   670  O O     . ALA B 2 60  ? 4.850   -12.105 8.470   1.00 15.88 ? 96  ALA A O     1 
ATOM   671  C CB    . ALA B 2 60  ? 2.407   -12.882 10.585  1.00 14.09 ? 96  ALA A CB    1 
ATOM   672  N N     . ILE B 2 61  ? 4.590   -10.707 10.205  1.00 12.79 ? 97  ILE A N     1 
ATOM   673  C CA    . ILE B 2 61  ? 5.158   -9.598  9.468   1.00 12.05 ? 97  ILE A CA    1 
ATOM   674  C C     . ILE B 2 61  ? 6.639   -9.870  9.172   1.00 14.83 ? 97  ILE A C     1 
ATOM   675  O O     . ILE B 2 61  ? 7.103   -9.719  8.038   1.00 15.91 ? 97  ILE A O     1 
ATOM   676  C CB    . ILE B 2 61  ? 5.064   -8.285  10.270  1.00 10.54 ? 97  ILE A CB    1 
ATOM   677  C CG1   . ILE B 2 61  ? 3.594   -7.880  10.459  1.00 9.72  ? 97  ILE A CG1   1 
ATOM   678  C CG2   . ILE B 2 61  ? 5.872   -7.199  9.560   1.00 12.14 ? 97  ILE A CG2   1 
ATOM   679  C CD1   . ILE B 2 61  ? 3.391   -6.531  11.109  1.00 3.82  ? 97  ILE A CD1   1 
ATOM   680  N N     . ASN B 2 62  ? 7.377   -10.275 10.200  1.00 14.70 ? 98  ASN A N     1 
ATOM   681  C CA    . ASN B 2 62  ? 8.803   -10.532 10.066  1.00 17.88 ? 98  ASN A CA    1 
ATOM   682  C C     . ASN B 2 62  ? 9.197   -11.619 9.073   1.00 18.49 ? 98  ASN A C     1 
ATOM   683  O O     . ASN B 2 62  ? 10.226  -11.514 8.402   1.00 21.81 ? 98  ASN A O     1 
ATOM   684  C CB    . ASN B 2 62  ? 9.391   -10.871 11.431  1.00 17.45 ? 98  ASN A CB    1 
ATOM   685  C CG    . ASN B 2 62  ? 9.420   -9.680  12.362  1.00 21.41 ? 98  ASN A CG    1 
ATOM   686  O OD1   . ASN B 2 62  ? 9.564   -9.829  13.577  1.00 24.18 ? 98  ASN A OD1   1 
ATOM   687  N ND2   . ASN B 2 62  ? 9.296   -8.480  11.796  1.00 25.17 ? 98  ASN A ND2   1 
ATOM   688  N N     . THR B 2 63  ? 8.377   -12.658 8.971   1.00 18.49 ? 99  THR A N     1 
ATOM   689  C CA    . THR B 2 63  ? 8.686   -13.767 8.089   1.00 14.54 ? 99  THR A CA    1 
ATOM   690  C C     . THR B 2 63  ? 7.968   -13.815 6.745   1.00 15.18 ? 99  THR A C     1 
ATOM   691  O O     . THR B 2 63  ? 8.525   -14.312 5.774   1.00 16.62 ? 99  THR A O     1 
ATOM   692  C CB    . THR B 2 63  ? 8.447   -15.090 8.829   1.00 13.65 ? 99  THR A CB    1 
ATOM   693  O OG1   . THR B 2 63  ? 7.065   -15.204 9.175   1.00 15.68 ? 99  THR A OG1   1 
ATOM   694  C CG2   . THR B 2 63  ? 9.261   -15.132 10.106  1.00 10.65 ? 99  THR A CG2   1 
ATOM   695  N N     . LEU B 2 64  ? 6.753   -13.286 6.668   1.00 15.74 ? 100 LEU A N     1 
ATOM   696  C CA    . LEU B 2 64  ? 5.984   -13.345 5.422   1.00 15.03 ? 100 LEU A CA    1 
ATOM   697  C C     . LEU B 2 64  ? 5.954   -12.106 4.521   1.00 16.19 ? 100 LEU A C     1 
ATOM   698  O O     . LEU B 2 64  ? 5.601   -12.206 3.338   1.00 17.61 ? 100 LEU A O     1 
ATOM   699  C CB    . LEU B 2 64  ? 4.549   -13.766 5.736   1.00 16.50 ? 100 LEU A CB    1 
ATOM   700  C CG    . LEU B 2 64  ? 4.403   -15.209 6.219   1.00 16.44 ? 100 LEU A CG    1 
ATOM   701  C CD1   . LEU B 2 64  ? 3.019   -15.441 6.804   1.00 17.82 ? 100 LEU A CD1   1 
ATOM   702  C CD2   . LEU B 2 64  ? 4.689   -16.149 5.050   1.00 17.84 ? 100 LEU A CD2   1 
ATOM   703  N N     . ASN B 2 65  ? 6.303   -10.945 5.061   1.00 11.54 ? 101 ASN A N     1 
ATOM   704  C CA    . ASN B 2 65  ? 6.303   -9.736  4.264   1.00 9.45  ? 101 ASN A CA    1 
ATOM   705  C C     . ASN B 2 65  ? 7.403   -9.887  3.220   1.00 11.09 ? 101 ASN A C     1 
ATOM   706  O O     . ASN B 2 65  ? 8.505   -10.329 3.540   1.00 11.58 ? 101 ASN A O     1 
ATOM   707  C CB    . ASN B 2 65  ? 6.567   -8.528  5.158   1.00 10.98 ? 101 ASN A CB    1 
ATOM   708  C CG    . ASN B 2 65  ? 6.526   -7.214  4.399   1.00 14.16 ? 101 ASN A CG    1 
ATOM   709  O OD1   . ASN B 2 65  ? 5.487   -6.824  3.845   1.00 12.79 ? 101 ASN A OD1   1 
ATOM   710  N ND2   . ASN B 2 65  ? 7.659   -6.520  4.372   1.00 12.74 ? 101 ASN A ND2   1 
ATOM   711  N N     . GLY B 2 66  ? 7.103   -9.539  1.969   1.00 12.22 ? 102 GLY A N     1 
ATOM   712  C CA    . GLY B 2 66  ? 8.090   -9.661  0.910   1.00 12.08 ? 102 GLY A CA    1 
ATOM   713  C C     . GLY B 2 66  ? 8.113   -11.019 0.216   1.00 12.22 ? 102 GLY A C     1 
ATOM   714  O O     . GLY B 2 66  ? 8.840   -11.217 -0.754  1.00 11.99 ? 102 GLY A O     1 
ATOM   715  N N     . LEU B 2 67  ? 7.326   -11.964 0.714   1.00 14.21 ? 103 LEU A N     1 
ATOM   716  C CA    . LEU B 2 67  ? 7.271   -13.289 0.110   1.00 17.57 ? 103 LEU A CA    1 
ATOM   717  C C     . LEU B 2 67  ? 6.731   -13.139 -1.316  1.00 18.57 ? 103 LEU A C     1 
ATOM   718  O O     . LEU B 2 67  ? 5.729   -12.466 -1.530  1.00 22.87 ? 103 LEU A O     1 
ATOM   719  C CB    . LEU B 2 67  ? 6.356   -14.214 0.928   1.00 13.43 ? 103 LEU A CB    1 
ATOM   720  C CG    . LEU B 2 67  ? 6.382   -15.695 0.521   1.00 12.08 ? 103 LEU A CG    1 
ATOM   721  C CD1   . LEU B 2 67  ? 7.741   -16.278 0.875   1.00 11.35 ? 103 LEU A CD1   1 
ATOM   722  C CD2   . LEU B 2 67  ? 5.283   -16.473 1.225   1.00 10.62 ? 103 LEU A CD2   1 
ATOM   723  N N     . ARG B 2 68  ? 7.401   -13.752 -2.288  1.00 20.74 ? 104 ARG A N     1 
ATOM   724  C CA    . ARG B 2 68  ? 6.971   -13.671 -3.684  1.00 21.00 ? 104 ARG A CA    1 
ATOM   725  C C     . ARG B 2 68  ? 6.086   -14.850 -4.091  1.00 20.47 ? 104 ARG A C     1 
ATOM   726  O O     . ARG B 2 68  ? 6.522   -15.996 -4.065  1.00 22.68 ? 104 ARG A O     1 
ATOM   727  C CB    . ARG B 2 68  ? 8.194   -13.593 -4.602  1.00 20.27 ? 104 ARG A CB    1 
ATOM   728  C CG    . ARG B 2 68  ? 9.002   -12.324 -4.418  1.00 25.47 ? 104 ARG A CG    1 
ATOM   729  C CD    . ARG B 2 68  ? 10.102  -12.185 -5.458  1.00 30.05 ? 104 ARG A CD    1 
ATOM   730  N NE    . ARG B 2 68  ? 11.114  -13.237 -5.363  1.00 33.18 ? 104 ARG A NE    1 
ATOM   731  C CZ    . ARG B 2 68  ? 11.911  -13.437 -4.311  1.00 34.53 ? 104 ARG A CZ    1 
ATOM   732  N NH1   . ARG B 2 68  ? 11.831  -12.658 -3.232  1.00 30.39 ? 104 ARG A NH1   1 
ATOM   733  N NH2   . ARG B 2 68  ? 12.802  -14.421 -4.345  1.00 37.23 ? 104 ARG A NH2   1 
ATOM   734  N N     . LEU B 2 69  ? 4.840   -14.560 -4.455  1.00 20.69 ? 105 LEU A N     1 
ATOM   735  C CA    . LEU B 2 69  ? 3.887   -15.588 -4.865  1.00 19.97 ? 105 LEU A CA    1 
ATOM   736  C C     . LEU B 2 69  ? 3.417   -15.249 -6.268  1.00 20.76 ? 105 LEU A C     1 
ATOM   737  O O     . LEU B 2 69  ? 2.897   -14.159 -6.491  1.00 22.19 ? 105 LEU A O     1 
ATOM   738  C CB    . LEU B 2 69  ? 2.692   -15.623 -3.910  1.00 18.83 ? 105 LEU A CB    1 
ATOM   739  C CG    . LEU B 2 69  ? 3.024   -15.905 -2.440  1.00 20.74 ? 105 LEU A CG    1 
ATOM   740  C CD1   . LEU B 2 69  ? 1.769   -15.827 -1.597  1.00 20.55 ? 105 LEU A CD1   1 
ATOM   741  C CD2   . LEU B 2 69  ? 3.669   -17.270 -2.311  1.00 23.03 ? 105 LEU A CD2   1 
ATOM   742  N N     . GLN B 2 70  ? 3.586   -16.186 -7.200  1.00 20.42 ? 106 GLN A N     1 
ATOM   743  C CA    . GLN B 2 70  ? 3.223   -15.968 -8.594  1.00 20.27 ? 106 GLN A CA    1 
ATOM   744  C C     . GLN B 2 70  ? 3.880   -14.662 -9.054  1.00 19.79 ? 106 GLN A C     1 
ATOM   745  O O     . GLN B 2 70  ? 5.096   -14.520 -8.928  1.00 20.18 ? 106 GLN A O     1 
ATOM   746  C CB    . GLN B 2 70  ? 1.702   -15.928 -8.766  1.00 24.14 ? 106 GLN A CB    1 
ATOM   747  C CG    . GLN B 2 70  ? 1.045   -17.308 -8.824  1.00 27.90 ? 106 GLN A CG    1 
ATOM   748  C CD    . GLN B 2 70  ? 1.051   -18.048 -7.487  1.00 32.22 ? 106 GLN A CD    1 
ATOM   749  O OE1   . GLN B 2 70  ? 0.324   -17.685 -6.557  1.00 36.02 ? 106 GLN A OE1   1 
ATOM   750  N NE2   . GLN B 2 70  ? 1.868   -19.095 -7.389  1.00 30.58 ? 106 GLN A NE2   1 
ATOM   751  N N     . THR B 2 71  ? 3.110   -13.705 -9.569  1.00 19.76 ? 107 THR A N     1 
ATOM   752  C CA    . THR B 2 71  ? 3.702   -12.440 -10.026 1.00 18.03 ? 107 THR A CA    1 
ATOM   753  C C     . THR B 2 71  ? 3.790   -11.370 -8.939  1.00 18.49 ? 107 THR A C     1 
ATOM   754  O O     . THR B 2 71  ? 4.328   -10.282 -9.173  1.00 17.87 ? 107 THR A O     1 
ATOM   755  C CB    . THR B 2 71  ? 2.910   -11.827 -11.194 1.00 19.68 ? 107 THR A CB    1 
ATOM   756  O OG1   . THR B 2 71  ? 1.527   -11.735 -10.832 1.00 17.91 ? 107 THR A OG1   1 
ATOM   757  C CG2   . THR B 2 71  ? 3.082   -12.657 -12.467 1.00 20.99 ? 107 THR A CG2   1 
ATOM   758  N N     . LYS B 2 72  ? 3.277   -11.694 -7.753  1.00 16.91 ? 108 LYS A N     1 
ATOM   759  C CA    . LYS B 2 72  ? 3.243   -10.768 -6.626  1.00 14.06 ? 108 LYS A CA    1 
ATOM   760  C C     . LYS B 2 72  ? 4.347   -10.901 -5.577  1.00 15.26 ? 108 LYS A C     1 
ATOM   761  O O     . LYS B 2 72  ? 4.982   -11.951 -5.421  1.00 15.99 ? 108 LYS A O     1 
ATOM   762  C CB    . LYS B 2 72  ? 1.895   -10.895 -5.907  1.00 13.92 ? 108 LYS A CB    1 
ATOM   763  C CG    . LYS B 2 72  ? 0.683   -10.744 -6.804  1.00 13.33 ? 108 LYS A CG    1 
ATOM   764  C CD    . LYS B 2 72  ? 0.675   -9.388  -7.476  1.00 16.76 ? 108 LYS A CD    1 
ATOM   765  C CE    . LYS B 2 72  ? -0.643  -9.153  -8.181  1.00 19.61 ? 108 LYS A CE    1 
ATOM   766  N NZ    . LYS B 2 72  ? -0.681  -7.842  -8.881  1.00 23.12 ? 108 LYS A NZ    1 
ATOM   767  N N     . THR B 2 73  ? 4.562   -9.797  -4.869  1.00 14.16 ? 109 THR A N     1 
ATOM   768  C CA    . THR B 2 73  ? 5.497   -9.720  -3.753  1.00 13.62 ? 109 THR A CA    1 
ATOM   769  C C     . THR B 2 73  ? 4.527   -9.212  -2.687  1.00 13.40 ? 109 THR A C     1 
ATOM   770  O O     . THR B 2 73  ? 4.193   -8.026  -2.666  1.00 14.51 ? 109 THR A O     1 
ATOM   771  C CB    . THR B 2 73  ? 6.610   -8.674  -3.987  1.00 14.19 ? 109 THR A CB    1 
ATOM   772  O OG1   . THR B 2 73  ? 7.356   -9.024  -5.156  1.00 18.31 ? 109 THR A OG1   1 
ATOM   773  C CG2   . THR B 2 73  ? 7.571   -8.626  -2.793  1.00 7.75  ? 109 THR A CG2   1 
ATOM   774  N N     . ILE B 2 74  ? 4.049   -10.111 -1.830  1.00 9.52  ? 110 ILE A N     1 
ATOM   775  C CA    . ILE B 2 74  ? 3.080   -9.719  -0.824  1.00 8.83  ? 110 ILE A CA    1 
ATOM   776  C C     . ILE B 2 74  ? 3.636   -8.811  0.247   1.00 10.29 ? 110 ILE A C     1 
ATOM   777  O O     . ILE B 2 74  ? 4.848   -8.772  0.512   1.00 10.11 ? 110 ILE A O     1 
ATOM   778  C CB    . ILE B 2 74  ? 2.400   -10.955 -0.146  1.00 8.32  ? 110 ILE A CB    1 
ATOM   779  C CG1   . ILE B 2 74  ? 3.335   -11.620 0.878   1.00 8.26  ? 110 ILE A CG1   1 
ATOM   780  C CG2   . ILE B 2 74  ? 1.992   -11.944 -1.217  1.00 7.44  ? 110 ILE A CG2   1 
ATOM   781  C CD1   . ILE B 2 74  ? 2.672   -12.746 1.694   1.00 6.46  ? 110 ILE A CD1   1 
ATOM   782  N N     . LYS B 2 75  ? 2.726   -8.056  0.842   1.00 8.85  ? 111 LYS A N     1 
ATOM   783  C CA    . LYS B 2 75  ? 3.081   -7.147  1.907   1.00 9.58  ? 111 LYS A CA    1 
ATOM   784  C C     . LYS B 2 75  ? 2.243   -7.509  3.129   1.00 9.75  ? 111 LYS A C     1 
ATOM   785  O O     . LYS B 2 75  ? 1.035   -7.734  3.029   1.00 9.88  ? 111 LYS A O     1 
ATOM   786  C CB    . LYS B 2 75  ? 2.815   -5.696  1.475   1.00 8.33  ? 111 LYS A CB    1 
ATOM   787  C CG    . LYS B 2 75  ? 3.065   -4.678  2.574   1.00 9.95  ? 111 LYS A CG    1 
ATOM   788  C CD    . LYS B 2 75  ? 2.943   -3.263  2.098   1.00 9.81  ? 111 LYS A CD    1 
ATOM   789  C CE    . LYS B 2 75  ? 3.005   -2.324  3.281   1.00 12.65 ? 111 LYS A CE    1 
ATOM   790  N NZ    . LYS B 2 75  ? 2.745   -0.911  2.894   1.00 15.41 ? 111 LYS A NZ    1 
ATOM   791  N N     . VAL B 2 76  ? 2.894   -7.593  4.281   1.00 10.12 ? 112 VAL A N     1 
ATOM   792  C CA    . VAL B 2 76  ? 2.199   -7.914  5.519   1.00 9.96  ? 112 VAL A CA    1 
ATOM   793  C C     . VAL B 2 76  ? 2.460   -6.802  6.536   1.00 10.92 ? 112 VAL A C     1 
ATOM   794  O O     . VAL B 2 76  ? 3.609   -6.482  6.839   1.00 13.02 ? 112 VAL A O     1 
ATOM   795  C CB    . VAL B 2 76  ? 2.671   -9.268  6.099   1.00 9.08  ? 112 VAL A CB    1 
ATOM   796  C CG1   . VAL B 2 76  ? 1.815   -9.635  7.319   1.00 8.12  ? 112 VAL A CG1   1 
ATOM   797  C CG2   . VAL B 2 76  ? 2.588   -10.362 5.017   1.00 3.85  ? 112 VAL A CG2   1 
ATOM   798  N N     . SER B 2 77  ? 1.397   -6.199  7.049   1.00 9.23  ? 113 SER A N     1 
ATOM   799  C CA    . SER B 2 77  ? 1.562   -5.130  8.012   1.00 10.32 ? 113 SER A CA    1 
ATOM   800  C C     . SER B 2 77  ? 0.367   -5.063  8.944   1.00 11.49 ? 113 SER A C     1 
ATOM   801  O O     . SER B 2 77  ? -0.567  -5.847  8.810   1.00 12.34 ? 113 SER A O     1 
ATOM   802  C CB    . SER B 2 77  ? 1.769   -3.795  7.283   1.00 10.63 ? 113 SER A CB    1 
ATOM   803  O OG    . SER B 2 77  ? 0.740   -3.529  6.350   1.00 5.68  ? 113 SER A OG    1 
ATOM   804  N N     . TYR B 2 78  ? 0.402   -4.141  9.905   1.00 12.95 ? 114 TYR A N     1 
ATOM   805  C CA    . TYR B 2 78  ? -0.703  -4.006  10.857  1.00 10.99 ? 114 TYR A CA    1 
ATOM   806  C C     . TYR B 2 78  ? -1.916  -3.319  10.245  1.00 9.44  ? 114 TYR A C     1 
ATOM   807  O O     . TYR B 2 78  ? -1.778  -2.344  9.520   1.00 11.10 ? 114 TYR A O     1 
ATOM   808  C CB    . TYR B 2 78  ? -0.248  -3.231  12.098  1.00 7.68  ? 114 TYR A CB    1 
ATOM   809  C CG    . TYR B 2 78  ? 0.727   -3.987  12.976  1.00 10.13 ? 114 TYR A CG    1 
ATOM   810  C CD1   . TYR B 2 78  ? 0.322   -5.133  13.677  1.00 9.61  ? 114 TYR A CD1   1 
ATOM   811  C CD2   . TYR B 2 78  ? 2.060   -3.577  13.092  1.00 7.30  ? 114 TYR A CD2   1 
ATOM   812  C CE1   . TYR B 2 78  ? 1.219   -5.848  14.467  1.00 10.66 ? 114 TYR A CE1   1 
ATOM   813  C CE2   . TYR B 2 78  ? 2.963   -4.290  13.880  1.00 10.34 ? 114 TYR A CE2   1 
ATOM   814  C CZ    . TYR B 2 78  ? 2.532   -5.423  14.562  1.00 12.55 ? 114 TYR A CZ    1 
ATOM   815  O OH    . TYR B 2 78  ? 3.413   -6.132  15.339  1.00 17.43 ? 114 TYR A OH    1 
ATOM   816  N N     . ALA B 2 79  ? -3.101  -3.850  10.525  1.00 9.75  ? 115 ALA A N     1 
ATOM   817  C CA    . ALA B 2 79  ? -4.331  -3.259  10.024  1.00 9.49  ? 115 ALA A CA    1 
ATOM   818  C C     . ALA B 2 79  ? -4.655  -2.108  10.941  1.00 10.63 ? 115 ALA A C     1 
ATOM   819  O O     . ALA B 2 79  ? -4.746  -2.277  12.155  1.00 11.22 ? 115 ALA A O     1 
ATOM   820  C CB    . ALA B 2 79  ? -5.479  -4.267  10.043  1.00 6.59  ? 115 ALA A CB    1 
ATOM   821  N N     . ARG B 2 80  ? -4.797  -0.924  10.361  1.00 12.72 ? 116 ARG A N     1 
ATOM   822  C CA    . ARG B 2 80  ? -5.143  0.242   11.138  1.00 11.57 ? 116 ARG A CA    1 
ATOM   823  C C     . ARG B 2 80  ? -6.616  0.040   11.436  1.00 14.22 ? 116 ARG A C     1 
ATOM   824  O O     . ARG B 2 80  ? -7.302  -0.721  10.740  1.00 11.71 ? 116 ARG A O     1 
ATOM   825  C CB    . ARG B 2 80  ? -4.954  1.513   10.306  1.00 10.81 ? 116 ARG A CB    1 
ATOM   826  C CG    . ARG B 2 80  ? -3.519  1.812   9.923   1.00 10.40 ? 116 ARG A CG    1 
ATOM   827  C CD    . ARG B 2 80  ? -3.468  2.784   8.760   1.00 12.08 ? 116 ARG A CD    1 
ATOM   828  N NE    . ARG B 2 80  ? -3.690  2.104   7.485   1.00 14.08 ? 116 ARG A NE    1 
ATOM   829  C CZ    . ARG B 2 80  ? -4.164  2.690   6.389   1.00 15.47 ? 116 ARG A CZ    1 
ATOM   830  N NH1   . ARG B 2 80  ? -4.478  3.979   6.403   1.00 11.77 ? 116 ARG A NH1   1 
ATOM   831  N NH2   . ARG B 2 80  ? -4.322  1.986   5.273   1.00 14.88 ? 116 ARG A NH2   1 
ATOM   832  N N     . PRO B 2 81  ? -7.124  0.692   12.490  1.00 14.33 ? 117 PRO A N     1 
ATOM   833  C CA    . PRO B 2 81  ? -8.535  0.546   12.820  1.00 14.97 ? 117 PRO A CA    1 
ATOM   834  C C     . PRO B 2 81  ? -9.380  0.854   11.589  1.00 15.92 ? 117 PRO A C     1 
ATOM   835  O O     . PRO B 2 81  ? -9.131  1.836   10.892  1.00 16.63 ? 117 PRO A O     1 
ATOM   836  C CB    . PRO B 2 81  ? -8.722  1.574   13.920  1.00 13.32 ? 117 PRO A CB    1 
ATOM   837  C CG    . PRO B 2 81  ? -7.424  1.493   14.640  1.00 14.37 ? 117 PRO A CG    1 
ATOM   838  C CD    . PRO B 2 81  ? -6.429  1.491   13.512  1.00 15.23 ? 117 PRO A CD    1 
ATOM   839  N N     . SER B 2 82  ? -10.362 0.001   11.319  1.00 17.34 ? 118 SER A N     1 
ATOM   840  C CA    . SER B 2 82  ? -11.242 0.187   10.176  1.00 20.41 ? 118 SER A CA    1 
ATOM   841  C C     . SER B 2 82  ? -11.970 1.491   10.420  1.00 21.36 ? 118 SER A C     1 
ATOM   842  O O     . SER B 2 82  ? -12.599 1.667   11.449  1.00 23.28 ? 118 SER A O     1 
ATOM   843  C CB    . SER B 2 82  ? -12.245 -0.964  10.082  1.00 21.11 ? 118 SER A CB    1 
ATOM   844  O OG    . SER B 2 82  ? -12.999 -0.890  8.886   1.00 24.69 ? 118 SER A OG    1 
ATOM   845  N N     . SER B 2 83  ? -11.874 2.411   9.478   1.00 22.10 ? 119 SER A N     1 
ATOM   846  C CA    . SER B 2 83  ? -12.516 3.701   9.631   1.00 23.37 ? 119 SER A CA    1 
ATOM   847  C C     . SER B 2 83  ? -12.682 4.308   8.247   1.00 21.64 ? 119 SER A C     1 
ATOM   848  O O     . SER B 2 83  ? -11.862 4.063   7.358   1.00 23.27 ? 119 SER A O     1 
ATOM   849  C CB    . SER B 2 83  ? -11.644 4.600   10.513  1.00 25.14 ? 119 SER A CB    1 
ATOM   850  O OG    . SER B 2 83  ? -12.192 5.900   10.654  1.00 30.17 ? 119 SER A OG    1 
ATOM   851  N N     . ALA B 2 84  ? -13.746 5.083   8.063   1.00 19.15 ? 120 ALA A N     1 
ATOM   852  C CA    . ALA B 2 84  ? -13.998 5.719   6.781   1.00 16.05 ? 120 ALA A CA    1 
ATOM   853  C C     . ALA B 2 84  ? -12.952 6.802   6.537   1.00 16.44 ? 120 ALA A C     1 
ATOM   854  O O     . ALA B 2 84  ? -12.775 7.268   5.411   1.00 17.61 ? 120 ALA A O     1 
ATOM   855  C CB    . ALA B 2 84  ? -15.395 6.312   6.758   1.00 15.23 ? 120 ALA A CB    1 
ATOM   856  N N     . SER B 2 85  ? -12.242 7.184   7.596   1.00 18.13 ? 121 SER A N     1 
ATOM   857  C CA    . SER B 2 85  ? -11.212 8.218   7.494   1.00 19.41 ? 121 SER A CA    1 
ATOM   858  C C     . SER B 2 85  ? -9.959  7.779   6.736   1.00 19.46 ? 121 SER A C     1 
ATOM   859  O O     . SER B 2 85  ? -9.189  8.629   6.285   1.00 19.59 ? 121 SER A O     1 
ATOM   860  C CB    . SER B 2 85  ? -10.819 8.727   8.888   1.00 18.81 ? 121 SER A CB    1 
ATOM   861  O OG    . SER B 2 85  ? -10.239 7.708   9.685   1.00 21.57 ? 121 SER A OG    1 
ATOM   862  N N     . ILE B 2 86  ? -9.750  6.468   6.599   1.00 17.24 ? 122 ILE A N     1 
ATOM   863  C CA    . ILE B 2 86  ? -8.581  5.970   5.874   1.00 19.80 ? 122 ILE A CA    1 
ATOM   864  C C     . ILE B 2 86  ? -8.927  5.626   4.427   1.00 19.66 ? 122 ILE A C     1 
ATOM   865  O O     . ILE B 2 86  ? -8.049  5.290   3.639   1.00 21.16 ? 122 ILE A O     1 
ATOM   866  C CB    . ILE B 2 86  ? -7.937  4.715   6.554   1.00 18.92 ? 122 ILE A CB    1 
ATOM   867  C CG1   . ILE B 2 86  ? -8.873  3.515   6.486   1.00 17.83 ? 122 ILE A CG1   1 
ATOM   868  C CG2   . ILE B 2 86  ? -7.604  5.027   8.006   1.00 19.26 ? 122 ILE A CG2   1 
ATOM   869  C CD1   . ILE B 2 86  ? -8.313  2.294   7.164   1.00 15.55 ? 122 ILE A CD1   1 
ATOM   870  N N     . ARG B 2 87  ? -10.205 5.726   4.079   1.00 20.93 ? 123 ARG A N     1 
ATOM   871  C CA    . ARG B 2 87  ? -10.650 5.447   2.717   1.00 21.00 ? 123 ARG A CA    1 
ATOM   872  C C     . ARG B 2 87  ? -10.405 6.647   1.817   1.00 21.57 ? 123 ARG A C     1 
ATOM   873  O O     . ARG B 2 87  ? -10.358 7.784   2.289   1.00 22.45 ? 123 ARG A O     1 
ATOM   874  C CB    . ARG B 2 87  ? -12.142 5.099   2.699   1.00 23.59 ? 123 ARG A CB    1 
ATOM   875  C CG    . ARG B 2 87  ? -12.454 3.652   3.092   1.00 30.17 ? 123 ARG A CG    1 
ATOM   876  C CD    . ARG B 2 87  ? -13.952 3.404   3.187   1.00 34.32 ? 123 ARG A CD    1 
ATOM   877  N NE    . ARG B 2 87  ? -14.653 3.699   1.938   1.00 37.13 ? 123 ARG A NE    1 
ATOM   878  C CZ    . ARG B 2 87  ? -15.982 3.669   1.799   1.00 40.58 ? 123 ARG A CZ    1 
ATOM   879  N NH1   . ARG B 2 87  ? -16.761 3.362   2.836   1.00 39.57 ? 123 ARG A NH1   1 
ATOM   880  N NH2   . ARG B 2 87  ? -16.539 3.940   0.619   1.00 39.54 ? 123 ARG A NH2   1 
ATOM   881  N N     . ASP B 2 88  ? -10.245 6.382   0.521   1.00 20.09 ? 124 ASP A N     1 
ATOM   882  C CA    . ASP B 2 88  ? -10.019 7.420   -0.478  1.00 17.40 ? 124 ASP A CA    1 
ATOM   883  C C     . ASP B 2 88  ? -8.851  8.347   -0.141  1.00 17.21 ? 124 ASP A C     1 
ATOM   884  O O     . ASP B 2 88  ? -9.004  9.570   -0.196  1.00 17.91 ? 124 ASP A O     1 
ATOM   885  C CB    . ASP B 2 88  ? -11.290 8.266   -0.650  1.00 20.69 ? 124 ASP A CB    1 
ATOM   886  C CG    . ASP B 2 88  ? -12.476 7.468   -1.183  1.00 20.51 ? 124 ASP A CG    1 
ATOM   887  O OD1   . ASP B 2 88  ? -13.598 8.014   -1.160  1.00 24.30 ? 124 ASP A OD1   1 
ATOM   888  O OD2   . ASP B 2 88  ? -12.299 6.313   -1.624  1.00 21.81 ? 124 ASP A OD2   1 
ATOM   889  N N     . ALA B 2 89  ? -7.692  7.783   0.198   1.00 15.67 ? 125 ALA A N     1 
ATOM   890  C CA    . ALA B 2 89  ? -6.520  8.592   0.542   1.00 11.98 ? 125 ALA A CA    1 
ATOM   891  C C     . ALA B 2 89  ? -5.368  8.321   -0.418  1.00 13.73 ? 125 ALA A C     1 
ATOM   892  O O     . ALA B 2 89  ? -4.193  8.541   -0.095  1.00 14.20 ? 125 ALA A O     1 
ATOM   893  C CB    . ALA B 2 89  ? -6.093  8.286   1.957   1.00 12.24 ? 125 ALA A CB    1 
ATOM   894  N N     . ASN B 2 90  ? -5.724  7.847   -1.606  1.00 13.30 ? 126 ASN A N     1 
ATOM   895  C CA    . ASN B 2 90  ? -4.768  7.492   -2.642  1.00 14.63 ? 126 ASN A CA    1 
ATOM   896  C C     . ASN B 2 90  ? -4.668  8.605   -3.686  1.00 15.26 ? 126 ASN A C     1 
ATOM   897  O O     . ASN B 2 90  ? -5.680  9.043   -4.231  1.00 16.24 ? 126 ASN A O     1 
ATOM   898  C CB    . ASN B 2 90  ? -5.216  6.171   -3.284  1.00 16.51 ? 126 ASN A CB    1 
ATOM   899  C CG    . ASN B 2 90  ? -4.168  5.564   -4.182  1.00 18.98 ? 126 ASN A CG    1 
ATOM   900  O OD1   . ASN B 2 90  ? -3.001  5.439   -3.808  1.00 16.53 ? 126 ASN A OD1   1 
ATOM   901  N ND2   . ASN B 2 90  ? -4.584  5.161   -5.378  1.00 20.82 ? 126 ASN A ND2   1 
ATOM   902  N N     . LEU B 2 91  ? -3.441  9.054   -3.956  1.00 14.03 ? 127 LEU A N     1 
ATOM   903  C CA    . LEU B 2 91  ? -3.192  10.129  -4.919  1.00 13.99 ? 127 LEU A CA    1 
ATOM   904  C C     . LEU B 2 91  ? -2.456  9.691   -6.180  1.00 14.13 ? 127 LEU A C     1 
ATOM   905  O O     . LEU B 2 91  ? -1.648  8.765   -6.159  1.00 14.03 ? 127 LEU A O     1 
ATOM   906  C CB    . LEU B 2 91  ? -2.376  11.245  -4.262  1.00 13.51 ? 127 LEU A CB    1 
ATOM   907  C CG    . LEU B 2 91  ? -2.906  11.897  -2.987  1.00 9.56  ? 127 LEU A CG    1 
ATOM   908  C CD1   . LEU B 2 91  ? -1.859  12.854  -2.446  1.00 8.98  ? 127 LEU A CD1   1 
ATOM   909  C CD2   . LEU B 2 91  ? -4.208  12.611  -3.281  1.00 10.61 ? 127 LEU A CD2   1 
ATOM   910  N N     . TYR B 2 92  ? -2.757  10.369  -7.283  1.00 16.06 ? 128 TYR A N     1 
ATOM   911  C CA    . TYR B 2 92  ? -2.102  10.108  -8.561  1.00 18.34 ? 128 TYR A CA    1 
ATOM   912  C C     . TYR B 2 92  ? -1.218  11.326  -8.815  1.00 18.58 ? 128 TYR A C     1 
ATOM   913  O O     . TYR B 2 92  ? -1.698  12.465  -8.808  1.00 20.10 ? 128 TYR A O     1 
ATOM   914  C CB    . TYR B 2 92  ? -3.123  9.963   -9.706  1.00 19.28 ? 128 TYR A CB    1 
ATOM   915  C CG    . TYR B 2 92  ? -2.466  9.947   -11.078 1.00 20.54 ? 128 TYR A CG    1 
ATOM   916  C CD1   . TYR B 2 92  ? -1.752  8.830   -11.521 1.00 22.25 ? 128 TYR A CD1   1 
ATOM   917  C CD2   . TYR B 2 92  ? -2.491  11.077  -11.897 1.00 19.37 ? 128 TYR A CD2   1 
ATOM   918  C CE1   . TYR B 2 92  ? -1.070  8.838   -12.748 1.00 22.33 ? 128 TYR A CE1   1 
ATOM   919  C CE2   . TYR B 2 92  ? -1.816  11.104  -13.120 1.00 21.71 ? 128 TYR A CE2   1 
ATOM   920  C CZ    . TYR B 2 92  ? -1.103  9.981   -13.541 1.00 24.83 ? 128 TYR A CZ    1 
ATOM   921  O OH    . TYR B 2 92  ? -0.414  10.011  -14.741 1.00 25.89 ? 128 TYR A OH    1 
ATOM   922  N N     . VAL B 2 93  ? 0.069   11.091  -9.037  1.00 18.37 ? 129 VAL A N     1 
ATOM   923  C CA    . VAL B 2 93  ? 0.995   12.183  -9.267  1.00 18.07 ? 129 VAL A CA    1 
ATOM   924  C C     . VAL B 2 93  ? 1.707   12.081  -10.615 1.00 20.23 ? 129 VAL A C     1 
ATOM   925  O O     . VAL B 2 93  ? 2.147   10.999  -11.023 1.00 20.55 ? 129 VAL A O     1 
ATOM   926  C CB    . VAL B 2 93  ? 2.049   12.243  -8.149  1.00 16.88 ? 129 VAL A CB    1 
ATOM   927  C CG1   . VAL B 2 93  ? 2.880   13.504  -8.293  1.00 17.95 ? 129 VAL A CG1   1 
ATOM   928  C CG2   . VAL B 2 93  ? 1.362   12.211  -6.793  1.00 19.09 ? 129 VAL A CG2   1 
ATOM   929  N N     . SER B 2 94  ? 1.819   13.215  -11.304 1.00 18.99 ? 130 SER A N     1 
ATOM   930  C CA    . SER B 2 94  ? 2.479   13.252  -12.600 1.00 18.57 ? 130 SER A CA    1 
ATOM   931  C C     . SER B 2 94  ? 3.380   14.471  -12.715 1.00 18.99 ? 130 SER A C     1 
ATOM   932  O O     . SER B 2 94  ? 3.289   15.409  -11.916 1.00 18.99 ? 130 SER A O     1 
ATOM   933  C CB    . SER B 2 94  ? 1.441   13.277  -13.722 1.00 20.73 ? 130 SER A CB    1 
ATOM   934  O OG    . SER B 2 94  ? 0.588   14.405  -13.614 1.00 25.83 ? 130 SER A OG    1 
ATOM   935  N N     . GLY B 2 95  ? 4.261   14.441  -13.708 1.00 18.86 ? 131 GLY A N     1 
ATOM   936  C CA    . GLY B 2 95  ? 5.164   15.550  -13.931 1.00 18.29 ? 131 GLY A CA    1 
ATOM   937  C C     . GLY B 2 95  ? 6.384   15.547  -13.036 1.00 20.17 ? 131 GLY A C     1 
ATOM   938  O O     . GLY B 2 95  ? 7.149   16.510  -13.032 1.00 22.50 ? 131 GLY A O     1 
ATOM   939  N N     . LEU B 2 96  ? 6.575   14.473  -12.279 1.00 19.92 ? 132 LEU A N     1 
ATOM   940  C CA    . LEU B 2 96  ? 7.718   14.376  -11.376 1.00 18.80 ? 132 LEU A CA    1 
ATOM   941  C C     . LEU B 2 96  ? 9.008   14.361  -12.169 1.00 21.18 ? 132 LEU A C     1 
ATOM   942  O O     . LEU B 2 96  ? 9.032   13.934  -13.334 1.00 21.12 ? 132 LEU A O     1 
ATOM   943  C CB    . LEU B 2 96  ? 7.671   13.084  -10.557 1.00 16.79 ? 132 LEU A CB    1 
ATOM   944  C CG    . LEU B 2 96  ? 6.476   12.744  -9.665  1.00 19.11 ? 132 LEU A CG    1 
ATOM   945  C CD1   . LEU B 2 96  ? 6.578   11.272  -9.242  1.00 12.24 ? 132 LEU A CD1   1 
ATOM   946  C CD2   . LEU B 2 96  ? 6.433   13.690  -8.450  1.00 17.04 ? 132 LEU A CD2   1 
ATOM   947  N N     . PRO B 2 97  ? 10.099  14.863  -11.566 1.00 20.67 ? 133 PRO A N     1 
ATOM   948  C CA    . PRO B 2 97  ? 11.355  14.833  -12.314 1.00 22.32 ? 133 PRO A CA    1 
ATOM   949  C C     . PRO B 2 97  ? 11.749  13.354  -12.380 1.00 23.38 ? 133 PRO A C     1 
ATOM   950  O O     . PRO B 2 97  ? 11.711  12.653  -11.367 1.00 22.65 ? 133 PRO A O     1 
ATOM   951  C CB    . PRO B 2 97  ? 12.297  15.689  -11.455 1.00 23.92 ? 133 PRO A CB    1 
ATOM   952  C CG    . PRO B 2 97  ? 11.677  15.660  -10.083 1.00 22.88 ? 133 PRO A CG    1 
ATOM   953  C CD    . PRO B 2 97  ? 10.208  15.714  -10.371 1.00 19.76 ? 133 PRO A CD    1 
ATOM   954  N N     . LYS B 2 98  ? 12.097  12.877  -13.575 1.00 24.49 ? 134 LYS A N     1 
ATOM   955  C CA    . LYS B 2 98  ? 12.449  11.470  -13.774 1.00 24.86 ? 134 LYS A CA    1 
ATOM   956  C C     . LYS B 2 98  ? 13.694  11.025  -13.016 1.00 25.53 ? 134 LYS A C     1 
ATOM   957  O O     . LYS B 2 98  ? 14.012  9.835   -12.964 1.00 24.59 ? 134 LYS A O     1 
ATOM   958  C CB    . LYS B 2 98  ? 12.594  11.184  -15.268 1.00 24.03 ? 134 LYS A CB    1 
ATOM   959  C CG    . LYS B 2 98  ? 11.403  11.688  -16.073 1.00 23.03 ? 134 LYS A CG    1 
ATOM   960  C CD    . LYS B 2 98  ? 11.309  11.011  -17.421 1.00 27.57 ? 134 LYS A CD    1 
ATOM   961  C CE    . LYS B 2 98  ? 10.140  11.550  -18.225 1.00 26.77 ? 134 LYS A CE    1 
ATOM   962  N NZ    . LYS B 2 98  ? 10.392  12.952  -18.633 1.00 31.62 ? 134 LYS A NZ    1 
ATOM   963  N N     . THR B 2 99  ? 14.384  11.995  -12.424 1.00 26.25 ? 135 THR A N     1 
ATOM   964  C CA    . THR B 2 99  ? 15.578  11.740  -11.633 1.00 26.29 ? 135 THR A CA    1 
ATOM   965  C C     . THR B 2 99  ? 15.180  11.401  -10.195 1.00 27.37 ? 135 THR A C     1 
ATOM   966  O O     . THR B 2 99  ? 15.985  10.878  -9.427  1.00 28.17 ? 135 THR A O     1 
ATOM   967  C CB    . THR B 2 99  ? 16.496  12.983  -11.619 1.00 25.76 ? 135 THR A CB    1 
ATOM   968  O OG1   . THR B 2 99  ? 15.705  14.157  -11.827 1.00 28.97 ? 135 THR A OG1   1 
ATOM   969  C CG2   . THR B 2 99  ? 17.549  12.896  -12.715 1.00 25.00 ? 135 THR A CG2   1 
ATOM   970  N N     . MET B 2 100 ? 13.928  11.687  -9.843  1.00 27.93 ? 136 MET A N     1 
ATOM   971  C CA    . MET B 2 100 ? 13.425  11.445  -8.491  1.00 26.30 ? 136 MET A CA    1 
ATOM   972  C C     . MET B 2 100 ? 13.223  9.976   -8.128  1.00 25.46 ? 136 MET A C     1 
ATOM   973  O O     . MET B 2 100 ? 12.631  9.200   -8.884  1.00 23.69 ? 136 MET A O     1 
ATOM   974  C CB    . MET B 2 100 ? 12.111  12.195  -8.274  1.00 26.45 ? 136 MET A CB    1 
ATOM   975  C CG    . MET B 2 100 ? 11.606  12.145  -6.837  1.00 25.20 ? 136 MET A CG    1 
ATOM   976  S SD    . MET B 2 100 ? 9.976   12.917  -6.599  1.00 25.56 ? 136 MET A SD    1 
ATOM   977  C CE    . MET B 2 100 ? 10.381  14.658  -6.651  1.00 25.04 ? 136 MET A CE    1 
ATOM   978  N N     . THR B 2 101 ? 13.716  9.615   -6.947  1.00 25.34 ? 137 THR A N     1 
ATOM   979  C CA    . THR B 2 101 ? 13.608  8.252   -6.434  1.00 25.20 ? 137 THR A CA    1 
ATOM   980  C C     . THR B 2 101 ? 12.368  8.167   -5.551  1.00 26.58 ? 137 THR A C     1 
ATOM   981  O O     . THR B 2 101 ? 11.788  9.191   -5.188  1.00 25.74 ? 137 THR A O     1 
ATOM   982  C CB    . THR B 2 101 ? 14.845  7.871   -5.575  1.00 24.17 ? 137 THR A CB    1 
ATOM   983  O OG1   . THR B 2 101 ? 14.865  8.664   -4.381  1.00 25.37 ? 137 THR A OG1   1 
ATOM   984  C CG2   . THR B 2 101 ? 16.135  8.113   -6.346  1.00 19.10 ? 137 THR A CG2   1 
ATOM   985  N N     . GLN B 2 102 ? 11.958  6.952   -5.207  1.00 28.38 ? 138 GLN A N     1 
ATOM   986  C CA    . GLN B 2 102 ? 10.790  6.775   -4.349  1.00 30.23 ? 138 GLN A CA    1 
ATOM   987  C C     . GLN B 2 102 ? 11.054  7.351   -2.950  1.00 30.08 ? 138 GLN A C     1 
ATOM   988  O O     . GLN B 2 102 ? 10.145  7.869   -2.296  1.00 30.43 ? 138 GLN A O     1 
ATOM   989  C CB    . GLN B 2 102 ? 10.434  5.291   -4.251  1.00 31.35 ? 138 GLN A CB    1 
ATOM   990  C CG    . GLN B 2 102 ? 9.306   4.985   -3.289  1.00 32.24 ? 138 GLN A CG    1 
ATOM   991  C CD    . GLN B 2 102 ? 9.117   3.494   -3.089  1.00 33.58 ? 138 GLN A CD    1 
ATOM   992  O OE1   . GLN B 2 102 ? 10.081  2.767   -2.846  1.00 35.93 ? 138 GLN A OE1   1 
ATOM   993  N NE2   . GLN B 2 102 ? 7.875   3.031   -3.178  1.00 32.63 ? 138 GLN A NE2   1 
ATOM   994  N N     . LYS B 2 103 ? 12.304  7.264   -2.503  1.00 29.58 ? 139 LYS A N     1 
ATOM   995  C CA    . LYS B 2 103 ? 12.690  7.774   -1.189  1.00 30.21 ? 139 LYS A CA    1 
ATOM   996  C C     . LYS B 2 103 ? 12.466  9.270   -1.123  1.00 29.34 ? 139 LYS A C     1 
ATOM   997  O O     . LYS B 2 103 ? 12.019  9.797   -0.107  1.00 28.65 ? 139 LYS A O     1 
ATOM   998  C CB    . LYS B 2 103 ? 14.168  7.469   -0.907  1.00 31.00 ? 139 LYS A CB    1 
ATOM   999  C CG    . LYS B 2 103 ? 14.764  8.214   0.290   1.00 30.10 ? 139 LYS A CG    1 
ATOM   1000 C CD    . LYS B 2 103 ? 16.218  7.789   0.523   1.00 33.61 ? 139 LYS A CD    1 
ATOM   1001 C CE    . LYS B 2 103 ? 16.897  8.623   1.601   1.00 35.63 ? 139 LYS A CE    1 
ATOM   1002 N NZ    . LYS B 2 103 ? 16.125  8.619   2.874   1.00 36.36 ? 139 LYS A NZ    1 
ATOM   1003 N N     . GLU B 2 104 ? 12.784  9.940   -2.223  1.00 28.66 ? 140 GLU A N     1 
ATOM   1004 C CA    . GLU B 2 104 ? 12.639  11.383  -2.330  1.00 29.31 ? 140 GLU A CA    1 
ATOM   1005 C C     . GLU B 2 104 ? 11.187  11.827  -2.475  1.00 27.99 ? 140 GLU A C     1 
ATOM   1006 O O     . GLU B 2 104 ? 10.806  12.899  -2.003  1.00 25.15 ? 140 GLU A O     1 
ATOM   1007 C CB    . GLU B 2 104 ? 13.465  11.872  -3.512  1.00 31.41 ? 140 GLU A CB    1 
ATOM   1008 C CG    . GLU B 2 104 ? 14.911  11.431  -3.413  1.00 34.55 ? 140 GLU A CG    1 
ATOM   1009 C CD    . GLU B 2 104 ? 15.751  11.946  -4.548  1.00 35.11 ? 140 GLU A CD    1 
ATOM   1010 O OE1   . GLU B 2 104 ? 15.339  11.779  -5.715  1.00 37.06 ? 140 GLU A OE1   1 
ATOM   1011 O OE2   . GLU B 2 104 ? 16.826  12.510  -4.270  1.00 35.68 ? 140 GLU A OE2   1 
ATOM   1012 N N     . LEU B 2 105 ? 10.386  10.994  -3.135  1.00 28.43 ? 141 LEU A N     1 
ATOM   1013 C CA    . LEU B 2 105 ? 8.963   11.267  -3.336  1.00 28.54 ? 141 LEU A CA    1 
ATOM   1014 C C     . LEU B 2 105 ? 8.227   11.211  -1.985  1.00 27.63 ? 141 LEU A C     1 
ATOM   1015 O O     . LEU B 2 105 ? 7.373   12.049  -1.686  1.00 24.54 ? 141 LEU A O     1 
ATOM   1016 C CB    . LEU B 2 105 ? 8.365   10.229  -4.293  1.00 27.18 ? 141 LEU A CB    1 
ATOM   1017 C CG    . LEU B 2 105 ? 6.867   10.342  -4.575  1.00 27.20 ? 141 LEU A CG    1 
ATOM   1018 C CD1   . LEU B 2 105 ? 6.596   11.628  -5.352  1.00 24.83 ? 141 LEU A CD1   1 
ATOM   1019 C CD2   . LEU B 2 105 ? 6.396   9.121   -5.351  1.00 26.26 ? 141 LEU A CD2   1 
ATOM   1020 N N     . GLU B 2 106 ? 8.570   10.213  -1.176  1.00 27.79 ? 142 GLU A N     1 
ATOM   1021 C CA    . GLU B 2 106 ? 7.958   10.054  0.129   1.00 28.58 ? 142 GLU A CA    1 
ATOM   1022 C C     . GLU B 2 106 ? 8.414   11.161  1.056   1.00 29.26 ? 142 GLU A C     1 
ATOM   1023 O O     . GLU B 2 106 ? 7.640   11.631  1.886   1.00 32.80 ? 142 GLU A O     1 
ATOM   1024 C CB    . GLU B 2 106 ? 8.323   8.696   0.733   1.00 30.10 ? 142 GLU A CB    1 
ATOM   1025 C CG    . GLU B 2 106 ? 7.687   7.514   0.030   1.00 31.36 ? 142 GLU A CG    1 
ATOM   1026 C CD    . GLU B 2 106 ? 7.761   6.257   0.863   1.00 32.50 ? 142 GLU A CD    1 
ATOM   1027 O OE1   . GLU B 2 106 ? 7.113   5.254   0.494   1.00 33.62 ? 142 GLU A OE1   1 
ATOM   1028 O OE2   . GLU B 2 106 ? 8.466   6.273   1.891   1.00 34.88 ? 142 GLU A OE2   1 
ATOM   1029 N N     . GLN B 2 107 ? 9.672   11.571  0.927   1.00 26.95 ? 143 GLN A N     1 
ATOM   1030 C CA    . GLN B 2 107 ? 10.206  12.638  1.760   1.00 28.77 ? 143 GLN A CA    1 
ATOM   1031 C C     . GLN B 2 107 ? 9.488   13.933  1.446   1.00 26.62 ? 143 GLN A C     1 
ATOM   1032 O O     . GLN B 2 107 ? 9.277   14.769  2.323   1.00 29.54 ? 143 GLN A O     1 
ATOM   1033 C CB    . GLN B 2 107 ? 11.715  12.800  1.532   1.00 31.74 ? 143 GLN A CB    1 
ATOM   1034 C CG    . GLN B 2 107 ? 12.544  11.848  2.386   1.00 38.02 ? 143 GLN A CG    1 
ATOM   1035 C CD    . GLN B 2 107 ? 13.987  11.717  1.929   1.00 40.79 ? 143 GLN A CD    1 
ATOM   1036 O OE1   . GLN B 2 107 ? 14.765  10.956  2.515   1.00 43.19 ? 143 GLN A OE1   1 
ATOM   1037 N NE2   . GLN B 2 107 ? 14.354  12.450  0.877   1.00 40.65 ? 143 GLN A NE2   1 
ATOM   1038 N N     . LEU B 2 108 ? 9.110   14.081  0.183   1.00 25.42 ? 144 LEU A N     1 
ATOM   1039 C CA    . LEU B 2 108 ? 8.389   15.251  -0.297  1.00 23.65 ? 144 LEU A CA    1 
ATOM   1040 C C     . LEU B 2 108 ? 6.981   15.240  0.290   1.00 23.89 ? 144 LEU A C     1 
ATOM   1041 O O     . LEU B 2 108 ? 6.569   16.189  0.954   1.00 24.71 ? 144 LEU A O     1 
ATOM   1042 C CB    . LEU B 2 108 ? 8.314   15.220  -1.831  1.00 22.52 ? 144 LEU A CB    1 
ATOM   1043 C CG    . LEU B 2 108 ? 7.612   16.366  -2.558  1.00 23.98 ? 144 LEU A CG    1 
ATOM   1044 C CD1   . LEU B 2 108 ? 8.278   17.683  -2.208  1.00 22.52 ? 144 LEU A CD1   1 
ATOM   1045 C CD2   . LEU B 2 108 ? 7.658   16.119  -4.050  1.00 20.16 ? 144 LEU A CD2   1 
ATOM   1046 N N     . PHE B 2 109 ? 6.264   14.142  0.056   1.00 21.86 ? 145 PHE A N     1 
ATOM   1047 C CA    . PHE B 2 109 ? 4.889   13.968  0.517   1.00 19.56 ? 145 PHE A CA    1 
ATOM   1048 C C     . PHE B 2 109 ? 4.669   13.713  1.999   1.00 18.78 ? 145 PHE A C     1 
ATOM   1049 O O     . PHE B 2 109 ? 3.595   14.008  2.521   1.00 15.69 ? 145 PHE A O     1 
ATOM   1050 C CB    . PHE B 2 109 ? 4.225   12.843  -0.281  1.00 18.46 ? 145 PHE A CB    1 
ATOM   1051 C CG    . PHE B 2 109 ? 3.777   13.263  -1.652  1.00 20.38 ? 145 PHE A CG    1 
ATOM   1052 C CD1   . PHE B 2 109 ? 2.459   13.660  -1.874  1.00 19.59 ? 145 PHE A CD1   1 
ATOM   1053 C CD2   . PHE B 2 109 ? 4.689   13.341  -2.703  1.00 16.77 ? 145 PHE A CD2   1 
ATOM   1054 C CE1   . PHE B 2 109 ? 2.057   14.135  -3.122  1.00 19.86 ? 145 PHE A CE1   1 
ATOM   1055 C CE2   . PHE B 2 109 ? 4.295   13.815  -3.950  1.00 16.44 ? 145 PHE A CE2   1 
ATOM   1056 C CZ    . PHE B 2 109 ? 2.979   14.215  -4.162  1.00 17.61 ? 145 PHE A CZ    1 
ATOM   1057 N N     . SER B 2 110 ? 5.668   13.165  2.679   1.00 20.61 ? 146 SER A N     1 
ATOM   1058 C CA    . SER B 2 110 ? 5.522   12.868  4.106   1.00 22.95 ? 146 SER A CA    1 
ATOM   1059 C C     . SER B 2 110 ? 5.303   14.114  4.986   1.00 22.83 ? 146 SER A C     1 
ATOM   1060 O O     . SER B 2 110 ? 4.847   13.997  6.129   1.00 22.58 ? 146 SER A O     1 
ATOM   1061 C CB    . SER B 2 110 ? 6.732   12.061  4.611   1.00 21.60 ? 146 SER A CB    1 
ATOM   1062 O OG    . SER B 2 110 ? 7.908   12.848  4.623   1.00 26.53 ? 146 SER A OG    1 
ATOM   1063 N N     . GLN B 2 111 ? 5.617   15.299  4.459   1.00 22.74 ? 147 GLN A N     1 
ATOM   1064 C CA    . GLN B 2 111 ? 5.417   16.545  5.207   1.00 22.71 ? 147 GLN A CA    1 
ATOM   1065 C C     . GLN B 2 111 ? 3.940   16.706  5.533   1.00 21.50 ? 147 GLN A C     1 
ATOM   1066 O O     . GLN B 2 111 ? 3.578   17.450  6.444   1.00 20.11 ? 147 GLN A O     1 
ATOM   1067 C CB    . GLN B 2 111 ? 5.783   17.766  4.373   1.00 22.93 ? 147 GLN A CB    1 
ATOM   1068 C CG    . GLN B 2 111 ? 7.057   17.707  3.594   1.00 28.97 ? 147 GLN A CG    1 
ATOM   1069 C CD    . GLN B 2 111 ? 7.036   18.748  2.495   1.00 32.85 ? 147 GLN A CD    1 
ATOM   1070 O OE1   . GLN B 2 111 ? 6.555   19.863  2.704   1.00 34.61 ? 147 GLN A OE1   1 
ATOM   1071 N NE2   . GLN B 2 111 ? 7.551   18.397  1.319   1.00 32.91 ? 147 GLN A NE2   1 
ATOM   1072 N N     . TYR B 2 112 ? 3.096   16.032  4.752   1.00 19.54 ? 148 TYR A N     1 
ATOM   1073 C CA    . TYR B 2 112 ? 1.649   16.127  4.909   1.00 19.06 ? 148 TYR A CA    1 
ATOM   1074 C C     . TYR B 2 112 ? 0.971   14.983  5.649   1.00 16.99 ? 148 TYR A C     1 
ATOM   1075 O O     . TYR B 2 112 ? -0.239  15.027  5.868   1.00 18.11 ? 148 TYR A O     1 
ATOM   1076 C CB    . TYR B 2 112 ? 0.983   16.314  3.535   1.00 18.50 ? 148 TYR A CB    1 
ATOM   1077 C CG    . TYR B 2 112 ? 1.486   17.534  2.778   1.00 20.46 ? 148 TYR A CG    1 
ATOM   1078 C CD1   . TYR B 2 112 ? 2.574   17.439  1.904   1.00 17.33 ? 148 TYR A CD1   1 
ATOM   1079 C CD2   . TYR B 2 112 ? 0.916   18.800  2.993   1.00 18.07 ? 148 TYR A CD2   1 
ATOM   1080 C CE1   . TYR B 2 112 ? 3.089   18.571  1.269   1.00 16.30 ? 148 TYR A CE1   1 
ATOM   1081 C CE2   . TYR B 2 112 ? 1.425   19.937  2.363   1.00 18.28 ? 148 TYR A CE2   1 
ATOM   1082 C CZ    . TYR B 2 112 ? 2.511   19.812  1.503   1.00 18.07 ? 148 TYR A CZ    1 
ATOM   1083 O OH    . TYR B 2 112 ? 3.020   20.925  0.882   1.00 17.07 ? 148 TYR A OH    1 
ATOM   1084 N N     . GLY B 2 113 ? 1.731   13.968  6.047   1.00 15.37 ? 149 GLY A N     1 
ATOM   1085 C CA    . GLY B 2 113 ? 1.121   12.863  6.763   1.00 16.21 ? 149 GLY A CA    1 
ATOM   1086 C C     . GLY B 2 113 ? 1.875   11.550  6.677   1.00 18.06 ? 149 GLY A C     1 
ATOM   1087 O O     . GLY B 2 113 ? 3.000   11.500  6.175   1.00 18.76 ? 149 GLY A O     1 
ATOM   1088 N N     . ARG B 2 114 ? 1.257   10.481  7.174   1.00 16.63 ? 150 ARG A N     1 
ATOM   1089 C CA    . ARG B 2 114 ? 1.877   9.169   7.154   1.00 15.56 ? 150 ARG A CA    1 
ATOM   1090 C C     . ARG B 2 114 ? 1.565   8.488   5.824   1.00 17.71 ? 150 ARG A C     1 
ATOM   1091 O O     . ARG B 2 114 ? 0.403   8.380   5.408   1.00 17.53 ? 150 ARG A O     1 
ATOM   1092 C CB    . ARG B 2 114 ? 1.363   8.334   8.330   1.00 18.81 ? 150 ARG A CB    1 
ATOM   1093 C CG    . ARG B 2 114 ? 1.993   6.957   8.461   1.00 24.75 ? 150 ARG A CG    1 
ATOM   1094 C CD    . ARG B 2 114 ? 1.411   6.187   9.641   1.00 29.76 ? 150 ARG A CD    1 
ATOM   1095 N NE    . ARG B 2 114 ? 1.898   6.676   10.931  1.00 33.29 ? 150 ARG A NE    1 
ATOM   1096 C CZ    . ARG B 2 114 ? 3.015   6.254   11.524  1.00 36.37 ? 150 ARG A CZ    1 
ATOM   1097 N NH1   . ARG B 2 114 ? 3.771   5.326   10.952  1.00 39.06 ? 150 ARG A NH1   1 
ATOM   1098 N NH2   . ARG B 2 114 ? 3.386   6.766   12.693  1.00 37.49 ? 150 ARG A NH2   1 
ATOM   1099 N N     . ILE B 2 115 ? 2.615   8.042   5.148   1.00 17.35 ? 151 ILE A N     1 
ATOM   1100 C CA    . ILE B 2 115 ? 2.472   7.384   3.866   1.00 15.07 ? 151 ILE A CA    1 
ATOM   1101 C C     . ILE B 2 115 ? 2.272   5.886   4.063   1.00 15.31 ? 151 ILE A C     1 
ATOM   1102 O O     . ILE B 2 115 ? 3.037   5.232   4.766   1.00 15.67 ? 151 ILE A O     1 
ATOM   1103 C CB    . ILE B 2 115 ? 3.724   7.680   2.972   1.00 17.14 ? 151 ILE A CB    1 
ATOM   1104 C CG1   . ILE B 2 115 ? 3.750   9.173   2.620   1.00 16.75 ? 151 ILE A CG1   1 
ATOM   1105 C CG2   . ILE B 2 115 ? 3.700   6.851   1.677   1.00 13.34 ? 151 ILE A CG2   1 
ATOM   1106 C CD1   . ILE B 2 115 ? 4.944   9.592   1.785   1.00 18.13 ? 151 ILE A CD1   1 
ATOM   1107 N N     . ILE B 2 116 ? 1.218   5.349   3.460   1.00 14.54 ? 152 ILE A N     1 
ATOM   1108 C CA    . ILE B 2 116 ? 0.955   3.929   3.565   1.00 14.54 ? 152 ILE A CA    1 
ATOM   1109 C C     . ILE B 2 116 ? 1.682   3.234   2.421   1.00 16.18 ? 152 ILE A C     1 
ATOM   1110 O O     . ILE B 2 116 ? 2.263   2.167   2.593   1.00 15.73 ? 152 ILE A O     1 
ATOM   1111 C CB    . ILE B 2 116 ? -0.550  3.614   3.466   1.00 14.30 ? 152 ILE A CB    1 
ATOM   1112 C CG1   . ILE B 2 116 ? -1.310  4.241   4.642   1.00 13.76 ? 152 ILE A CG1   1 
ATOM   1113 C CG2   . ILE B 2 116 ? -0.757  2.120   3.455   1.00 13.50 ? 152 ILE A CG2   1 
ATOM   1114 C CD1   . ILE B 2 116 ? -0.867  3.753   6.018   1.00 13.63 ? 152 ILE A CD1   1 
ATOM   1115 N N     . THR B 2 117 ? 1.672   3.859   1.253   1.00 18.62 ? 153 THR A N     1 
ATOM   1116 C CA    . THR B 2 117 ? 2.315   3.264   0.095   1.00 20.48 ? 153 THR A CA    1 
ATOM   1117 C C     . THR B 2 117 ? 2.735   4.315   -0.947  1.00 21.83 ? 153 THR A C     1 
ATOM   1118 O O     . THR B 2 117 ? 2.101   5.368   -1.087  1.00 19.20 ? 153 THR A O     1 
ATOM   1119 C CB    . THR B 2 117 ? 1.340   2.231   -0.553  1.00 22.00 ? 153 THR A CB    1 
ATOM   1120 O OG1   . THR B 2 117 ? 2.078   1.127   -1.086  1.00 24.72 ? 153 THR A OG1   1 
ATOM   1121 C CG2   . THR B 2 117 ? 0.520   2.883   -1.668  1.00 20.20 ? 153 THR A CG2   1 
ATOM   1122 N N     . SER B 2 118 ? 3.819   4.028   -1.663  1.00 23.78 ? 154 SER A N     1 
ATOM   1123 C CA    . SER B 2 118 ? 4.301   4.913   -2.725  1.00 25.44 ? 154 SER A CA    1 
ATOM   1124 C C     . SER B 2 118 ? 4.847   4.044   -3.853  1.00 27.00 ? 154 SER A C     1 
ATOM   1125 O O     . SER B 2 118 ? 5.362   2.943   -3.622  1.00 26.42 ? 154 SER A O     1 
ATOM   1126 C CB    . SER B 2 118 ? 5.400   5.848   -2.229  1.00 25.70 ? 154 SER A CB    1 
ATOM   1127 O OG    . SER B 2 118 ? 6.652   5.195   -2.231  1.00 29.49 ? 154 SER A OG    1 
ATOM   1128 N N     . ARG B 2 119 ? 4.734   4.544   -5.077  1.00 27.86 ? 155 ARG A N     1 
ATOM   1129 C CA    . ARG B 2 119 ? 5.185   3.814   -6.246  1.00 26.25 ? 155 ARG A CA    1 
ATOM   1130 C C     . ARG B 2 119 ? 5.368   4.743   -7.441  1.00 27.78 ? 155 ARG A C     1 
ATOM   1131 O O     . ARG B 2 119 ? 4.451   5.474   -7.830  1.00 26.61 ? 155 ARG A O     1 
ATOM   1132 C CB    . ARG B 2 119 ? 4.162   2.725   -6.578  1.00 27.10 ? 155 ARG A CB    1 
ATOM   1133 C CG    . ARG B 2 119 ? 4.064   2.331   -8.046  1.00 29.08 ? 155 ARG A CG    1 
ATOM   1134 C CD    . ARG B 2 119 ? 5.207   1.452   -8.487  1.00 31.28 ? 155 ARG A CD    1 
ATOM   1135 N NE    . ARG B 2 119 ? 5.280   0.220   -7.705  1.00 37.53 ? 155 ARG A NE    1 
ATOM   1136 C CZ    . ARG B 2 119 ? 6.096   -0.796  -7.982  1.00 38.49 ? 155 ARG A CZ    1 
ATOM   1137 N NH1   . ARG B 2 119 ? 6.909   -0.734  -9.033  1.00 37.94 ? 155 ARG A NH1   1 
ATOM   1138 N NH2   . ARG B 2 119 ? 6.112   -1.866  -7.196  1.00 33.67 ? 155 ARG A NH2   1 
ATOM   1139 N N     . ILE B 2 120 ? 6.568   4.716   -8.007  1.00 27.72 ? 156 ILE A N     1 
ATOM   1140 C CA    . ILE B 2 120 ? 6.893   5.509   -9.185  1.00 28.00 ? 156 ILE A CA    1 
ATOM   1141 C C     . ILE B 2 120 ? 6.859   4.558   -10.387 1.00 28.48 ? 156 ILE A C     1 
ATOM   1142 O O     . ILE B 2 120 ? 7.588   3.564   -10.413 1.00 30.06 ? 156 ILE A O     1 
ATOM   1143 C CB    . ILE B 2 120 ? 8.296   6.129   -9.057  1.00 26.97 ? 156 ILE A CB    1 
ATOM   1144 C CG1   . ILE B 2 120 ? 8.285   7.158   -7.923  1.00 27.09 ? 156 ILE A CG1   1 
ATOM   1145 C CG2   . ILE B 2 120 ? 8.719   6.749   -10.386 1.00 26.11 ? 156 ILE A CG2   1 
ATOM   1146 C CD1   . ILE B 2 120 ? 9.628   7.749   -7.591  1.00 27.93 ? 156 ILE A CD1   1 
ATOM   1147 N N     . LEU B 2 121 ? 6.012   4.851   -11.371 1.00 28.49 ? 157 LEU A N     1 
ATOM   1148 C CA    . LEU B 2 121 ? 5.906   3.984   -12.542 1.00 30.20 ? 157 LEU A CA    1 
ATOM   1149 C C     . LEU B 2 121 ? 7.102   4.100   -13.495 1.00 32.05 ? 157 LEU A C     1 
ATOM   1150 O O     . LEU B 2 121 ? 7.607   5.195   -13.779 1.00 30.75 ? 157 LEU A O     1 
ATOM   1151 C CB    . LEU B 2 121 ? 4.597   4.251   -13.293 1.00 27.79 ? 157 LEU A CB    1 
ATOM   1152 C CG    . LEU B 2 121 ? 3.313   4.143   -12.462 1.00 27.80 ? 157 LEU A CG    1 
ATOM   1153 C CD1   . LEU B 2 121 ? 2.111   4.089   -13.396 1.00 29.53 ? 157 LEU A CD1   1 
ATOM   1154 C CD2   . LEU B 2 121 ? 3.346   2.898   -11.591 1.00 27.87 ? 157 LEU A CD2   1 
ATOM   1155 N N     . VAL B 2 122 ? 7.542   2.944   -13.981 1.00 34.39 ? 158 VAL A N     1 
ATOM   1156 C CA    . VAL B 2 122 ? 8.683   2.854   -14.874 1.00 35.91 ? 158 VAL A CA    1 
ATOM   1157 C C     . VAL B 2 122 ? 8.328   2.171   -16.195 1.00 38.46 ? 158 VAL A C     1 
ATOM   1158 O O     . VAL B 2 122 ? 7.460   1.302   -16.249 1.00 38.35 ? 158 VAL A O     1 
ATOM   1159 C CB    . VAL B 2 122 ? 9.823   2.106   -14.174 1.00 34.54 ? 158 VAL A CB    1 
ATOM   1160 C CG1   . VAL B 2 122 ? 10.986  1.925   -15.117 1.00 37.81 ? 158 VAL A CG1   1 
ATOM   1161 C CG2   . VAL B 2 122 ? 10.257  2.887   -12.938 1.00 31.36 ? 158 VAL A CG2   1 
ATOM   1162 N N     . ASP B 2 123 ? 9.001   2.595   -17.260 1.00 42.68 ? 159 ASP A N     1 
ATOM   1163 C CA    . ASP B 2 123 ? 8.786   2.072   -18.606 1.00 46.63 ? 159 ASP A CA    1 
ATOM   1164 C C     . ASP B 2 123 ? 9.407   0.687   -18.795 1.00 49.19 ? 159 ASP A C     1 
ATOM   1165 O O     . ASP B 2 123 ? 10.605  0.511   -18.587 1.00 48.61 ? 159 ASP A O     1 
ATOM   1166 C CB    . ASP B 2 123 ? 9.393   3.041   -19.623 1.00 48.59 ? 159 ASP A CB    1 
ATOM   1167 C CG    . ASP B 2 123 ? 9.108   2.642   -21.056 1.00 49.53 ? 159 ASP A CG    1 
ATOM   1168 O OD1   . ASP B 2 123 ? 7.920   2.644   -21.441 1.00 51.63 ? 159 ASP A OD1   1 
ATOM   1169 O OD2   . ASP B 2 123 ? 10.067  2.333   -21.796 1.00 49.92 ? 159 ASP A OD2   1 
ATOM   1170 N N     . GLN B 2 124 ? 8.589   -0.288  -19.194 1.00 51.61 ? 160 GLN A N     1 
ATOM   1171 C CA    . GLN B 2 124 ? 9.070   -1.651  -19.420 1.00 52.73 ? 160 GLN A CA    1 
ATOM   1172 C C     . GLN B 2 124 ? 10.236  -1.703  -20.406 1.00 52.89 ? 160 GLN A C     1 
ATOM   1173 O O     . GLN B 2 124 ? 11.205  -2.439  -20.202 1.00 52.03 ? 160 GLN A O     1 
ATOM   1174 C CB    . GLN B 2 124 ? 7.946   -2.530  -19.955 1.00 54.88 ? 160 GLN A CB    1 
ATOM   1175 C CG    . GLN B 2 124 ? 6.991   -3.058  -18.908 1.00 59.15 ? 160 GLN A CG    1 
ATOM   1176 C CD    . GLN B 2 124 ? 6.247   -4.291  -19.402 1.00 61.52 ? 160 GLN A CD    1 
ATOM   1177 O OE1   . GLN B 2 124 ? 5.575   -4.255  -20.442 1.00 61.89 ? 160 GLN A OE1   1 
ATOM   1178 N NE2   . GLN B 2 124 ? 6.370   -5.393  -18.665 1.00 63.06 ? 160 GLN A NE2   1 
ATOM   1179 N N     . VAL B 2 125 ? 10.129  -0.925  -21.480 1.00 53.85 ? 161 VAL A N     1 
ATOM   1180 C CA    . VAL B 2 125 ? 11.163  -0.866  -22.510 1.00 53.84 ? 161 VAL A CA    1 
ATOM   1181 C C     . VAL B 2 125 ? 12.465  -0.229  -22.006 1.00 53.95 ? 161 VAL A C     1 
ATOM   1182 O O     . VAL B 2 125 ? 13.373  -0.934  -21.553 1.00 55.32 ? 161 VAL A O     1 
ATOM   1183 C CB    . VAL B 2 125 ? 10.662  -0.076  -23.742 1.00 54.74 ? 161 VAL A CB    1 
ATOM   1184 C CG1   . VAL B 2 125 ? 11.755  -0.011  -24.804 1.00 54.63 ? 161 VAL A CG1   1 
ATOM   1185 C CG2   . VAL B 2 125 ? 9.402   -0.729  -24.296 1.00 52.70 ? 161 VAL A CG2   1 
ATOM   1186 N N     . THR B 2 126 ? 12.552  1.100   -22.074 1.00 52.28 ? 162 THR A N     1 
ATOM   1187 C CA    . THR B 2 126 ? 13.758  1.809   -21.640 1.00 49.38 ? 162 THR A CA    1 
ATOM   1188 C C     . THR B 2 126 ? 14.108  1.585   -20.159 1.00 45.83 ? 162 THR A C     1 
ATOM   1189 O O     . THR B 2 126 ? 15.283  1.550   -19.800 1.00 45.07 ? 162 THR A O     1 
ATOM   1190 C CB    . THR B 2 126 ? 13.658  3.358   -21.952 1.00 50.83 ? 162 THR A CB    1 
ATOM   1191 O OG1   . THR B 2 126 ? 12.730  3.997   -21.064 1.00 51.31 ? 162 THR A OG1   1 
ATOM   1192 C CG2   . THR B 2 126 ? 13.181  3.580   -23.385 1.00 50.67 ? 162 THR A CG2   1 
ATOM   1193 N N     . GLY B 2 127 ? 13.095  1.414   -19.310 1.00 43.55 ? 163 GLY A N     1 
ATOM   1194 C CA    . GLY B 2 127 ? 13.336  1.198   -17.887 1.00 40.20 ? 163 GLY A CA    1 
ATOM   1195 C C     . GLY B 2 127 ? 13.441  2.498   -17.105 1.00 37.44 ? 163 GLY A C     1 
ATOM   1196 O O     . GLY B 2 127 ? 13.675  2.507   -15.894 1.00 36.53 ? 163 GLY A O     1 
ATOM   1197 N N     . VAL B 2 128 ? 13.253  3.605   -17.814 1.00 34.82 ? 164 VAL A N     1 
ATOM   1198 C CA    . VAL B 2 128 ? 13.333  4.943   -17.241 1.00 32.34 ? 164 VAL A CA    1 
ATOM   1199 C C     . VAL B 2 128 ? 12.030  5.351   -16.548 1.00 30.84 ? 164 VAL A C     1 
ATOM   1200 O O     . VAL B 2 128 ? 10.936  5.013   -17.004 1.00 30.67 ? 164 VAL A O     1 
ATOM   1201 C CB    . VAL B 2 128 ? 13.646  5.993   -18.353 1.00 31.59 ? 164 VAL A CB    1 
ATOM   1202 C CG1   . VAL B 2 128 ? 13.848  7.373   -17.740 1.00 30.77 ? 164 VAL A CG1   1 
ATOM   1203 C CG2   . VAL B 2 128 ? 14.869  5.562   -19.152 1.00 28.80 ? 164 VAL A CG2   1 
ATOM   1204 N N     . SER B 2 129 ? 12.158  6.081   -15.444 1.00 28.62 ? 165 SER A N     1 
ATOM   1205 C CA    . SER B 2 129 ? 10.997  6.561   -14.711 1.00 27.69 ? 165 SER A CA    1 
ATOM   1206 C C     . SER B 2 129 ? 10.131  7.350   -15.677 1.00 27.67 ? 165 SER A C     1 
ATOM   1207 O O     . SER B 2 129 ? 10.649  8.030   -16.559 1.00 27.94 ? 165 SER A O     1 
ATOM   1208 C CB    . SER B 2 129 ? 11.434  7.471   -13.568 1.00 27.02 ? 165 SER A CB    1 
ATOM   1209 O OG    . SER B 2 129 ? 10.322  8.163   -13.034 1.00 25.66 ? 165 SER A OG    1 
ATOM   1210 N N     . ARG B 2 130 ? 8.816   7.261   -15.510 1.00 27.56 ? 166 ARG A N     1 
ATOM   1211 C CA    . ARG B 2 130 ? 7.884   7.970   -16.380 1.00 27.40 ? 166 ARG A CA    1 
ATOM   1212 C C     . ARG B 2 130 ? 7.443   9.294   -15.761 1.00 27.40 ? 166 ARG A C     1 
ATOM   1213 O O     . ARG B 2 130 ? 6.691   10.062  -16.380 1.00 27.04 ? 166 ARG A O     1 
ATOM   1214 C CB    . ARG B 2 130 ? 6.671   7.073   -16.668 1.00 29.21 ? 166 ARG A CB    1 
ATOM   1215 C CG    . ARG B 2 130 ? 7.039   5.826   -17.477 1.00 33.99 ? 166 ARG A CG    1 
ATOM   1216 C CD    . ARG B 2 130 ? 6.095   4.649   -17.244 1.00 37.31 ? 166 ARG A CD    1 
ATOM   1217 N NE    . ARG B 2 130 ? 4.732   4.910   -17.696 1.00 41.31 ? 166 ARG A NE    1 
ATOM   1218 C CZ    . ARG B 2 130 ? 3.723   4.053   -17.556 1.00 44.87 ? 166 ARG A CZ    1 
ATOM   1219 N NH1   . ARG B 2 130 ? 3.924   2.870   -16.976 1.00 43.71 ? 166 ARG A NH1   1 
ATOM   1220 N NH2   . ARG B 2 130 ? 2.510   4.381   -17.990 1.00 44.82 ? 166 ARG A NH2   1 
ATOM   1221 N N     . GLY B 2 131 ? 7.926   9.557   -14.546 1.00 25.21 ? 167 GLY A N     1 
ATOM   1222 C CA    . GLY B 2 131 ? 7.573   10.781  -13.851 1.00 24.12 ? 167 GLY A CA    1 
ATOM   1223 C C     . GLY B 2 131 ? 6.122   10.797  -13.394 1.00 24.12 ? 167 GLY A C     1 
ATOM   1224 O O     . GLY B 2 131 ? 5.487   11.850  -13.344 1.00 24.79 ? 167 GLY A O     1 
ATOM   1225 N N     . VAL B 2 132 ? 5.597   9.615   -13.081 1.00 24.24 ? 168 VAL A N     1 
ATOM   1226 C CA    . VAL B 2 132 ? 4.223   9.455   -12.605 1.00 24.27 ? 168 VAL A CA    1 
ATOM   1227 C C     . VAL B 2 132 ? 4.244   8.376   -11.546 1.00 22.91 ? 168 VAL A C     1 
ATOM   1228 O O     . VAL B 2 132 ? 5.167   7.561   -11.515 1.00 22.88 ? 168 VAL A O     1 
ATOM   1229 C CB    . VAL B 2 132 ? 3.247   8.996   -13.724 1.00 25.80 ? 168 VAL A CB    1 
ATOM   1230 C CG1   . VAL B 2 132 ? 3.071   10.099  -14.761 1.00 27.58 ? 168 VAL A CG1   1 
ATOM   1231 C CG2   . VAL B 2 132 ? 3.763   7.731   -14.365 1.00 23.99 ? 168 VAL A CG2   1 
ATOM   1232 N N     . GLY B 2 133 ? 3.229   8.368   -10.686 1.00 22.19 ? 169 GLY A N     1 
ATOM   1233 C CA    . GLY B 2 133 ? 3.159   7.372   -9.632  1.00 20.83 ? 169 GLY A CA    1 
ATOM   1234 C C     . GLY B 2 133 ? 1.974   7.570   -8.715  1.00 18.98 ? 169 GLY A C     1 
ATOM   1235 O O     . GLY B 2 133 ? 1.089   8.371   -9.000  1.00 20.93 ? 169 GLY A O     1 
ATOM   1236 N N     . PHE B 2 134 ? 1.960   6.836   -7.606  1.00 18.67 ? 170 PHE A N     1 
ATOM   1237 C CA    . PHE B 2 134 ? 0.872   6.917   -6.631  1.00 17.15 ? 170 PHE A CA    1 
ATOM   1238 C C     . PHE B 2 134 ? 1.407   7.059   -5.216  1.00 15.46 ? 170 PHE A C     1 
ATOM   1239 O O     . PHE B 2 134 ? 2.517   6.634   -4.905  1.00 15.63 ? 170 PHE A O     1 
ATOM   1240 C CB    . PHE B 2 134 ? -0.005  5.665   -6.707  1.00 16.93 ? 170 PHE A CB    1 
ATOM   1241 C CG    . PHE B 2 134 ? -0.703  5.487   -8.028  1.00 16.78 ? 170 PHE A CG    1 
ATOM   1242 C CD1   . PHE B 2 134 ? -2.043  5.844   -8.175  1.00 14.51 ? 170 PHE A CD1   1 
ATOM   1243 C CD2   . PHE B 2 134 ? -0.018  4.960   -9.130  1.00 17.22 ? 170 PHE A CD2   1 
ATOM   1244 C CE1   . PHE B 2 134 ? -2.696  5.678   -9.393  1.00 16.12 ? 170 PHE A CE1   1 
ATOM   1245 C CE2   . PHE B 2 134 ? -0.656  4.787   -10.359 1.00 16.32 ? 170 PHE A CE2   1 
ATOM   1246 C CZ    . PHE B 2 134 ? -1.998  5.146   -10.493 1.00 19.01 ? 170 PHE A CZ    1 
ATOM   1247 N N     . ILE B 2 135 ? 0.602   7.670   -4.363  1.00 15.15 ? 171 ILE A N     1 
ATOM   1248 C CA    . ILE B 2 135 ? 0.948   7.871   -2.963  1.00 14.67 ? 171 ILE A CA    1 
ATOM   1249 C C     . ILE B 2 135 ? -0.338  7.687   -2.187  1.00 11.72 ? 171 ILE A C     1 
ATOM   1250 O O     . ILE B 2 135 ? -1.314  8.382   -2.444  1.00 9.35  ? 171 ILE A O     1 
ATOM   1251 C CB    . ILE B 2 135 ? 1.444   9.319   -2.671  1.00 18.88 ? 171 ILE A CB    1 
ATOM   1252 C CG1   . ILE B 2 135 ? 2.749   9.609   -3.410  1.00 21.41 ? 171 ILE A CG1   1 
ATOM   1253 C CG2   . ILE B 2 135 ? 1.644   9.501   -1.155  1.00 21.16 ? 171 ILE A CG2   1 
ATOM   1254 C CD1   . ILE B 2 135 ? 3.987   9.043   -2.727  1.00 24.10 ? 171 ILE A CD1   1 
ATOM   1255 N N     . ARG B 2 136 ? -0.356  6.749   -1.255  1.00 12.25 ? 172 ARG A N     1 
ATOM   1256 C CA    . ARG B 2 136 ? -1.551  6.564   -0.459  1.00 13.52 ? 172 ARG A CA    1 
ATOM   1257 C C     . ARG B 2 136 ? -1.195  6.941   0.959   1.00 13.87 ? 172 ARG A C     1 
ATOM   1258 O O     . ARG B 2 136 ? -0.272  6.368   1.548   1.00 14.27 ? 172 ARG A O     1 
ATOM   1259 C CB    . ARG B 2 136 ? -2.048  5.109   -0.485  1.00 15.05 ? 172 ARG A CB    1 
ATOM   1260 C CG    . ARG B 2 136 ? -3.463  4.962   0.091   1.00 13.80 ? 172 ARG A CG    1 
ATOM   1261 C CD    . ARG B 2 136 ? -3.807  3.538   0.455   1.00 16.21 ? 172 ARG A CD    1 
ATOM   1262 N NE    . ARG B 2 136 ? -3.962  2.661   -0.699  1.00 20.86 ? 172 ARG A NE    1 
ATOM   1263 C CZ    . ARG B 2 136 ? -5.038  2.629   -1.483  1.00 26.67 ? 172 ARG A CZ    1 
ATOM   1264 N NH1   . ARG B 2 136 ? -6.064  3.440   -1.238  1.00 25.28 ? 172 ARG A NH1   1 
ATOM   1265 N NH2   . ARG B 2 136 ? -5.107  1.765   -2.499  1.00 25.13 ? 172 ARG A NH2   1 
ATOM   1266 N N     . PHE B 2 137 ? -1.918  7.918   1.501   1.00 16.56 ? 173 PHE A N     1 
ATOM   1267 C CA    . PHE B 2 137 ? -1.702  8.371   2.873   1.00 14.71 ? 173 PHE A CA    1 
ATOM   1268 C C     . PHE B 2 137 ? -2.554  7.528   3.804   1.00 15.78 ? 173 PHE A C     1 
ATOM   1269 O O     . PHE B 2 137 ? -3.435  6.771   3.366   1.00 12.23 ? 173 PHE A O     1 
ATOM   1270 C CB    . PHE B 2 137 ? -2.110  9.844   3.042   1.00 12.90 ? 173 PHE A CB    1 
ATOM   1271 C CG    . PHE B 2 137 ? -1.095  10.836  2.528   1.00 12.43 ? 173 PHE A CG    1 
ATOM   1272 C CD1   . PHE B 2 137 ? -0.090  11.322  3.365   1.00 12.85 ? 173 PHE A CD1   1 
ATOM   1273 C CD2   . PHE B 2 137 ? -1.151  11.299  1.205   1.00 13.21 ? 173 PHE A CD2   1 
ATOM   1274 C CE1   . PHE B 2 137 ? 0.846   12.258  2.890   1.00 12.26 ? 173 PHE A CE1   1 
ATOM   1275 C CE2   . PHE B 2 137 ? -0.221  12.237  0.716   1.00 10.09 ? 173 PHE A CE2   1 
ATOM   1276 C CZ    . PHE B 2 137 ? 0.776   12.716  1.559   1.00 11.67 ? 173 PHE A CZ    1 
ATOM   1277 N N     . ASP B 2 138 ? -2.274  7.675   5.095   1.00 16.92 ? 174 ASP A N     1 
ATOM   1278 C CA    . ASP B 2 138 ? -3.009  6.993   6.147   1.00 17.64 ? 174 ASP A CA    1 
ATOM   1279 C C     . ASP B 2 138 ? -4.433  7.597   6.210   1.00 18.46 ? 174 ASP A C     1 
ATOM   1280 O O     . ASP B 2 138 ? -5.427  6.870   6.214   1.00 20.11 ? 174 ASP A O     1 
ATOM   1281 C CB    . ASP B 2 138 ? -2.274  7.205   7.480   1.00 18.36 ? 174 ASP A CB    1 
ATOM   1282 C CG    . ASP B 2 138 ? -3.009  6.612   8.674   1.00 19.81 ? 174 ASP A CG    1 
ATOM   1283 O OD1   . ASP B 2 138 ? -2.701  7.033   9.807   1.00 22.66 ? 174 ASP A OD1   1 
ATOM   1284 O OD2   . ASP B 2 138 ? -3.881  5.733   8.502   1.00 18.25 ? 174 ASP A OD2   1 
ATOM   1285 N N     . LYS B 2 139 ? -4.517  8.929   6.228   1.00 17.46 ? 175 LYS A N     1 
ATOM   1286 C CA    . LYS B 2 139 ? -5.799  9.634   6.327   1.00 15.03 ? 175 LYS A CA    1 
ATOM   1287 C C     . LYS B 2 139 ? -6.183  10.455  5.095   1.00 16.33 ? 175 LYS A C     1 
ATOM   1288 O O     . LYS B 2 139 ? -5.347  11.138  4.502   1.00 16.82 ? 175 LYS A O     1 
ATOM   1289 C CB    . LYS B 2 139 ? -5.782  10.550  7.564   1.00 15.59 ? 175 LYS A CB    1 
ATOM   1290 C CG    . LYS B 2 139 ? -5.550  9.809   8.883   1.00 15.43 ? 175 LYS A CG    1 
ATOM   1291 C CD    . LYS B 2 139 ? -6.633  8.743   9.087   1.00 22.49 ? 175 LYS A CD    1 
ATOM   1292 C CE    . LYS B 2 139 ? -6.283  7.713   10.173  1.00 24.54 ? 175 LYS A CE    1 
ATOM   1293 N NZ    . LYS B 2 139 ? -6.318  8.234   11.572  1.00 27.89 ? 175 LYS A NZ    1 
ATOM   1294 N N     . ARG B 2 140 ? -7.458  10.385  4.711   1.00 17.29 ? 176 ARG A N     1 
ATOM   1295 C CA    . ARG B 2 140 ? -7.959  11.137  3.561   1.00 17.50 ? 176 ARG A CA    1 
ATOM   1296 C C     . ARG B 2 140 ? -7.604  12.622  3.719   1.00 17.15 ? 176 ARG A C     1 
ATOM   1297 O O     . ARG B 2 140 ? -7.224  13.288  2.761   1.00 15.67 ? 176 ARG A O     1 
ATOM   1298 C CB    . ARG B 2 140 ? -9.487  10.963  3.435   1.00 18.44 ? 176 ARG A CB    1 
ATOM   1299 C CG    . ARG B 2 140 ? -10.109 11.667  2.223   1.00 18.03 ? 176 ARG A CG    1 
ATOM   1300 C CD    . ARG B 2 140 ? -11.536 11.184  1.923   1.00 17.45 ? 176 ARG A CD    1 
ATOM   1301 N NE    . ARG B 2 140 ? -12.464 11.424  3.028   1.00 15.76 ? 176 ARG A NE    1 
ATOM   1302 C CZ    . ARG B 2 140 ? -12.790 10.523  3.953   1.00 15.02 ? 176 ARG A CZ    1 
ATOM   1303 N NH1   . ARG B 2 140 ? -12.266 9.304   3.911   1.00 14.74 ? 176 ARG A NH1   1 
ATOM   1304 N NH2   . ARG B 2 140 ? -13.631 10.842  4.930   1.00 11.03 ? 176 ARG A NH2   1 
ATOM   1305 N N     . ILE B 2 141 ? -7.710  13.129  4.942   1.00 17.79 ? 177 ILE A N     1 
ATOM   1306 C CA    . ILE B 2 141 ? -7.402  14.530  5.210   1.00 19.46 ? 177 ILE A CA    1 
ATOM   1307 C C     . ILE B 2 141 ? -5.952  14.878  4.892   1.00 19.17 ? 177 ILE A C     1 
ATOM   1308 O O     . ILE B 2 141 ? -5.663  16.013  4.508   1.00 19.07 ? 177 ILE A O     1 
ATOM   1309 C CB    . ILE B 2 141 ? -7.727  14.915  6.686   1.00 20.41 ? 177 ILE A CB    1 
ATOM   1310 C CG1   . ILE B 2 141 ? -9.249  14.978  6.870   1.00 23.13 ? 177 ILE A CG1   1 
ATOM   1311 C CG2   . ILE B 2 141 ? -7.123  16.265  7.029   1.00 20.53 ? 177 ILE A CG2   1 
ATOM   1312 C CD1   . ILE B 2 141 ? -9.708  15.283  8.286   1.00 27.74 ? 177 ILE A CD1   1 
ATOM   1313 N N     . GLU B 2 142 ? -5.047  13.910  5.050   1.00 19.30 ? 178 GLU A N     1 
ATOM   1314 C CA    . GLU B 2 142 ? -3.631  14.131  4.752   1.00 19.28 ? 178 GLU A CA    1 
ATOM   1315 C C     . GLU B 2 142 ? -3.417  14.233  3.236   1.00 19.29 ? 178 GLU A C     1 
ATOM   1316 O O     . GLU B 2 142 ? -2.569  14.998  2.767   1.00 20.34 ? 178 GLU A O     1 
ATOM   1317 C CB    . GLU B 2 142 ? -2.775  12.994  5.310   1.00 17.77 ? 178 GLU A CB    1 
ATOM   1318 C CG    . GLU B 2 142 ? -2.779  12.873  6.812   1.00 17.93 ? 178 GLU A CG    1 
ATOM   1319 C CD    . GLU B 2 142 ? -2.079  11.611  7.270   1.00 22.31 ? 178 GLU A CD    1 
ATOM   1320 O OE1   . GLU B 2 142 ? -2.242  10.576  6.586   1.00 18.62 ? 178 GLU A OE1   1 
ATOM   1321 O OE2   . GLU B 2 142 ? -1.381  11.643  8.310   1.00 25.36 ? 178 GLU A OE2   1 
ATOM   1322 N N     . ALA B 2 143 ? -4.181  13.454  2.475   1.00 18.03 ? 179 ALA A N     1 
ATOM   1323 C CA    . ALA B 2 143 ? -4.080  13.475  1.021   1.00 16.29 ? 179 ALA A CA    1 
ATOM   1324 C C     . ALA B 2 143 ? -4.622  14.807  0.515   1.00 17.13 ? 179 ALA A C     1 
ATOM   1325 O O     . ALA B 2 143 ? -4.081  15.386  -0.421  1.00 18.89 ? 179 ALA A O     1 
ATOM   1326 C CB    . ALA B 2 143 ? -4.868  12.318  0.422   1.00 10.00 ? 179 ALA A CB    1 
ATOM   1327 N N     . GLU B 2 144 ? -5.693  15.298  1.138   1.00 19.73 ? 180 GLU A N     1 
ATOM   1328 C CA    . GLU B 2 144 ? -6.284  16.577  0.743   1.00 18.82 ? 180 GLU A CA    1 
ATOM   1329 C C     . GLU B 2 144 ? -5.279  17.706  0.954   1.00 19.01 ? 180 GLU A C     1 
ATOM   1330 O O     . GLU B 2 144 ? -5.166  18.599  0.116   1.00 19.00 ? 180 GLU A O     1 
ATOM   1331 C CB    . GLU B 2 144 ? -7.578  16.822  1.534   1.00 21.48 ? 180 GLU A CB    1 
ATOM   1332 C CG    . GLU B 2 144 ? -8.800  16.123  0.904   1.00 27.86 ? 180 GLU A CG    1 
ATOM   1333 C CD    . GLU B 2 144 ? -10.008 15.998  1.839   1.00 31.71 ? 180 GLU A CD    1 
ATOM   1334 O OE1   . GLU B 2 144 ? -11.102 15.604  1.357   1.00 30.54 ? 180 GLU A OE1   1 
ATOM   1335 O OE2   . GLU B 2 144 ? -9.859  16.281  3.051   1.00 33.78 ? 180 GLU A OE2   1 
ATOM   1336 N N     . GLU B 2 145 ? -4.540  17.646  2.063   1.00 20.31 ? 181 GLU A N     1 
ATOM   1337 C CA    . GLU B 2 145 ? -3.512  18.637  2.398   1.00 20.62 ? 181 GLU A CA    1 
ATOM   1338 C C     . GLU B 2 145 ? -2.344  18.577  1.406   1.00 20.68 ? 181 GLU A C     1 
ATOM   1339 O O     . GLU B 2 145 ? -1.750  19.602  1.069   1.00 22.21 ? 181 GLU A O     1 
ATOM   1340 C CB    . GLU B 2 145 ? -2.962  18.397  3.812   1.00 22.20 ? 181 GLU A CB    1 
ATOM   1341 C CG    . GLU B 2 145 ? -3.929  18.665  4.953   1.00 29.17 ? 181 GLU A CG    1 
ATOM   1342 C CD    . GLU B 2 145 ? -4.343  20.125  5.049   1.00 34.68 ? 181 GLU A CD    1 
ATOM   1343 O OE1   . GLU B 2 145 ? -3.457  21.012  5.052   1.00 39.94 ? 181 GLU A OE1   1 
ATOM   1344 O OE2   . GLU B 2 145 ? -5.561  20.389  5.132   1.00 38.41 ? 181 GLU A OE2   1 
ATOM   1345 N N     . ALA B 2 146 ? -2.008  17.375  0.951   1.00 18.52 ? 182 ALA A N     1 
ATOM   1346 C CA    . ALA B 2 146 ? -0.919  17.212  -0.002  1.00 18.76 ? 182 ALA A CA    1 
ATOM   1347 C C     . ALA B 2 146 ? -1.322  17.769  -1.368  1.00 18.58 ? 182 ALA A C     1 
ATOM   1348 O O     . ALA B 2 146 ? -0.500  18.346  -2.075  1.00 18.52 ? 182 ALA A O     1 
ATOM   1349 C CB    . ALA B 2 146 ? -0.531  15.734  -0.123  1.00 17.61 ? 182 ALA A CB    1 
ATOM   1350 N N     . ILE B 2 147 ? -2.584  17.593  -1.740  1.00 18.37 ? 183 ILE A N     1 
ATOM   1351 C CA    . ILE B 2 147 ? -3.046  18.109  -3.016  1.00 18.64 ? 183 ILE A CA    1 
ATOM   1352 C C     . ILE B 2 147 ? -2.926  19.625  -2.968  1.00 21.96 ? 183 ILE A C     1 
ATOM   1353 O O     . ILE B 2 147 ? -2.363  20.242  -3.879  1.00 21.55 ? 183 ILE A O     1 
ATOM   1354 C CB    . ILE B 2 147 ? -4.520  17.728  -3.300  1.00 16.92 ? 183 ILE A CB    1 
ATOM   1355 C CG1   . ILE B 2 147 ? -4.621  16.246  -3.680  1.00 16.08 ? 183 ILE A CG1   1 
ATOM   1356 C CG2   . ILE B 2 147 ? -5.069  18.595  -4.425  1.00 15.92 ? 183 ILE A CG2   1 
ATOM   1357 C CD1   . ILE B 2 147 ? -6.025  15.766  -3.953  1.00 12.79 ? 183 ILE A CD1   1 
ATOM   1358 N N     . LYS B 2 148 ? -3.447  20.213  -1.890  1.00 23.81 ? 184 LYS A N     1 
ATOM   1359 C CA    . LYS B 2 148 ? -3.418  21.662  -1.704  1.00 26.32 ? 184 LYS A CA    1 
ATOM   1360 C C     . LYS B 2 148 ? -2.001  22.225  -1.651  1.00 25.78 ? 184 LYS A C     1 
ATOM   1361 O O     . LYS B 2 148 ? -1.721  23.240  -2.274  1.00 27.84 ? 184 LYS A O     1 
ATOM   1362 C CB    . LYS B 2 148 ? -4.169  22.063  -0.424  1.00 27.25 ? 184 LYS A CB    1 
ATOM   1363 C CG    . LYS B 2 148 ? -5.573  21.452  -0.290  1.00 33.61 ? 184 LYS A CG    1 
ATOM   1364 C CD    . LYS B 2 148 ? -6.455  21.700  -1.516  1.00 34.31 ? 184 LYS A CD    1 
ATOM   1365 C CE    . LYS B 2 148 ? -7.777  20.932  -1.433  1.00 37.19 ? 184 LYS A CE    1 
ATOM   1366 N NZ    . LYS B 2 148 ? -7.629  19.444  -1.570  1.00 35.83 ? 184 LYS A NZ    1 
ATOM   1367 N N     . GLY B 2 149 ? -1.109  21.560  -0.929  1.00 24.36 ? 185 GLY A N     1 
ATOM   1368 C CA    . GLY B 2 149 ? 0.251   22.052  -0.829  1.00 24.89 ? 185 GLY A CA    1 
ATOM   1369 C C     . GLY B 2 149 ? 1.258   21.639  -1.897  1.00 25.79 ? 185 GLY A C     1 
ATOM   1370 O O     . GLY B 2 149 ? 2.363   22.192  -1.934  1.00 25.58 ? 185 GLY A O     1 
ATOM   1371 N N     . LEU B 2 150 ? 0.901   20.689  -2.765  1.00 24.95 ? 186 LEU A N     1 
ATOM   1372 C CA    . LEU B 2 150 ? 1.831   20.215  -3.799  1.00 23.84 ? 186 LEU A CA    1 
ATOM   1373 C C     . LEU B 2 150 ? 1.350   20.286  -5.248  1.00 23.70 ? 186 LEU A C     1 
ATOM   1374 O O     . LEU B 2 150 ? 2.164   20.344  -6.162  1.00 25.28 ? 186 LEU A O     1 
ATOM   1375 C CB    . LEU B 2 150 ? 2.256   18.776  -3.496  1.00 24.67 ? 186 LEU A CB    1 
ATOM   1376 C CG    . LEU B 2 150 ? 3.121   18.539  -2.252  1.00 27.12 ? 186 LEU A CG    1 
ATOM   1377 C CD1   . LEU B 2 150 ? 3.276   17.038  -1.998  1.00 28.09 ? 186 LEU A CD1   1 
ATOM   1378 C CD2   . LEU B 2 150 ? 4.480   19.194  -2.438  1.00 27.69 ? 186 LEU A CD2   1 
ATOM   1379 N N     . ASN B 2 151 ? 0.041   20.265  -5.474  1.00 24.29 ? 187 ASN A N     1 
ATOM   1380 C CA    . ASN B 2 151 ? -0.474  20.337  -6.840  1.00 24.19 ? 187 ASN A CA    1 
ATOM   1381 C C     . ASN B 2 151 ? -0.092  21.677  -7.488  1.00 25.83 ? 187 ASN A C     1 
ATOM   1382 O O     . ASN B 2 151 ? -0.323  22.747  -6.915  1.00 24.40 ? 187 ASN A O     1 
ATOM   1383 C CB    . ASN B 2 151 ? -1.999  20.148  -6.844  1.00 22.50 ? 187 ASN A CB    1 
ATOM   1384 C CG    . ASN B 2 151 ? -2.608  20.270  -8.241  1.00 24.06 ? 187 ASN A CG    1 
ATOM   1385 O OD1   . ASN B 2 151 ? -2.152  19.646  -9.203  1.00 25.02 ? 187 ASN A OD1   1 
ATOM   1386 N ND2   . ASN B 2 151 ? -3.651  21.073  -8.351  1.00 28.20 ? 187 ASN A ND2   1 
ATOM   1387 N N     . GLY B 2 152 ? 0.501   21.607  -8.677  1.00 26.16 ? 188 GLY A N     1 
ATOM   1388 C CA    . GLY B 2 152 ? 0.911   22.807  -9.383  1.00 27.90 ? 188 GLY A CA    1 
ATOM   1389 C C     . GLY B 2 152 ? 2.238   23.385  -8.916  1.00 29.33 ? 188 GLY A C     1 
ATOM   1390 O O     . GLY B 2 152 ? 2.730   24.355  -9.481  1.00 30.70 ? 188 GLY A O     1 
ATOM   1391 N N     . GLN B 2 153 ? 2.824   22.799  -7.881  1.00 31.02 ? 189 GLN A N     1 
ATOM   1392 C CA    . GLN B 2 153 ? 4.099   23.274  -7.352  1.00 32.09 ? 189 GLN A CA    1 
ATOM   1393 C C     . GLN B 2 153 ? 5.298   22.624  -8.029  1.00 34.01 ? 189 GLN A C     1 
ATOM   1394 O O     . GLN B 2 153 ? 5.161   21.677  -8.801  1.00 34.61 ? 189 GLN A O     1 
ATOM   1395 C CB    . GLN B 2 153 ? 4.177   23.005  -5.849  1.00 31.83 ? 189 GLN A CB    1 
ATOM   1396 C CG    . GLN B 2 153 ? 3.133   23.747  -5.047  1.00 35.20 ? 189 GLN A CG    1 
ATOM   1397 C CD    . GLN B 2 153 ? 3.206   25.243  -5.273  1.00 38.43 ? 189 GLN A CD    1 
ATOM   1398 O OE1   . GLN B 2 153 ? 4.246   25.867  -5.032  1.00 39.53 ? 189 GLN A OE1   1 
ATOM   1399 N NE2   . GLN B 2 153 ? 2.104   25.829  -5.743  1.00 35.98 ? 189 GLN A NE2   1 
ATOM   1400 N N     . LYS B 2 154 ? 6.478   23.153  -7.733  1.00 37.01 ? 190 LYS A N     1 
ATOM   1401 C CA    . LYS B 2 154 ? 7.726   22.634  -8.273  1.00 39.78 ? 190 LYS A CA    1 
ATOM   1402 C C     . LYS B 2 154 ? 8.576   22.125  -7.115  1.00 42.00 ? 190 LYS A C     1 
ATOM   1403 O O     . LYS B 2 154 ? 9.007   22.907  -6.259  1.00 42.53 ? 190 LYS A O     1 
ATOM   1404 C CB    . LYS B 2 154 ? 8.481   23.730  -9.031  1.00 39.71 ? 190 LYS A CB    1 
ATOM   1405 C CG    . LYS B 2 154 ? 7.967   23.974  -10.441 1.00 43.09 ? 190 LYS A CG    1 
ATOM   1406 C CD    . LYS B 2 154 ? 8.639   25.187  -11.078 1.00 46.31 ? 190 LYS A CD    1 
ATOM   1407 C CE    . LYS B 2 154 ? 7.761   26.432  -10.985 1.00 47.01 ? 190 LYS A CE    1 
ATOM   1408 N NZ    . LYS B 2 154 ? 7.284   26.707  -9.595  1.00 48.35 ? 190 LYS A NZ    1 
ATOM   1409 N N     . PRO B 2 155 ? 8.812   20.801  -7.058  1.00 43.85 ? 191 PRO A N     1 
ATOM   1410 C CA    . PRO B 2 155 ? 9.619   20.221  -5.983  1.00 46.01 ? 191 PRO A CA    1 
ATOM   1411 C C     . PRO B 2 155 ? 11.043  20.762  -5.952  1.00 49.07 ? 191 PRO A C     1 
ATOM   1412 O O     . PRO B 2 155 ? 11.568  21.227  -6.968  1.00 50.11 ? 191 PRO A O     1 
ATOM   1413 C CB    . PRO B 2 155 ? 9.561   18.719  -6.272  1.00 44.09 ? 191 PRO A CB    1 
ATOM   1414 C CG    . PRO B 2 155 ? 9.328   18.654  -7.735  1.00 42.97 ? 191 PRO A CG    1 
ATOM   1415 C CD    . PRO B 2 155 ? 8.320   19.747  -7.960  1.00 42.84 ? 191 PRO A CD    1 
ATOM   1416 N N     . SER B 2 156 ? 11.643  20.695  -4.766  1.00 52.14 ? 192 SER A N     1 
ATOM   1417 C CA    . SER B 2 156 ? 13.003  21.162  -4.494  1.00 54.43 ? 192 SER A CA    1 
ATOM   1418 C C     . SER B 2 156 ? 13.766  21.785  -5.667  1.00 55.22 ? 192 SER A C     1 
ATOM   1419 O O     . SER B 2 156 ? 13.824  23.010  -5.790  1.00 56.41 ? 192 SER A O     1 
ATOM   1420 C CB    . SER B 2 156 ? 13.823  20.016  -3.890  1.00 56.61 ? 192 SER A CB    1 
ATOM   1421 O OG    . SER B 2 156 ? 13.250  19.569  -2.668  1.00 58.48 ? 192 SER A OG    1 
ATOM   1422 N N     . GLY B 2 157 ? 14.350  20.952  -6.524  1.00 54.36 ? 193 GLY A N     1 
ATOM   1423 C CA    . GLY B 2 157 ? 15.099  21.481  -7.650  1.00 54.03 ? 193 GLY A CA    1 
ATOM   1424 C C     . GLY B 2 157 ? 14.413  21.350  -8.998  1.00 54.21 ? 193 GLY A C     1 
ATOM   1425 O O     . GLY B 2 157 ? 15.039  21.566  -10.041 1.00 54.90 ? 193 GLY A O     1 
ATOM   1426 N N     . ALA B 2 158 ? 13.128  21.009  -8.987  1.00 51.89 ? 194 ALA A N     1 
ATOM   1427 C CA    . ALA B 2 158 ? 12.384  20.842  -10.226 1.00 51.01 ? 194 ALA A CA    1 
ATOM   1428 C C     . ALA B 2 158 ? 12.311  22.122  -11.045 1.00 51.13 ? 194 ALA A C     1 
ATOM   1429 O O     . ALA B 2 158 ? 12.421  23.231  -10.518 1.00 51.28 ? 194 ALA A O     1 
ATOM   1430 C CB    . ALA B 2 158 ? 10.986  20.343  -9.931  1.00 50.56 ? 194 ALA A CB    1 
ATOM   1431 N N     . THR B 2 159 ? 12.125  21.947  -12.348 1.00 50.57 ? 195 THR A N     1 
ATOM   1432 C CA    . THR B 2 159 ? 12.023  23.061  -13.280 1.00 49.98 ? 195 THR A CA    1 
ATOM   1433 C C     . THR B 2 159 ? 10.616  23.018  -13.854 1.00 47.87 ? 195 THR A C     1 
ATOM   1434 O O     . THR B 2 159 ? 10.141  23.974  -14.470 1.00 45.71 ? 195 THR A O     1 
ATOM   1435 C CB    . THR B 2 159 ? 13.023  22.903  -14.429 1.00 51.43 ? 195 THR A CB    1 
ATOM   1436 O OG1   . THR B 2 159 ? 12.696  21.725  -15.178 1.00 53.07 ? 195 THR A OG1   1 
ATOM   1437 C CG2   . THR B 2 159 ? 14.449  22.778  -13.881 1.00 51.87 ? 195 THR A CG2   1 
ATOM   1438 N N     . GLU B 2 160 ? 9.965   21.881  -13.629 1.00 46.72 ? 196 GLU A N     1 
ATOM   1439 C CA    . GLU B 2 160 ? 8.608   21.638  -14.094 1.00 44.79 ? 196 GLU A CA    1 
ATOM   1440 C C     . GLU B 2 160 ? 7.702   21.286  -12.915 1.00 42.06 ? 196 GLU A C     1 
ATOM   1441 O O     . GLU B 2 160 ? 8.058   20.461  -12.072 1.00 42.82 ? 196 GLU A O     1 
ATOM   1442 C CB    . GLU B 2 160 ? 8.601   20.477  -15.091 1.00 46.39 ? 196 GLU A CB    1 
ATOM   1443 C CG    . GLU B 2 160 ? 9.477   20.695  -16.305 1.00 48.22 ? 196 GLU A CG    1 
ATOM   1444 C CD    . GLU B 2 160 ? 9.128   21.970  -17.034 1.00 48.44 ? 196 GLU A CD    1 
ATOM   1445 O OE1   . GLU B 2 160 ? 7.943   22.149  -17.380 1.00 49.17 ? 196 GLU A OE1   1 
ATOM   1446 O OE2   . GLU B 2 160 ? 10.040  22.790  -17.261 1.00 51.31 ? 196 GLU A OE2   1 
ATOM   1447 N N     . PRO B 2 161 ? 6.517   21.914  -12.839 1.00 39.41 ? 197 PRO A N     1 
ATOM   1448 C CA    . PRO B 2 161 ? 5.566   21.649  -11.753 1.00 37.41 ? 197 PRO A CA    1 
ATOM   1449 C C     . PRO B 2 161 ? 4.898   20.277  -11.875 1.00 35.75 ? 197 PRO A C     1 
ATOM   1450 O O     . PRO B 2 161 ? 4.840   19.690  -12.963 1.00 36.06 ? 197 PRO A O     1 
ATOM   1451 C CB    . PRO B 2 161 ? 4.569   22.796  -11.882 1.00 37.35 ? 197 PRO A CB    1 
ATOM   1452 C CG    . PRO B 2 161 ? 4.572   23.064  -13.354 1.00 37.87 ? 197 PRO A CG    1 
ATOM   1453 C CD    . PRO B 2 161 ? 6.041   23.020  -13.689 1.00 37.16 ? 197 PRO A CD    1 
ATOM   1454 N N     . ILE B 2 162 ? 4.388   19.767  -10.761 1.00 31.94 ? 198 ILE A N     1 
ATOM   1455 C CA    . ILE B 2 162 ? 3.741   18.464  -10.768 1.00 27.57 ? 198 ILE A CA    1 
ATOM   1456 C C     . ILE B 2 162 ? 2.242   18.558  -10.528 1.00 26.80 ? 198 ILE A C     1 
ATOM   1457 O O     . ILE B 2 162 ? 1.739   19.562  -10.037 1.00 25.70 ? 198 ILE A O     1 
ATOM   1458 C CB    . ILE B 2 162 ? 4.374   17.542  -9.712  1.00 25.98 ? 198 ILE A CB    1 
ATOM   1459 C CG1   . ILE B 2 162 ? 4.030   18.029  -8.299  1.00 23.22 ? 198 ILE A CG1   1 
ATOM   1460 C CG2   . ILE B 2 162 ? 5.887   17.523  -9.908  1.00 24.53 ? 198 ILE A CG2   1 
ATOM   1461 C CD1   . ILE B 2 162 ? 4.600   17.161  -7.183  1.00 15.13 ? 198 ILE A CD1   1 
ATOM   1462 N N     . THR B 2 163 ? 1.524   17.511  -10.908 1.00 27.04 ? 199 THR A N     1 
ATOM   1463 C CA    . THR B 2 163 ? 0.086   17.479  -10.705 1.00 27.37 ? 199 THR A CA    1 
ATOM   1464 C C     . THR B 2 163 ? -0.215  16.459  -9.618  1.00 26.28 ? 199 THR A C     1 
ATOM   1465 O O     . THR B 2 163 ? 0.374   15.373  -9.588  1.00 25.04 ? 199 THR A O     1 
ATOM   1466 C CB    . THR B 2 163 ? -0.663  17.083  -11.995 1.00 28.24 ? 199 THR A CB    1 
ATOM   1467 O OG1   . THR B 2 163 ? -0.367  18.033  -13.026 1.00 32.17 ? 199 THR A OG1   1 
ATOM   1468 C CG2   . THR B 2 163 ? -2.165  17.068  -11.754 1.00 27.03 ? 199 THR A CG2   1 
ATOM   1469 N N     . VAL B 2 164 ? -1.116  16.823  -8.714  1.00 24.58 ? 200 VAL A N     1 
ATOM   1470 C CA    . VAL B 2 164 ? -1.508  15.949  -7.622  1.00 23.96 ? 200 VAL A CA    1 
ATOM   1471 C C     . VAL B 2 164 ? -3.024  15.932  -7.571  1.00 24.56 ? 200 VAL A C     1 
ATOM   1472 O O     . VAL B 2 164 ? -3.665  16.982  -7.488  1.00 24.56 ? 200 VAL A O     1 
ATOM   1473 C CB    . VAL B 2 164 ? -0.955  16.444  -6.268  1.00 24.23 ? 200 VAL A CB    1 
ATOM   1474 C CG1   . VAL B 2 164 ? -1.424  15.528  -5.142  1.00 21.98 ? 200 VAL A CG1   1 
ATOM   1475 C CG2   . VAL B 2 164 ? 0.561   16.491  -6.317  1.00 20.73 ? 200 VAL A CG2   1 
ATOM   1476 N N     . LYS B 2 165 ? -3.589  14.732  -7.629  1.00 23.83 ? 201 LYS A N     1 
ATOM   1477 C CA    . LYS B 2 165 ? -5.035  14.564  -7.609  1.00 23.23 ? 201 LYS A CA    1 
ATOM   1478 C C     . LYS B 2 165 ? -5.395  13.212  -7.019  1.00 21.50 ? 201 LYS A C     1 
ATOM   1479 O O     . LYS B 2 165 ? -4.559  12.310  -6.956  1.00 20.33 ? 201 LYS A O     1 
ATOM   1480 C CB    . LYS B 2 165 ? -5.590  14.648  -9.034  1.00 23.68 ? 201 LYS A CB    1 
ATOM   1481 C CG    . LYS B 2 165 ? -4.827  13.774  -10.004 1.00 25.94 ? 201 LYS A CG    1 
ATOM   1482 C CD    . LYS B 2 165 ? -5.499  13.678  -11.349 1.00 28.18 ? 201 LYS A CD    1 
ATOM   1483 C CE    . LYS B 2 165 ? -6.720  12.790  -11.282 1.00 29.82 ? 201 LYS A CE    1 
ATOM   1484 N NZ    . LYS B 2 165 ? -7.278  12.562  -12.643 1.00 32.27 ? 201 LYS A NZ    1 
ATOM   1485 N N     . PHE B 2 166 ? -6.644  13.077  -6.583  1.00 20.99 ? 202 PHE A N     1 
ATOM   1486 C CA    . PHE B 2 166 ? -7.110  11.813  -6.029  1.00 20.74 ? 202 PHE A CA    1 
ATOM   1487 C C     . PHE B 2 166 ? -7.105  10.808  -7.168  1.00 21.01 ? 202 PHE A C     1 
ATOM   1488 O O     . PHE B 2 166 ? -7.529  11.128  -8.281  1.00 22.00 ? 202 PHE A O     1 
ATOM   1489 C CB    . PHE B 2 166 ? -8.531  11.944  -5.456  1.00 18.63 ? 202 PHE A CB    1 
ATOM   1490 C CG    . PHE B 2 166 ? -8.581  12.599  -4.103  1.00 17.86 ? 202 PHE A CG    1 
ATOM   1491 C CD1   . PHE B 2 166 ? -9.211  13.831  -3.933  1.00 18.13 ? 202 PHE A CD1   1 
ATOM   1492 C CD2   . PHE B 2 166 ? -7.977  11.992  -2.998  1.00 17.09 ? 202 PHE A CD2   1 
ATOM   1493 C CE1   . PHE B 2 166 ? -9.237  14.458  -2.675  1.00 18.69 ? 202 PHE A CE1   1 
ATOM   1494 C CE2   . PHE B 2 166 ? -7.995  12.601  -1.742  1.00 19.45 ? 202 PHE A CE2   1 
ATOM   1495 C CZ    . PHE B 2 166 ? -8.628  13.841  -1.578  1.00 19.35 ? 202 PHE A CZ    1 
ATOM   1496 N N     . ALA B 2 167 ? -6.606  9.607   -6.894  1.00 20.97 ? 203 ALA A N     1 
ATOM   1497 C CA    . ALA B 2 167 ? -6.554  8.558   -7.902  1.00 24.20 ? 203 ALA A CA    1 
ATOM   1498 C C     . ALA B 2 167 ? -7.974  8.277   -8.381  1.00 27.54 ? 203 ALA A C     1 
ATOM   1499 O O     . ALA B 2 167 ? -8.198  8.295   -9.620  1.00 30.65 ? 203 ALA A O     1 
ATOM   1500 C CB    . ALA B 2 167 ? -5.931  7.298   -7.324  1.00 19.94 ? 203 ALA A CB    1 
ATOM   1501 O OXT   . ALA B 2 167 ? -8.845  8.058   -7.511  1.00 28.12 ? 203 ALA A OXT   1 
HETATM 1502 O O     . HOH C 3 .   ? -3.495  -5.185  -2.019  1.00 19.65 ? 12  HOH B O     1 
HETATM 1503 O O     . HOH C 3 .   ? 5.951   -6.201  -0.434  1.00 17.30 ? 13  HOH B O     1 
HETATM 1504 O O     . HOH C 3 .   ? -9.530  3.519   -0.193  1.00 21.83 ? 14  HOH B O     1 
HETATM 1505 O O     . HOH C 3 .   ? -15.866 -6.877  0.342   1.00 18.82 ? 15  HOH B O     1 
HETATM 1506 O O     . HOH C 3 .   ? -10.425 -3.253  -3.617  1.00 27.47 ? 16  HOH B O     1 
HETATM 1507 O O     . HOH C 3 .   ? -11.096 -8.973  -8.391  1.00 31.33 ? 17  HOH B O     1 
HETATM 1508 O O     . HOH C 3 .   ? -3.310  -5.002  -5.207  1.00 18.15 ? 18  HOH B O     1 
HETATM 1509 O O     . HOH C 3 .   ? -12.752 -11.043 9.719   1.00 30.71 ? 19  HOH B O     1 
HETATM 1510 O O     . HOH C 3 .   ? 1.544   -3.237  -14.291 1.00 23.60 ? 20  HOH B O     1 
HETATM 1511 O O     . HOH C 3 .   ? 6.142   13.003  -16.029 1.00 37.77 ? 21  HOH B O     1 
HETATM 1512 O O     . HOH C 3 .   ? -18.216 -10.399 0.562   1.00 30.68 ? 22  HOH B O     1 
HETATM 1513 O O     . HOH C 3 .   ? -13.111 1.342   -0.070  1.00 43.47 ? 23  HOH B O     1 
HETATM 1514 O O     . HOH C 3 .   ? 4.556   -1.923  -1.521  1.00 37.77 ? 24  HOH B O     1 
HETATM 1515 O O     . HOH C 3 .   ? 9.183   -6.440  0.053   1.00 29.20 ? 25  HOH B O     1 
HETATM 1516 O O     . HOH C 3 .   ? 1.281   -3.985  -17.686 1.00 42.27 ? 26  HOH B O     1 
HETATM 1517 O O     . HOH C 3 .   ? -6.488  0.906   -10.937 1.00 34.83 ? 27  HOH B O     1 
HETATM 1518 O O     . HOH C 3 .   ? 5.445   15.087  -18.063 1.00 31.17 ? 28  HOH B O     1 
HETATM 1519 O O     . HOH D 3 .   ? -0.282  -4.932  4.098   1.00 4.03  ? 204 HOH A O     1 
HETATM 1520 O O     . HOH D 3 .   ? -2.308  -0.731  7.483   1.00 9.69  ? 205 HOH A O     1 
HETATM 1521 O O     . HOH D 3 .   ? -0.267  -0.910  5.673   1.00 8.08  ? 206 HOH A O     1 
HETATM 1522 O O     . HOH D 3 .   ? -9.528  -9.107  10.708  1.00 20.66 ? 207 HOH A O     1 
HETATM 1523 O O     . HOH D 3 .   ? 3.036   2.937   6.456   1.00 12.30 ? 208 HOH A O     1 
HETATM 1524 O O     . HOH D 3 .   ? -1.440  3.474   -4.195  1.00 14.25 ? 209 HOH A O     1 
HETATM 1525 O O     . HOH D 3 .   ? 2.056   -7.724  17.352  1.00 16.84 ? 210 HOH A O     1 
HETATM 1526 O O     . HOH D 3 .   ? -5.014  4.812   3.647   1.00 8.75  ? 211 HOH A O     1 
HETATM 1527 O O     . HOH D 3 .   ? -1.379  -16.727 17.918  1.00 16.45 ? 212 HOH A O     1 
HETATM 1528 O O     . HOH D 3 .   ? -1.194  -0.290  -4.470  1.00 25.12 ? 213 HOH A O     1 
HETATM 1529 O O     . HOH D 3 .   ? -9.431  11.525  7.299   1.00 26.28 ? 214 HOH A O     1 
HETATM 1530 O O     . HOH D 3 .   ? -17.116 -13.072 -12.361 1.00 26.07 ? 215 HOH A O     1 
HETATM 1531 O O     . HOH D 3 .   ? 5.318   1.474   -0.586  1.00 23.49 ? 216 HOH A O     1 
HETATM 1532 O O     . HOH D 3 .   ? 8.820   2.966   -6.747  1.00 17.70 ? 217 HOH A O     1 
HETATM 1533 O O     . HOH D 3 .   ? -1.817  9.680   10.239  1.00 14.05 ? 218 HOH A O     1 
HETATM 1534 O O     . HOH D 3 .   ? -5.479  4.963   10.606  1.00 15.22 ? 219 HOH A O     1 
HETATM 1535 O O     . HOH D 3 .   ? -6.646  4.470   0.905   1.00 23.10 ? 220 HOH A O     1 
HETATM 1536 O O     . HOH D 3 .   ? -7.297  -3.385  13.694  1.00 23.50 ? 221 HOH A O     1 
HETATM 1537 O O     . HOH D 3 .   ? -7.665  4.010   11.312  1.00 24.68 ? 222 HOH A O     1 
HETATM 1538 O O     . HOH D 3 .   ? -18.003 -14.327 -10.358 1.00 20.27 ? 223 HOH A O     1 
HETATM 1539 O O     . HOH D 3 .   ? 9.372   -8.406  7.299   1.00 24.25 ? 224 HOH A O     1 
HETATM 1540 O O     . HOH D 3 .   ? 4.276   -19.488 17.487  1.00 45.38 ? 225 HOH A O     1 
HETATM 1541 O O     . HOH D 3 .   ? -8.374  7.821   -3.303  1.00 21.40 ? 226 HOH A O     1 
HETATM 1542 O O     . HOH D 3 .   ? -8.882  -2.911  11.670  1.00 27.34 ? 227 HOH A O     1 
HETATM 1543 O O     . HOH D 3 .   ? 1.971   0.582   5.364   1.00 16.29 ? 228 HOH A O     1 
HETATM 1544 O O     . HOH D 3 .   ? 7.154   -18.160 8.804   1.00 28.29 ? 229 HOH A O     1 
HETATM 1545 O O     . HOH D 3 .   ? 7.043   -6.765  12.976  1.00 15.23 ? 230 HOH A O     1 
HETATM 1546 O O     . HOH D 3 .   ? -2.686  5.249   12.052  1.00 34.48 ? 231 HOH A O     1 
HETATM 1547 O O     . HOH D 3 .   ? -2.080  -12.355 -9.577  1.00 15.89 ? 232 HOH A O     1 
HETATM 1548 O O     . HOH D 3 .   ? 10.908  -10.280 -2.304  1.00 17.09 ? 233 HOH A O     1 
HETATM 1549 O O     . HOH D 3 .   ? -1.062  -21.929 1.435   1.00 38.97 ? 234 HOH A O     1 
HETATM 1550 O O     . HOH D 3 .   ? 11.025  10.119  -11.265 1.00 30.79 ? 235 HOH A O     1 
HETATM 1551 O O     . HOH D 3 .   ? -11.872 -2.851  -1.241  1.00 17.11 ? 236 HOH A O     1 
HETATM 1552 O O     . HOH D 3 .   ? -6.535  -13.727 -3.898  1.00 16.22 ? 237 HOH A O     1 
HETATM 1553 O O     . HOH D 3 .   ? -19.363 -12.109 -0.820  1.00 48.58 ? 238 HOH A O     1 
HETATM 1554 O O     . HOH D 3 .   ? 6.422   -8.651  -7.689  1.00 25.22 ? 239 HOH A O     1 
HETATM 1555 O O     . HOH D 3 .   ? 6.608   -4.717  1.737   1.00 36.63 ? 240 HOH A O     1 
HETATM 1556 O O     . HOH D 3 .   ? 5.514   8.412   6.247   1.00 29.66 ? 241 HOH A O     1 
HETATM 1557 O O     . HOH D 3 .   ? -8.791  11.690  10.050  1.00 14.00 ? 242 HOH A O     1 
HETATM 1558 O O     . HOH D 3 .   ? -6.978  -12.283 18.884  1.00 20.22 ? 243 HOH A O     1 
HETATM 1559 O O     . HOH D 3 .   ? -0.541  -18.706 -3.980  1.00 28.73 ? 244 HOH A O     1 
HETATM 1560 O O     . HOH D 3 .   ? -18.924 -5.599  -8.311  1.00 10.70 ? 245 HOH A O     1 
HETATM 1561 O O     . HOH D 3 .   ? -8.244  15.995  -6.681  1.00 24.02 ? 246 HOH A O     1 
HETATM 1562 O O     . HOH D 3 .   ? 14.499  6.964   -13.816 1.00 38.94 ? 247 HOH A O     1 
HETATM 1563 O O     . HOH D 3 .   ? -2.116  -22.377 13.412  1.00 36.59 ? 248 HOH A O     1 
HETATM 1564 O O     . HOH D 3 .   ? -17.468 -5.406  -2.660  1.00 41.09 ? 249 HOH A O     1 
HETATM 1565 O O     . HOH D 3 .   ? -5.792  -23.772 7.795   1.00 33.83 ? 250 HOH A O     1 
HETATM 1566 O O     . HOH D 3 .   ? -4.544  -21.278 13.358  1.00 20.45 ? 251 HOH A O     1 
HETATM 1567 O O     . HOH D 3 .   ? -10.184 -11.365 10.186  1.00 33.55 ? 252 HOH A O     1 
HETATM 1568 O O     . HOH D 3 .   ? -10.857 -15.022 -7.196  1.00 30.02 ? 253 HOH A O     1 
HETATM 1569 O O     . HOH D 3 .   ? 7.842   -18.079 -2.583  1.00 39.69 ? 254 HOH A O     1 
HETATM 1570 O O     . HOH D 3 .   ? -3.140  2.274   13.678  1.00 42.08 ? 255 HOH A O     1 
HETATM 1571 O O     . HOH D 3 .   ? 5.977   0.203   -13.909 1.00 34.83 ? 256 HOH A O     1 
HETATM 1572 O O     . HOH D 3 .   ? 6.984   -12.710 -7.674  1.00 22.59 ? 257 HOH A O     1 
HETATM 1573 O O     . HOH D 3 .   ? 9.713   8.195   -19.571 1.00 36.04 ? 258 HOH A O     1 
HETATM 1574 O O     . HOH D 3 .   ? -12.243 -17.181 10.448  1.00 18.88 ? 259 HOH A O     1 
HETATM 1575 O O     . HOH D 3 .   ? 14.239  5.299   -3.827  1.00 32.62 ? 260 HOH A O     1 
HETATM 1576 O O     . HOH D 3 .   ? 10.312  -8.649  -4.565  1.00 36.68 ? 261 HOH A O     1 
HETATM 1577 O O     . HOH D 3 .   ? -5.984  -5.263  -3.565  1.00 31.94 ? 262 HOH A O     1 
HETATM 1578 O O     . HOH D 3 .   ? -3.292  -7.648  -5.506  1.00 19.59 ? 263 HOH A O     1 
HETATM 1579 O O     . HOH D 3 .   ? 4.316   -0.438  0.858   1.00 34.12 ? 264 HOH A O     1 
HETATM 1580 O O     . HOH D 3 .   ? -21.750 -9.401  1.537   1.00 33.89 ? 265 HOH A O     1 
HETATM 1581 O O     . HOH D 3 .   ? 7.370   -12.148 17.732  1.00 39.69 ? 266 HOH A O     1 
HETATM 1582 O O     . HOH D 3 .   ? 7.595   12.304  -20.251 1.00 39.66 ? 267 HOH A O     1 
HETATM 1583 O O     . HOH D 3 .   ? -5.727  -9.800  21.991  1.00 53.68 ? 268 HOH A O     1 
HETATM 1584 O O     . HOH D 3 .   ? 4.239   13.953  8.788   1.00 35.37 ? 269 HOH A O     1 
HETATM 1585 O O     . HOH D 3 .   ? 9.123   18.058  -11.747 1.00 31.14 ? 270 HOH A O     1 
HETATM 1586 O O     . HOH D 3 .   ? 6.975   12.237  9.308   1.00 38.88 ? 271 HOH A O     1 
HETATM 1587 O O     . HOH D 3 .   ? 5.635   3.153   3.801   1.00 32.75 ? 272 HOH A O     1 
HETATM 1588 O O     . HOH D 3 .   ? 10.135  -13.323 13.973  1.00 20.79 ? 273 HOH A O     1 
HETATM 1589 O O     . HOH D 3 .   ? -7.367  4.751   -5.673  1.00 34.02 ? 274 HOH A O     1 
HETATM 1590 O O     . HOH D 3 .   ? 10.588  3.406   -9.530  1.00 40.34 ? 275 HOH A O     1 
HETATM 1591 O O     . HOH D 3 .   ? 13.781  19.388  -13.944 1.00 37.07 ? 276 HOH A O     1 
HETATM 1592 O O     . HOH D 3 .   ? -9.670  12.420  -9.446  1.00 28.83 ? 277 HOH A O     1 
HETATM 1593 O O     . HOH D 3 .   ? -14.295 2.208   6.324   1.00 37.33 ? 278 HOH A O     1 
HETATM 1594 O O     . HOH D 3 .   ? 7.909   8.311   4.588   1.00 36.11 ? 279 HOH A O     1 
HETATM 1595 O O     . HOH D 3 .   ? 13.016  4.567   -6.376  1.00 27.10 ? 280 HOH A O     1 
HETATM 1596 O O     . HOH D 3 .   ? -7.154  -24.027 5.398   1.00 25.70 ? 281 HOH A O     1 
HETATM 1597 O O     . HOH D 3 .   ? -10.829 -13.347 -10.991 1.00 36.01 ? 282 HOH A O     1 
HETATM 1598 O O     . HOH D 3 .   ? -15.002 -2.350  8.681   1.00 35.09 ? 283 HOH A O     1 
HETATM 1599 O O     . HOH D 3 .   ? -4.541  -25.148 1.675   1.00 33.43 ? 284 HOH A O     1 
HETATM 1600 O O     . HOH D 3 .   ? 4.430   -8.373  19.809  1.00 35.04 ? 285 HOH A O     1 
HETATM 1601 O O     . HOH D 3 .   ? 2.621   -20.018 -4.851  1.00 36.68 ? 286 HOH A O     1 
HETATM 1602 O O     . HOH D 3 .   ? 1.967   9.289   14.572  1.00 36.95 ? 287 HOH A O     1 
HETATM 1603 O O     . HOH D 3 .   ? -12.949 -19.151 15.823  1.00 35.44 ? 288 HOH A O     1 
HETATM 1604 O O     . HOH D 3 .   ? -15.013 -11.220 1.615   1.00 20.22 ? 289 HOH A O     1 
HETATM 1605 O O     . HOH D 3 .   ? 5.834   -18.242 -7.152  1.00 30.23 ? 290 HOH A O     1 
HETATM 1606 O O     . HOH D 3 .   ? 11.292  16.994  0.273   1.00 26.95 ? 291 HOH A O     1 
HETATM 1607 O O     . HOH D 3 .   ? -1.383  20.936  -11.573 1.00 41.39 ? 292 HOH A O     1 
HETATM 1608 O O     . HOH D 3 .   ? 7.398   -18.623 11.350  1.00 42.16 ? 293 HOH A O     1 
HETATM 1609 O O     . HOH D 3 .   ? -10.236 17.293  -2.134  1.00 47.38 ? 294 HOH A O     1 
HETATM 1610 O O     . HOH D 3 .   ? -10.583 -8.134  13.464  1.00 37.76 ? 295 HOH A O     1 
HETATM 1611 O O     . HOH D 3 .   ? 11.151  -6.022  12.948  1.00 27.91 ? 296 HOH A O     1 
HETATM 1612 O O     . HOH D 3 .   ? 2.160   18.916  -14.009 1.00 27.48 ? 297 HOH A O     1 
HETATM 1613 O O     . HOH D 3 .   ? -17.580 -3.714  -9.052  1.00 29.39 ? 298 HOH A O     1 
HETATM 1614 O O     . HOH D 3 .   ? 5.346   10.887  7.609   1.00 36.50 ? 299 HOH A O     1 
HETATM 1615 O O     . HOH D 3 .   ? -5.962  -21.905 10.777  1.00 47.98 ? 300 HOH A O     1 
HETATM 1616 O O     . HOH D 3 .   ? 3.343   -5.303  18.597  1.00 44.18 ? 301 HOH A O     1 
HETATM 1617 O O     . HOH D 3 .   ? 2.227   16.570  -15.935 1.00 34.34 ? 302 HOH A O     1 
HETATM 1618 O O     . HOH D 3 .   ? -2.813  -8.201  22.779  1.00 29.12 ? 303 HOH A O     1 
HETATM 1619 O O     . HOH D 3 .   ? 12.688  6.835   -10.214 1.00 37.87 ? 304 HOH A O     1 
HETATM 1620 O O     . HOH D 3 .   ? 6.498   2.428   -23.613 1.00 52.12 ? 305 HOH A O     1 
HETATM 1621 O O     . HOH D 3 .   ? 6.707   -5.863  -6.911  1.00 26.83 ? 306 HOH A O     1 
HETATM 1622 O O     . HOH D 3 .   ? -3.968  -25.820 -3.327  1.00 33.67 ? 307 HOH A O     1 
HETATM 1623 O O     . HOH D 3 .   ? -12.833 -17.675 13.257  1.00 39.99 ? 308 HOH A O     1 
HETATM 1624 O O     . HOH D 3 .   ? 1.123   -22.725 2.800   1.00 33.84 ? 309 HOH A O     1 
HETATM 1625 O O     . HOH D 3 .   ? 10.747  -7.216  15.579  1.00 48.55 ? 310 HOH A O     1 
HETATM 1626 O O     . HOH D 3 .   ? -9.745  9.557   12.001  1.00 33.29 ? 311 HOH A O     1 
HETATM 1627 O O     . HOH D 3 .   ? 10.834  17.594  2.799   1.00 35.03 ? 312 HOH A O     1 
HETATM 1628 O O     . HOH D 3 .   ? -3.483  -4.319  14.403  1.00 13.53 ? 313 HOH A O     1 
HETATM 1629 O O     . HOH D 3 .   ? -4.808  -5.561  16.405  1.00 23.96 ? 314 HOH A O     1 
HETATM 1630 O O     . HOH D 3 .   ? -7.795  -4.339  17.235  1.00 33.85 ? 315 HOH A O     1 
HETATM 1631 O O     . HOH D 3 .   ? -11.689 14.415  3.695   1.00 26.74 ? 316 HOH A O     1 
HETATM 1632 O O     . HOH D 3 .   ? -5.944  -1.390  17.448  1.00 31.97 ? 317 HOH A O     1 
HETATM 1633 O O     . HOH D 3 .   ? 2.575   -20.736 18.922  1.00 37.44 ? 318 HOH A O     1 
HETATM 1634 O O     . HOH D 3 .   ? 6.450   -20.938 8.401   1.00 43.22 ? 319 HOH A O     1 
HETATM 1635 O O     . HOH D 3 .   ? 1.847   0.845   -4.184  1.00 41.05 ? 320 HOH A O     1 
HETATM 1636 O O     . HOH D 3 .   ? 10.581  -8.363  5.048   1.00 38.51 ? 321 HOH A O     1 
HETATM 1637 O O     . HOH D 3 .   ? 10.681  18.347  -13.799 1.00 44.85 ? 322 HOH A O     1 
HETATM 1638 O O     . HOH D 3 .   ? -5.431  19.118  -10.790 1.00 40.36 ? 323 HOH A O     1 
HETATM 1639 O O     . HOH D 3 .   ? 13.745  -0.050  -14.502 1.00 39.18 ? 324 HOH A O     1 
HETATM 1640 O O     . HOH D 3 .   ? -12.304 11.482  -10.475 1.00 65.45 ? 325 HOH A O     1 
HETATM 1641 O O     . HOH D 3 .   ? 6.324   -22.573 10.472  1.00 36.97 ? 326 HOH A O     1 
HETATM 1642 O O     . HOH D 3 .   ? 0.530   -19.917 -0.855  1.00 30.66 ? 327 HOH A O     1 
HETATM 1643 O O     . HOH D 3 .   ? 17.405  12.786  -1.126  1.00 31.01 ? 328 HOH A O     1 
HETATM 1644 O O     . HOH D 3 .   ? 5.027   0.095   -4.649  1.00 33.61 ? 329 HOH A O     1 
HETATM 1645 O O     . HOH D 3 .   ? -12.700 3.794   -1.225  1.00 42.56 ? 330 HOH A O     1 
HETATM 1646 O O     . HOH D 3 .   ? 11.072  7.587   2.415   1.00 35.78 ? 331 HOH A O     1 
HETATM 1647 O O     . HOH D 3 .   ? -0.837  17.626  6.994   1.00 26.40 ? 332 HOH A O     1 
HETATM 1648 O O     . HOH D 3 .   ? -16.643 2.546   5.727   1.00 35.57 ? 333 HOH A O     1 
HETATM 1649 O O     . HOH D 3 .   ? 0.137   -6.379  23.200  1.00 36.65 ? 334 HOH A O     1 
HETATM 1650 O O     . HOH D 3 .   ? -9.274  17.440  -4.818  1.00 27.68 ? 335 HOH A O     1 
HETATM 1651 O O     . HOH D 3 .   ? -3.707  19.950  -13.700 1.00 50.70 ? 336 HOH A O     1 
HETATM 1652 O O     . HOH D 3 .   ? -0.618  25.797  -8.033  1.00 55.48 ? 337 HOH A O     1 
HETATM 1653 O O     . HOH D 3 .   ? 9.527   -12.464 16.035  1.00 33.01 ? 338 HOH A O     1 
HETATM 1654 O O     . HOH D 3 .   ? -1.409  22.150  2.039   1.00 40.63 ? 339 HOH A O     1 
HETATM 1655 O O     . HOH D 3 .   ? -8.163  -6.887  16.380  1.00 27.96 ? 340 HOH A O     1 
# 
loop_
_pdbx_poly_seq_scheme.asym_id 
_pdbx_poly_seq_scheme.entity_id 
_pdbx_poly_seq_scheme.seq_id 
_pdbx_poly_seq_scheme.mon_id 
_pdbx_poly_seq_scheme.ndb_seq_num 
_pdbx_poly_seq_scheme.pdb_seq_num 
_pdbx_poly_seq_scheme.auth_seq_num 
_pdbx_poly_seq_scheme.pdb_mon_id 
_pdbx_poly_seq_scheme.auth_mon_id 
_pdbx_poly_seq_scheme.pdb_strand_id 
_pdbx_poly_seq_scheme.pdb_ins_code 
_pdbx_poly_seq_scheme.hetero 
A 1 1   U   1   2   2   U   U   B . n 
A 1 2   A   2   3   3   A   A   B . n 
A 1 3   U   3   4   4   U   U   B . n 
A 1 4   U   4   5   5   U   U   B . n 
A 1 5   U   5   6   6   U   U   B . n 
A 1 6   A   6   7   7   A   A   B . n 
A 1 7   U   7   8   8   U   U   B . n 
A 1 8   U   8   9   9   U   U   B . n 
A 1 9   U   9   10  10  U   U   B . n 
A 1 10  A   10  11  11  A   A   B . n 
B 2 1   SER 1   37  37  SER SER A . n 
B 2 2   LYS 2   38  38  LYS LYS A . n 
B 2 3   THR 3   39  39  THR THR A . n 
B 2 4   ASN 4   40  40  ASN ASN A . n 
B 2 5   LEU 5   41  41  LEU LEU A . n 
B 2 6   ILE 6   42  42  ILE ILE A . n 
B 2 7   VAL 7   43  43  VAL VAL A . n 
B 2 8   ASN 8   44  44  ASN ASN A . n 
B 2 9   TYR 9   45  45  TYR TYR A . n 
B 2 10  LEU 10  46  46  LEU LEU A . n 
B 2 11  PRO 11  47  47  PRO PRO A . n 
B 2 12  GLN 12  48  48  GLN GLN A . n 
B 2 13  ASN 13  49  49  ASN ASN A . n 
B 2 14  MET 14  50  50  MET MET A . n 
B 2 15  THR 15  51  51  THR THR A . n 
B 2 16  GLN 16  52  52  GLN GLN A . n 
B 2 17  GLU 17  53  53  GLU GLU A . n 
B 2 18  GLU 18  54  54  GLU GLU A . n 
B 2 19  PHE 19  55  55  PHE PHE A . n 
B 2 20  ARG 20  56  56  ARG ARG A . n 
B 2 21  SER 21  57  57  SER SER A . n 
B 2 22  LEU 22  58  58  LEU LEU A . n 
B 2 23  PHE 23  59  59  PHE PHE A . n 
B 2 24  GLY 24  60  60  GLY GLY A . n 
B 2 25  SER 25  61  61  SER SER A . n 
B 2 26  ILE 26  62  62  ILE ILE A . n 
B 2 27  GLY 27  63  63  GLY GLY A . n 
B 2 28  GLU 28  64  64  GLU GLU A . n 
B 2 29  ILE 29  65  65  ILE ILE A . n 
B 2 30  GLU 30  66  66  GLU GLU A . n 
B 2 31  SER 31  67  67  SER SER A . n 
B 2 32  CYS 32  68  68  CYS CYS A . n 
B 2 33  LYS 33  69  69  LYS LYS A . n 
B 2 34  LEU 34  70  70  LEU LEU A . n 
B 2 35  VAL 35  71  71  VAL VAL A . n 
B 2 36  ARG 36  72  72  ARG ARG A . n 
B 2 37  ASP 37  73  73  ASP ASP A . n 
B 2 38  LYS 38  74  74  LYS LYS A . n 
B 2 39  ILE 39  75  75  ILE ILE A . n 
B 2 40  THR 40  76  76  THR THR A . n 
B 2 41  GLY 41  77  77  GLY GLY A . n 
B 2 42  GLN 42  78  78  GLN GLN A . n 
B 2 43  SER 43  79  79  SER SER A . n 
B 2 44  LEU 44  80  80  LEU LEU A . n 
B 2 45  GLY 45  81  81  GLY GLY A . n 
B 2 46  TYR 46  82  82  TYR TYR A . n 
B 2 47  GLY 47  83  83  GLY GLY A . n 
B 2 48  PHE 48  84  84  PHE PHE A . n 
B 2 49  VAL 49  85  85  VAL VAL A . n 
B 2 50  ASN 50  86  86  ASN ASN A . n 
B 2 51  TYR 51  87  87  TYR TYR A . n 
B 2 52  ILE 52  88  88  ILE ILE A . n 
B 2 53  ASP 53  89  89  ASP ASP A . n 
B 2 54  PRO 54  90  90  PRO PRO A . n 
B 2 55  LYS 55  91  91  LYS LYS A . n 
B 2 56  ASP 56  92  92  ASP ASP A . n 
B 2 57  ALA 57  93  93  ALA ALA A . n 
B 2 58  GLU 58  94  94  GLU GLU A . n 
B 2 59  LYS 59  95  95  LYS LYS A . n 
B 2 60  ALA 60  96  96  ALA ALA A . n 
B 2 61  ILE 61  97  97  ILE ILE A . n 
B 2 62  ASN 62  98  98  ASN ASN A . n 
B 2 63  THR 63  99  99  THR THR A . n 
B 2 64  LEU 64  100 100 LEU LEU A . n 
B 2 65  ASN 65  101 101 ASN ASN A . n 
B 2 66  GLY 66  102 102 GLY GLY A . n 
B 2 67  LEU 67  103 103 LEU LEU A . n 
B 2 68  ARG 68  104 104 ARG ARG A . n 
B 2 69  LEU 69  105 105 LEU LEU A . n 
B 2 70  GLN 70  106 106 GLN GLN A . n 
B 2 71  THR 71  107 107 THR THR A . n 
B 2 72  LYS 72  108 108 LYS LYS A . n 
B 2 73  THR 73  109 109 THR THR A . n 
B 2 74  ILE 74  110 110 ILE ILE A . n 
B 2 75  LYS 75  111 111 LYS LYS A . n 
B 2 76  VAL 76  112 112 VAL VAL A . n 
B 2 77  SER 77  113 113 SER SER A . n 
B 2 78  TYR 78  114 114 TYR TYR A . n 
B 2 79  ALA 79  115 115 ALA ALA A . n 
B 2 80  ARG 80  116 116 ARG ARG A . n 
B 2 81  PRO 81  117 117 PRO PRO A . n 
B 2 82  SER 82  118 118 SER SER A . n 
B 2 83  SER 83  119 119 SER SER A . n 
B 2 84  ALA 84  120 120 ALA ALA A . n 
B 2 85  SER 85  121 121 SER SER A . n 
B 2 86  ILE 86  122 122 ILE ILE A . n 
B 2 87  ARG 87  123 123 ARG ARG A . n 
B 2 88  ASP 88  124 124 ASP ASP A . n 
B 2 89  ALA 89  125 125 ALA ALA A . n 
B 2 90  ASN 90  126 126 ASN ASN A . n 
B 2 91  LEU 91  127 127 LEU LEU A . n 
B 2 92  TYR 92  128 128 TYR TYR A . n 
B 2 93  VAL 93  129 129 VAL VAL A . n 
B 2 94  SER 94  130 130 SER SER A . n 
B 2 95  GLY 95  131 131 GLY GLY A . n 
B 2 96  LEU 96  132 132 LEU LEU A . n 
B 2 97  PRO 97  133 133 PRO PRO A . n 
B 2 98  LYS 98  134 134 LYS LYS A . n 
B 2 99  THR 99  135 135 THR THR A . n 
B 2 100 MET 100 136 136 MET MET A . n 
B 2 101 THR 101 137 137 THR THR A . n 
B 2 102 GLN 102 138 138 GLN GLN A . n 
B 2 103 LYS 103 139 139 LYS LYS A . n 
B 2 104 GLU 104 140 140 GLU GLU A . n 
B 2 105 LEU 105 141 141 LEU LEU A . n 
B 2 106 GLU 106 142 142 GLU GLU A . n 
B 2 107 GLN 107 143 143 GLN GLN A . n 
B 2 108 LEU 108 144 144 LEU LEU A . n 
B 2 109 PHE 109 145 145 PHE PHE A . n 
B 2 110 SER 110 146 146 SER SER A . n 
B 2 111 GLN 111 147 147 GLN GLN A . n 
B 2 112 TYR 112 148 148 TYR TYR A . n 
B 2 113 GLY 113 149 149 GLY GLY A . n 
B 2 114 ARG 114 150 150 ARG ARG A . n 
B 2 115 ILE 115 151 151 ILE ILE A . n 
B 2 116 ILE 116 152 152 ILE ILE A . n 
B 2 117 THR 117 153 153 THR THR A . n 
B 2 118 SER 118 154 154 SER SER A . n 
B 2 119 ARG 119 155 155 ARG ARG A . n 
B 2 120 ILE 120 156 156 ILE ILE A . n 
B 2 121 LEU 121 157 157 LEU LEU A . n 
B 2 122 VAL 122 158 158 VAL VAL A . n 
B 2 123 ASP 123 159 159 ASP ASP A . n 
B 2 124 GLN 124 160 160 GLN GLN A . n 
B 2 125 VAL 125 161 161 VAL VAL A . n 
B 2 126 THR 126 162 162 THR THR A . n 
B 2 127 GLY 127 163 163 GLY GLY A . n 
B 2 128 VAL 128 164 164 VAL VAL A . n 
B 2 129 SER 129 165 165 SER SER A . n 
B 2 130 ARG 130 166 166 ARG ARG A . n 
B 2 131 GLY 131 167 167 GLY GLY A . n 
B 2 132 VAL 132 168 168 VAL VAL A . n 
B 2 133 GLY 133 169 169 GLY GLY A . n 
B 2 134 PHE 134 170 170 PHE PHE A . n 
B 2 135 ILE 135 171 171 ILE ILE A . n 
B 2 136 ARG 136 172 172 ARG ARG A . n 
B 2 137 PHE 137 173 173 PHE PHE A . n 
B 2 138 ASP 138 174 174 ASP ASP A . n 
B 2 139 LYS 139 175 175 LYS LYS A . n 
B 2 140 ARG 140 176 176 ARG ARG A . n 
B 2 141 ILE 141 177 177 ILE ILE A . n 
B 2 142 GLU 142 178 178 GLU GLU A . n 
B 2 143 ALA 143 179 179 ALA ALA A . n 
B 2 144 GLU 144 180 180 GLU GLU A . n 
B 2 145 GLU 145 181 181 GLU GLU A . n 
B 2 146 ALA 146 182 182 ALA ALA A . n 
B 2 147 ILE 147 183 183 ILE ILE A . n 
B 2 148 LYS 148 184 184 LYS LYS A . n 
B 2 149 GLY 149 185 185 GLY GLY A . n 
B 2 150 LEU 150 186 186 LEU LEU A . n 
B 2 151 ASN 151 187 187 ASN ASN A . n 
B 2 152 GLY 152 188 188 GLY GLY A . n 
B 2 153 GLN 153 189 189 GLN GLN A . n 
B 2 154 LYS 154 190 190 LYS LYS A . n 
B 2 155 PRO 155 191 191 PRO PRO A . n 
B 2 156 SER 156 192 192 SER SER A . n 
B 2 157 GLY 157 193 193 GLY GLY A . n 
B 2 158 ALA 158 194 194 ALA ALA A . n 
B 2 159 THR 159 195 195 THR THR A . n 
B 2 160 GLU 160 196 196 GLU GLU A . n 
B 2 161 PRO 161 197 197 PRO PRO A . n 
B 2 162 ILE 162 198 198 ILE ILE A . n 
B 2 163 THR 163 199 199 THR THR A . n 
B 2 164 VAL 164 200 200 VAL VAL A . n 
B 2 165 LYS 165 201 201 LYS LYS A . n 
B 2 166 PHE 166 202 202 PHE PHE A . n 
B 2 167 ALA 167 203 203 ALA ALA A . n 
# 
loop_
_pdbx_nonpoly_scheme.asym_id 
_pdbx_nonpoly_scheme.entity_id 
_pdbx_nonpoly_scheme.mon_id 
_pdbx_nonpoly_scheme.ndb_seq_num 
_pdbx_nonpoly_scheme.pdb_seq_num 
_pdbx_nonpoly_scheme.auth_seq_num 
_pdbx_nonpoly_scheme.pdb_mon_id 
_pdbx_nonpoly_scheme.auth_mon_id 
_pdbx_nonpoly_scheme.pdb_strand_id 
_pdbx_nonpoly_scheme.pdb_ins_code 
C 3 HOH 1   12  6   HOH HOH B . 
C 3 HOH 2   13  13  HOH HOH B . 
C 3 HOH 3   14  32  HOH HOH B . 
C 3 HOH 4   15  47  HOH HOH B . 
C 3 HOH 5   16  55  HOH HOH B . 
C 3 HOH 6   17  63  HOH HOH B . 
C 3 HOH 7   18  71  HOH HOH B . 
C 3 HOH 8   19  76  HOH HOH B . 
C 3 HOH 9   20  80  HOH HOH B . 
C 3 HOH 10  21  100 HOH HOH B . 
C 3 HOH 11  22  101 HOH HOH B . 
C 3 HOH 12  23  113 HOH HOH B . 
C 3 HOH 13  24  130 HOH HOH B . 
C 3 HOH 14  25  132 HOH HOH B . 
C 3 HOH 15  26  146 HOH HOH B . 
C 3 HOH 16  27  147 HOH HOH B . 
C 3 HOH 17  28  153 HOH HOH B . 
D 3 HOH 1   204 1   HOH HOH A . 
D 3 HOH 2   205 2   HOH HOH A . 
D 3 HOH 3   206 3   HOH HOH A . 
D 3 HOH 4   207 4   HOH HOH A . 
D 3 HOH 5   208 5   HOH HOH A . 
D 3 HOH 6   209 7   HOH HOH A . 
D 3 HOH 7   210 8   HOH HOH A . 
D 3 HOH 8   211 9   HOH HOH A . 
D 3 HOH 9   212 10  HOH HOH A . 
D 3 HOH 10  213 11  HOH HOH A . 
D 3 HOH 11  214 12  HOH HOH A . 
D 3 HOH 12  215 14  HOH HOH A . 
D 3 HOH 13  216 15  HOH HOH A . 
D 3 HOH 14  217 16  HOH HOH A . 
D 3 HOH 15  218 17  HOH HOH A . 
D 3 HOH 16  219 18  HOH HOH A . 
D 3 HOH 17  220 19  HOH HOH A . 
D 3 HOH 18  221 20  HOH HOH A . 
D 3 HOH 19  222 21  HOH HOH A . 
D 3 HOH 20  223 22  HOH HOH A . 
D 3 HOH 21  224 23  HOH HOH A . 
D 3 HOH 22  225 24  HOH HOH A . 
D 3 HOH 23  226 25  HOH HOH A . 
D 3 HOH 24  227 26  HOH HOH A . 
D 3 HOH 25  228 27  HOH HOH A . 
D 3 HOH 26  229 28  HOH HOH A . 
D 3 HOH 27  230 29  HOH HOH A . 
D 3 HOH 28  231 30  HOH HOH A . 
D 3 HOH 29  232 31  HOH HOH A . 
D 3 HOH 30  233 33  HOH HOH A . 
D 3 HOH 31  234 34  HOH HOH A . 
D 3 HOH 32  235 35  HOH HOH A . 
D 3 HOH 33  236 36  HOH HOH A . 
D 3 HOH 34  237 37  HOH HOH A . 
D 3 HOH 35  238 38  HOH HOH A . 
D 3 HOH 36  239 39  HOH HOH A . 
D 3 HOH 37  240 40  HOH HOH A . 
D 3 HOH 38  241 41  HOH HOH A . 
D 3 HOH 39  242 42  HOH HOH A . 
D 3 HOH 40  243 43  HOH HOH A . 
D 3 HOH 41  244 44  HOH HOH A . 
D 3 HOH 42  245 45  HOH HOH A . 
D 3 HOH 43  246 46  HOH HOH A . 
D 3 HOH 44  247 48  HOH HOH A . 
D 3 HOH 45  248 49  HOH HOH A . 
D 3 HOH 46  249 50  HOH HOH A . 
D 3 HOH 47  250 51  HOH HOH A . 
D 3 HOH 48  251 52  HOH HOH A . 
D 3 HOH 49  252 53  HOH HOH A . 
D 3 HOH 50  253 54  HOH HOH A . 
D 3 HOH 51  254 56  HOH HOH A . 
D 3 HOH 52  255 57  HOH HOH A . 
D 3 HOH 53  256 58  HOH HOH A . 
D 3 HOH 54  257 59  HOH HOH A . 
D 3 HOH 55  258 60  HOH HOH A . 
D 3 HOH 56  259 61  HOH HOH A . 
D 3 HOH 57  260 62  HOH HOH A . 
D 3 HOH 58  261 64  HOH HOH A . 
D 3 HOH 59  262 65  HOH HOH A . 
D 3 HOH 60  263 66  HOH HOH A . 
D 3 HOH 61  264 67  HOH HOH A . 
D 3 HOH 62  265 68  HOH HOH A . 
D 3 HOH 63  266 69  HOH HOH A . 
D 3 HOH 64  267 70  HOH HOH A . 
D 3 HOH 65  268 72  HOH HOH A . 
D 3 HOH 66  269 73  HOH HOH A . 
D 3 HOH 67  270 74  HOH HOH A . 
D 3 HOH 68  271 75  HOH HOH A . 
D 3 HOH 69  272 77  HOH HOH A . 
D 3 HOH 70  273 78  HOH HOH A . 
D 3 HOH 71  274 79  HOH HOH A . 
D 3 HOH 72  275 81  HOH HOH A . 
D 3 HOH 73  276 82  HOH HOH A . 
D 3 HOH 74  277 83  HOH HOH A . 
D 3 HOH 75  278 84  HOH HOH A . 
D 3 HOH 76  279 85  HOH HOH A . 
D 3 HOH 77  280 86  HOH HOH A . 
D 3 HOH 78  281 87  HOH HOH A . 
D 3 HOH 79  282 88  HOH HOH A . 
D 3 HOH 80  283 89  HOH HOH A . 
D 3 HOH 81  284 90  HOH HOH A . 
D 3 HOH 82  285 91  HOH HOH A . 
D 3 HOH 83  286 92  HOH HOH A . 
D 3 HOH 84  287 93  HOH HOH A . 
D 3 HOH 85  288 94  HOH HOH A . 
D 3 HOH 86  289 95  HOH HOH A . 
D 3 HOH 87  290 96  HOH HOH A . 
D 3 HOH 88  291 97  HOH HOH A . 
D 3 HOH 89  292 98  HOH HOH A . 
D 3 HOH 90  293 99  HOH HOH A . 
D 3 HOH 91  294 102 HOH HOH A . 
D 3 HOH 92  295 103 HOH HOH A . 
D 3 HOH 93  296 104 HOH HOH A . 
D 3 HOH 94  297 105 HOH HOH A . 
D 3 HOH 95  298 106 HOH HOH A . 
D 3 HOH 96  299 107 HOH HOH A . 
D 3 HOH 97  300 108 HOH HOH A . 
D 3 HOH 98  301 109 HOH HOH A . 
D 3 HOH 99  302 110 HOH HOH A . 
D 3 HOH 100 303 111 HOH HOH A . 
D 3 HOH 101 304 112 HOH HOH A . 
D 3 HOH 102 305 114 HOH HOH A . 
D 3 HOH 103 306 115 HOH HOH A . 
D 3 HOH 104 307 116 HOH HOH A . 
D 3 HOH 105 308 117 HOH HOH A . 
D 3 HOH 106 309 118 HOH HOH A . 
D 3 HOH 107 310 119 HOH HOH A . 
D 3 HOH 108 311 120 HOH HOH A . 
D 3 HOH 109 312 121 HOH HOH A . 
D 3 HOH 110 313 122 HOH HOH A . 
D 3 HOH 111 314 123 HOH HOH A . 
D 3 HOH 112 315 124 HOH HOH A . 
D 3 HOH 113 316 125 HOH HOH A . 
D 3 HOH 114 317 126 HOH HOH A . 
D 3 HOH 115 318 127 HOH HOH A . 
D 3 HOH 116 319 128 HOH HOH A . 
D 3 HOH 117 320 129 HOH HOH A . 
D 3 HOH 118 321 131 HOH HOH A . 
D 3 HOH 119 322 133 HOH HOH A . 
D 3 HOH 120 323 134 HOH HOH A . 
D 3 HOH 121 324 135 HOH HOH A . 
D 3 HOH 122 325 136 HOH HOH A . 
D 3 HOH 123 326 137 HOH HOH A . 
D 3 HOH 124 327 138 HOH HOH A . 
D 3 HOH 125 328 139 HOH HOH A . 
D 3 HOH 126 329 140 HOH HOH A . 
D 3 HOH 127 330 141 HOH HOH A . 
D 3 HOH 128 331 142 HOH HOH A . 
D 3 HOH 129 332 143 HOH HOH A . 
D 3 HOH 130 333 144 HOH HOH A . 
D 3 HOH 131 334 145 HOH HOH A . 
D 3 HOH 132 335 148 HOH HOH A . 
D 3 HOH 133 336 149 HOH HOH A . 
D 3 HOH 134 337 150 HOH HOH A . 
D 3 HOH 135 338 151 HOH HOH A . 
D 3 HOH 136 339 152 HOH HOH A . 
D 3 HOH 137 340 154 HOH HOH A . 
# 
_pdbx_struct_assembly.id                   1 
_pdbx_struct_assembly.details              author_defined_assembly 
_pdbx_struct_assembly.method_details       ? 
_pdbx_struct_assembly.oligomeric_details   dimeric 
_pdbx_struct_assembly.oligomeric_count     2 
# 
_pdbx_struct_assembly_gen.assembly_id       1 
_pdbx_struct_assembly_gen.oper_expression   1 
_pdbx_struct_assembly_gen.asym_id_list      A,B,C,D 
# 
_pdbx_struct_oper_list.id                   1 
_pdbx_struct_oper_list.type                 'identity operation' 
_pdbx_struct_oper_list.name                 1_555 
_pdbx_struct_oper_list.symmetry_operation   x,y,z 
_pdbx_struct_oper_list.matrix[1][1]         1.0000000000 
_pdbx_struct_oper_list.matrix[1][2]         0.0000000000 
_pdbx_struct_oper_list.matrix[1][3]         0.0000000000 
_pdbx_struct_oper_list.vector[1]            0.0000000000 
_pdbx_struct_oper_list.matrix[2][1]         0.0000000000 
_pdbx_struct_oper_list.matrix[2][2]         1.0000000000 
_pdbx_struct_oper_list.matrix[2][3]         0.0000000000 
_pdbx_struct_oper_list.vector[2]            0.0000000000 
_pdbx_struct_oper_list.matrix[3][1]         0.0000000000 
_pdbx_struct_oper_list.matrix[3][2]         0.0000000000 
_pdbx_struct_oper_list.matrix[3][3]         1.0000000000 
_pdbx_struct_oper_list.vector[3]            0.0000000000 
# 
loop_
_pdbx_audit_revision_history.ordinal 
_pdbx_audit_revision_history.data_content_type 
_pdbx_audit_revision_history.major_revision 
_pdbx_audit_revision_history.minor_revision 
_pdbx_audit_revision_history.revision_date 
1 'Structure model' 1 0 2001-02-05 
2 'Structure model' 1 1 2008-04-27 
3 'Structure model' 1 2 2011-07-13 
4 'Structure model' 1 3 2023-08-02 
# 
_pdbx_audit_revision_details.ordinal             1 
_pdbx_audit_revision_details.revision_ordinal    1 
_pdbx_audit_revision_details.data_content_type   'Structure model' 
_pdbx_audit_revision_details.provider            repository 
_pdbx_audit_revision_details.type                'Initial release' 
_pdbx_audit_revision_details.description         ? 
_pdbx_audit_revision_details.details             ? 
# 
loop_
_pdbx_audit_revision_group.ordinal 
_pdbx_audit_revision_group.revision_ordinal 
_pdbx_audit_revision_group.data_content_type 
_pdbx_audit_revision_group.group 
1 2 'Structure model' 'Version format compliance' 
2 3 'Structure model' 'Version format compliance' 
3 4 'Structure model' 'Database references'       
4 4 'Structure model' 'Refinement description'    
# 
loop_
_pdbx_audit_revision_category.ordinal 
_pdbx_audit_revision_category.revision_ordinal 
_pdbx_audit_revision_category.data_content_type 
_pdbx_audit_revision_category.category 
1 4 'Structure model' database_2                    
2 4 'Structure model' pdbx_initial_refinement_model 
# 
loop_
_pdbx_audit_revision_item.ordinal 
_pdbx_audit_revision_item.revision_ordinal 
_pdbx_audit_revision_item.data_content_type 
_pdbx_audit_revision_item.item 
1 4 'Structure model' '_database_2.pdbx_DOI'                
2 4 'Structure model' '_database_2.pdbx_database_accession' 
# 
loop_
_software.name 
_software.classification 
_software.version 
_software.citation_id 
_software.pdbx_ordinal 
AMoRE     phasing          .   ? 1 
CNS       refinement       0.9 ? 2 
DENZO     'data reduction' .   ? 3 
SCALEPACK 'data scaling'   .   ? 4 
# 
_pdbx_validate_rmsd_bond.id                        1 
_pdbx_validate_rmsd_bond.PDB_model_num             1 
_pdbx_validate_rmsd_bond.auth_atom_id_1            P 
_pdbx_validate_rmsd_bond.auth_asym_id_1            B 
_pdbx_validate_rmsd_bond.auth_comp_id_1            U 
_pdbx_validate_rmsd_bond.auth_seq_id_1             2 
_pdbx_validate_rmsd_bond.PDB_ins_code_1            ? 
_pdbx_validate_rmsd_bond.label_alt_id_1            ? 
_pdbx_validate_rmsd_bond.auth_atom_id_2            OP3 
_pdbx_validate_rmsd_bond.auth_asym_id_2            B 
_pdbx_validate_rmsd_bond.auth_comp_id_2            U 
_pdbx_validate_rmsd_bond.auth_seq_id_2             2 
_pdbx_validate_rmsd_bond.PDB_ins_code_2            ? 
_pdbx_validate_rmsd_bond.label_alt_id_2            ? 
_pdbx_validate_rmsd_bond.bond_value                1.529 
_pdbx_validate_rmsd_bond.bond_target_value         1.607 
_pdbx_validate_rmsd_bond.bond_deviation            -0.078 
_pdbx_validate_rmsd_bond.bond_standard_deviation   0.012 
_pdbx_validate_rmsd_bond.linker_flag               N 
# 
loop_
_pdbx_validate_torsion.id 
_pdbx_validate_torsion.PDB_model_num 
_pdbx_validate_torsion.auth_comp_id 
_pdbx_validate_torsion.auth_asym_id 
_pdbx_validate_torsion.auth_seq_id 
_pdbx_validate_torsion.PDB_ins_code 
_pdbx_validate_torsion.label_alt_id 
_pdbx_validate_torsion.phi 
_pdbx_validate_torsion.psi 
1 1 LYS A 38  ? ? -142.20 -89.17  
2 1 GLN A 106 ? ? 51.74   -124.57 
3 1 VAL A 161 ? ? -67.62  -86.36  
4 1 SER A 192 ? ? 0.87    -81.55  
# 
loop_
_pdbx_unobs_or_zero_occ_atoms.id 
_pdbx_unobs_or_zero_occ_atoms.PDB_model_num 
_pdbx_unobs_or_zero_occ_atoms.polymer_flag 
_pdbx_unobs_or_zero_occ_atoms.occupancy_flag 
_pdbx_unobs_or_zero_occ_atoms.auth_asym_id 
_pdbx_unobs_or_zero_occ_atoms.auth_comp_id 
_pdbx_unobs_or_zero_occ_atoms.auth_seq_id 
_pdbx_unobs_or_zero_occ_atoms.PDB_ins_code 
_pdbx_unobs_or_zero_occ_atoms.auth_atom_id 
_pdbx_unobs_or_zero_occ_atoms.label_alt_id 
_pdbx_unobs_or_zero_occ_atoms.label_asym_id 
_pdbx_unobs_or_zero_occ_atoms.label_comp_id 
_pdbx_unobs_or_zero_occ_atoms.label_seq_id 
_pdbx_unobs_or_zero_occ_atoms.label_atom_id 
1  1 Y 1 B A 11 ? N9 ? A A 10 N9 
2  1 Y 1 B A 11 ? C8 ? A A 10 C8 
3  1 Y 1 B A 11 ? N7 ? A A 10 N7 
4  1 Y 1 B A 11 ? C5 ? A A 10 C5 
5  1 Y 1 B A 11 ? C6 ? A A 10 C6 
6  1 Y 1 B A 11 ? N6 ? A A 10 N6 
7  1 Y 1 B A 11 ? N1 ? A A 10 N1 
8  1 Y 1 B A 11 ? C2 ? A A 10 C2 
9  1 Y 1 B A 11 ? N3 ? A A 10 N3 
10 1 Y 1 B A 11 ? C4 ? A A 10 C4 
# 
_pdbx_entity_nonpoly.entity_id   3 
_pdbx_entity_nonpoly.name        water 
_pdbx_entity_nonpoly.comp_id     HOH 
# 
_pdbx_initial_refinement_model.id               1 
_pdbx_initial_refinement_model.entity_id_list   ? 
_pdbx_initial_refinement_model.type             'experimental model' 
_pdbx_initial_refinement_model.source_name      PDB 
_pdbx_initial_refinement_model.accession_code   1FXL 
_pdbx_initial_refinement_model.details          'PDB ENTRY 1FXL' 
# 
